data_8D3Y
#
_entry.id   8D3Y
#
loop_
_entity.id
_entity.type
_entity.pdbx_description
1 polymer 'Sodium/potassium-transporting ATPase subunit alpha-3'
2 polymer 'Sodium/potassium-transporting ATPase subunit beta-1'
3 polymer 'FXYD domain-containing ion transport regulator 6'
#
loop_
_entity_poly.entity_id
_entity_poly.type
_entity_poly.pdbx_seq_one_letter_code
_entity_poly.pdbx_strand_id
1 'polypeptide(L)'
;MGDKKDDKDSPKKNKGKERRDLDDLKKEVAMTEHKMSVEEVCRKYNTDCVQGLTHSKAQEILARDGPNALTPPPTTPEWV
KFCRQLFGGFSILLWIGAILCFLAYGIQAGTEDDPSGDNLYLGIVLAAVVIITGCFSYYQEAKSSKIMESFKNMVPQQAL
VIREGEKMQVNAEEVVVGDLVEIKGGDRVPADLRIISAHGCKVDNSSLTGESEPQTRSPDCTHDNPLETRNITFFSTNCV
EGTARGVVVATGDRTVMGRIATLASGLEVGKTPIAIEIEHFIQLITGVAVFLGVSFFILSLILGYTWLEAVIFLIGIIVA
NVPAGLLATVTVCLTLTAKRMARKNCLVKNLEAVETLGSTSTICS(BFD)KTGTLTQNRMTVAHMWFDNQIHEADTTEDQ
SGTSFDKSSHTWVALSHIAGLCNRAVFKGGQDNIPVLKRDVAGDASESALLKCIELSSGSVKLMRERNKKVAEIPFNSTN
KYQLSIHETEDPNDNRYLLVMKGAPERILDRCSTILLQGKEQPLDEEMKEAFQNAYLELGGLGERVLGFCHYYLPEEQFP
KGFAFDCDDVNFTTDNLCFVGLMSMIDPPRAAVPDAVGKCRSAGIKVIMVTGDHPITAKAIAKGVGIISEGNETVEDIAA
RLNIPVSQVNPRDAKACVIHGTDLKDFTSEQIDEILQNHTEIVFARTSPQQKLIIVEGCQRQGAIVAVTGDGVNDSPALK
KADIGVAMGIAGSDVSKQAADMILLDDNFASIVTGVEEGRLIFDNLKKSIAYTLTSNIPAITPFLLFIMANIPLPLGTIT
ILCIALGTAMVPAISLAYEAAESDIMKRQPRNPRTDKLVNERLISMAYGQIGMIQALGGFFSYFVILAENGFLPGNLVGI
RLNWDDRTVNDLEDSYGQQWTYEQRKVVEFTCHTAFFVSIVVVQWADLIICKTRRNSVFQQGMKNKILIFGLFEETALAA
FLSYCPGMDVALRMYPLKPSWWFCAFPYSFLIFVYDEIRKLILRRNPGGWVEKETYY
;
A
2 'polypeptide(L)'
;MARGKAKEEGSWKKFIWNSEKKEFLGRTGGSWFKILLFYVIFYGCLAGIFIGTIQVMLLTISEFKPTYQDRVAPPGLTQI
PQIQKTEISFRPNDPKSYEAYVLNIVRFLEKYKDSAQRDDMIFEDCGDVPSEPKERGDFNHERGERKVCRFKLEWLGNCS
GLNDETYGYKEGKPCIIIKLNRVLGFKPKPPKNESLETYPVMKYNPNVLPVQCTGKRDEDKDKVGNVEYFGLGNSPGFPL
QYYPYYGKLLQPKYLQPLLAVQFTNLTMDTEIRIECKAYGENIGYSEKDRFQGRFDVKIEVKS
;
B
3 'polypeptide(L)'
;MATMELVLVFLCSLLAPMVLASAAEKEKEMDPFHYDYQTLRIGGLVFAVVLFSVGILLILSRRCKCSFNQKPRAPGDEEA
QVENLITANATEPQKAEN
;
G
#
# COMPACT_ATOMS: atom_id res chain seq x y z
N THR A 32 -11.42 25.75 39.75
CA THR A 32 -12.39 26.69 39.21
C THR A 32 -12.92 27.60 40.33
N GLU A 33 -13.19 28.86 40.01
CA GLU A 33 -13.61 29.85 40.97
C GLU A 33 -15.04 30.31 40.70
N HIS A 34 -15.92 29.37 40.36
CA HIS A 34 -17.31 29.72 40.10
C HIS A 34 -18.15 29.75 41.38
N LYS A 35 -17.74 29.01 42.42
CA LYS A 35 -18.45 29.07 43.69
C LYS A 35 -18.25 30.41 44.41
N MET A 36 -17.21 31.15 44.07
CA MET A 36 -16.96 32.44 44.71
C MET A 36 -18.06 33.43 44.35
N SER A 37 -18.31 34.36 45.28
CA SER A 37 -19.32 35.37 45.07
C SER A 37 -18.85 36.38 44.03
N VAL A 38 -19.78 37.25 43.61
CA VAL A 38 -19.44 38.29 42.66
C VAL A 38 -18.44 39.27 43.26
N GLU A 39 -18.62 39.61 44.54
CA GLU A 39 -17.70 40.52 45.21
C GLU A 39 -16.30 39.93 45.29
N GLU A 40 -16.20 38.63 45.59
CA GLU A 40 -14.90 38.00 45.71
C GLU A 40 -14.16 38.02 44.38
N VAL A 41 -14.86 37.76 43.28
CA VAL A 41 -14.22 37.76 41.96
C VAL A 41 -13.73 39.16 41.61
N CYS A 42 -14.53 40.18 41.93
CA CYS A 42 -14.15 41.55 41.61
C CYS A 42 -12.82 41.92 42.27
N ARG A 43 -12.66 41.58 43.55
CA ARG A 43 -11.40 41.85 44.24
C ARG A 43 -10.29 40.90 43.80
N LYS A 44 -10.64 39.67 43.43
CA LYS A 44 -9.63 38.69 43.03
C LYS A 44 -8.88 39.14 41.79
N TYR A 45 -9.61 39.69 40.81
CA TYR A 45 -9.01 40.17 39.57
C TYR A 45 -8.92 41.68 39.53
N ASN A 46 -9.16 42.36 40.66
CA ASN A 46 -9.07 43.82 40.77
C ASN A 46 -10.18 44.48 39.96
N THR A 47 -11.02 43.66 39.33
CA THR A 47 -12.09 44.18 38.49
C THR A 47 -13.10 44.96 39.30
N ASP A 48 -13.56 46.07 38.74
CA ASP A 48 -14.72 46.77 39.29
C ASP A 48 -15.98 46.16 38.72
N CYS A 49 -16.92 45.80 39.60
CA CYS A 49 -18.11 45.09 39.17
C CYS A 49 -18.99 45.90 38.23
N VAL A 50 -18.79 47.22 38.15
CA VAL A 50 -19.54 48.09 37.25
C VAL A 50 -18.60 48.84 36.30
N GLN A 51 -17.51 49.41 36.84
CA GLN A 51 -16.58 50.15 36.00
C GLN A 51 -15.77 49.21 35.12
N GLY A 52 -15.37 48.07 35.64
CA GLY A 52 -14.62 47.09 34.88
C GLY A 52 -13.14 47.18 35.16
N LEU A 53 -12.33 47.16 34.09
CA LEU A 53 -10.88 47.27 34.20
C LEU A 53 -10.44 48.54 33.51
N THR A 54 -9.61 49.33 34.19
CA THR A 54 -9.11 50.58 33.63
C THR A 54 -8.10 50.30 32.52
N HIS A 55 -7.90 51.30 31.67
CA HIS A 55 -7.00 51.14 30.52
C HIS A 55 -5.57 50.92 30.98
N SER A 56 -5.15 51.59 32.04
CA SER A 56 -3.78 51.45 32.53
C SER A 56 -3.48 50.01 32.94
N LYS A 57 -4.40 49.39 33.70
CA LYS A 57 -4.18 48.03 34.15
C LYS A 57 -4.23 47.05 32.98
N ALA A 58 -5.17 47.22 32.07
CA ALA A 58 -5.32 46.27 30.96
C ALA A 58 -4.11 46.31 30.03
N GLN A 59 -3.56 47.50 29.78
CA GLN A 59 -2.43 47.62 28.87
C GLN A 59 -1.22 46.85 29.38
N GLU A 60 -0.89 46.99 30.66
CA GLU A 60 0.28 46.31 31.19
C GLU A 60 0.03 44.83 31.41
N ILE A 61 -1.18 44.46 31.87
CA ILE A 61 -1.48 43.07 32.16
C ILE A 61 -1.70 42.25 30.90
N LEU A 62 -1.86 42.89 29.74
CA LEU A 62 -1.99 42.15 28.50
C LEU A 62 -0.73 41.36 28.19
N ALA A 63 0.43 42.02 28.27
CA ALA A 63 1.69 41.33 28.02
C ALA A 63 2.11 40.47 29.20
N ARG A 64 1.53 40.69 30.38
CA ARG A 64 1.88 39.86 31.53
C ARG A 64 1.31 38.46 31.38
N ASP A 65 0.09 38.34 30.87
CA ASP A 65 -0.58 37.05 30.73
C ASP A 65 -0.66 36.57 29.28
N GLY A 66 0.01 37.26 28.36
CA GLY A 66 0.03 36.86 26.97
C GLY A 66 -1.23 37.24 26.23
N PRO A 67 -1.26 36.98 24.93
CA PRO A 67 -2.43 37.33 24.12
C PRO A 67 -3.60 36.38 24.38
N ASN A 68 -4.77 36.79 23.89
CA ASN A 68 -5.97 35.97 24.01
C ASN A 68 -6.18 35.16 22.73
N ALA A 69 -5.36 34.12 22.59
CA ALA A 69 -5.47 33.21 21.47
C ALA A 69 -4.97 31.84 21.89
N LEU A 70 -5.43 30.82 21.18
CA LEU A 70 -4.96 29.47 21.44
C LEU A 70 -3.49 29.35 21.07
N THR A 71 -2.78 28.52 21.82
CA THR A 71 -1.38 28.28 21.53
C THR A 71 -1.22 27.71 20.13
N PRO A 72 -0.27 28.22 19.34
CA PRO A 72 -0.13 27.72 17.97
C PRO A 72 0.17 26.24 17.98
N PRO A 73 -0.25 25.52 16.95
CA PRO A 73 -0.01 24.07 16.89
C PRO A 73 1.47 23.77 16.87
N PRO A 74 1.87 22.55 17.20
CA PRO A 74 3.30 22.22 17.22
C PRO A 74 3.95 22.45 15.86
N THR A 75 5.21 22.88 15.90
CA THR A 75 5.91 23.27 14.69
C THR A 75 5.95 22.12 13.69
N THR A 76 5.73 22.45 12.42
CA THR A 76 5.69 21.45 11.37
C THR A 76 7.07 21.31 10.73
N PRO A 77 7.75 20.17 10.87
CA PRO A 77 9.05 20.00 10.22
C PRO A 77 8.91 19.81 8.72
N GLU A 78 8.83 20.92 7.99
CA GLU A 78 8.51 20.86 6.56
C GLU A 78 9.52 20.02 5.78
N TRP A 79 10.81 20.22 6.06
CA TRP A 79 11.85 19.50 5.35
C TRP A 79 12.16 18.13 5.94
N VAL A 80 11.90 17.92 7.23
CA VAL A 80 12.17 16.64 7.87
C VAL A 80 11.04 15.65 7.67
N LYS A 81 9.81 16.12 7.48
CA LYS A 81 8.68 15.22 7.24
C LYS A 81 8.90 14.36 6.01
N PHE A 82 9.45 14.95 4.95
CA PHE A 82 9.75 14.18 3.74
C PHE A 82 10.80 13.11 4.02
N CYS A 83 11.84 13.46 4.80
CA CYS A 83 12.88 12.50 5.12
C CYS A 83 12.43 11.42 6.10
N ARG A 84 11.31 11.62 6.78
CA ARG A 84 10.76 10.61 7.67
C ARG A 84 9.80 9.67 6.96
N GLN A 85 9.53 9.89 5.68
CA GLN A 85 8.67 9.01 4.90
C GLN A 85 9.43 7.98 4.10
N LEU A 86 10.65 8.27 3.69
CA LEU A 86 11.47 7.32 2.96
C LEU A 86 12.40 6.53 3.89
N PHE A 87 12.25 6.69 5.20
CA PHE A 87 12.93 5.86 6.18
C PHE A 87 11.93 5.03 6.98
N GLY A 88 10.78 4.75 6.39
CA GLY A 88 9.68 4.10 7.10
C GLY A 88 9.91 2.65 7.46
N GLY A 89 8.82 1.96 7.80
CA GLY A 89 8.94 0.58 8.24
C GLY A 89 9.44 -0.36 7.17
N PHE A 90 8.92 -0.22 5.94
CA PHE A 90 9.33 -1.10 4.86
C PHE A 90 10.62 -0.65 4.20
N SER A 91 10.84 0.67 4.09
CA SER A 91 12.03 1.17 3.42
C SER A 91 13.31 0.85 4.16
N ILE A 92 13.23 0.38 5.40
CA ILE A 92 14.43 -0.01 6.14
C ILE A 92 15.12 -1.17 5.42
N LEU A 93 14.34 -2.13 4.92
CA LEU A 93 14.92 -3.29 4.26
C LEU A 93 15.73 -2.88 3.04
N LEU A 94 15.17 -2.02 2.20
CA LEU A 94 15.86 -1.63 0.98
C LEU A 94 17.12 -0.83 1.27
N TRP A 95 17.05 0.08 2.25
CA TRP A 95 18.24 0.86 2.60
C TRP A 95 19.35 -0.03 3.11
N ILE A 96 19.02 -1.02 3.94
CA ILE A 96 20.00 -2.00 4.37
C ILE A 96 20.50 -2.82 3.18
N GLY A 97 19.58 -3.20 2.29
CA GLY A 97 19.98 -3.93 1.10
C GLY A 97 20.84 -3.09 0.18
N ALA A 98 20.53 -1.80 0.05
CA ALA A 98 21.34 -0.92 -0.80
C ALA A 98 22.75 -0.77 -0.24
N ILE A 99 22.88 -0.61 1.07
CA ILE A 99 24.19 -0.45 1.69
C ILE A 99 25.01 -1.71 1.50
N LEU A 100 24.40 -2.87 1.69
CA LEU A 100 25.13 -4.13 1.56
C LEU A 100 25.65 -4.32 0.14
N CYS A 101 24.87 -3.92 -0.86
CA CYS A 101 25.31 -4.07 -2.24
C CYS A 101 26.57 -3.26 -2.52
N PHE A 102 26.59 -2.01 -2.05
CA PHE A 102 27.79 -1.19 -2.23
C PHE A 102 28.98 -1.77 -1.49
N LEU A 103 28.74 -2.38 -0.33
CA LEU A 103 29.81 -3.01 0.42
C LEU A 103 30.42 -4.16 -0.37
N ALA A 104 29.59 -4.97 -1.03
CA ALA A 104 30.09 -6.09 -1.80
C ALA A 104 30.96 -5.62 -2.97
N TYR A 105 30.48 -4.63 -3.71
CA TYR A 105 31.25 -4.13 -4.85
C TYR A 105 32.55 -3.47 -4.39
N GLY A 106 32.51 -2.74 -3.28
CA GLY A 106 33.73 -2.18 -2.74
C GLY A 106 34.71 -3.26 -2.32
N ILE A 107 34.21 -4.37 -1.80
CA ILE A 107 35.07 -5.50 -1.45
C ILE A 107 35.70 -6.10 -2.70
N GLN A 108 34.89 -6.30 -3.75
CA GLN A 108 35.40 -6.96 -4.95
C GLN A 108 36.49 -6.14 -5.62
N ALA A 109 36.32 -4.81 -5.66
CA ALA A 109 37.34 -3.96 -6.25
C ALA A 109 38.65 -4.03 -5.46
N GLY A 110 38.55 -4.10 -4.13
CA GLY A 110 39.74 -4.17 -3.30
C GLY A 110 40.57 -5.42 -3.57
N THR A 111 39.90 -6.57 -3.66
CA THR A 111 40.59 -7.81 -3.96
C THR A 111 40.85 -7.91 -5.45
N GLU A 112 41.19 -9.11 -5.93
CA GLU A 112 41.46 -9.36 -7.34
C GLU A 112 40.47 -8.64 -8.24
N ASP A 113 41.00 -8.02 -9.29
CA ASP A 113 40.21 -7.13 -10.15
C ASP A 113 39.00 -7.84 -10.75
N ASP A 114 37.81 -7.40 -10.34
CA ASP A 114 36.55 -7.91 -10.88
C ASP A 114 35.82 -6.76 -11.55
N PRO A 115 35.94 -6.60 -12.87
CA PRO A 115 35.24 -5.50 -13.55
C PRO A 115 33.72 -5.59 -13.44
N SER A 116 33.18 -6.75 -13.10
CA SER A 116 31.73 -6.94 -12.99
C SER A 116 31.14 -5.98 -11.95
N GLY A 117 30.34 -5.04 -12.42
CA GLY A 117 29.68 -4.09 -11.53
C GLY A 117 28.26 -4.49 -11.24
N ASP A 118 27.93 -5.77 -11.46
CA ASP A 118 26.57 -6.24 -11.25
C ASP A 118 26.10 -6.01 -9.82
N ASN A 119 27.02 -6.00 -8.86
CA ASN A 119 26.66 -5.66 -7.49
C ASN A 119 26.65 -4.16 -7.25
N LEU A 120 27.07 -3.36 -8.23
CA LEU A 120 26.95 -1.91 -8.16
C LEU A 120 25.74 -1.39 -8.93
N TYR A 121 25.43 -2.01 -10.07
CA TYR A 121 24.22 -1.64 -10.81
C TYR A 121 22.97 -1.90 -9.96
N LEU A 122 22.94 -3.04 -9.27
CA LEU A 122 21.83 -3.32 -8.36
C LEU A 122 21.80 -2.32 -7.21
N GLY A 123 22.97 -1.95 -6.69
CA GLY A 123 23.00 -1.05 -5.56
C GLY A 123 22.42 0.31 -5.86
N ILE A 124 22.73 0.86 -7.03
CA ILE A 124 22.22 2.18 -7.38
C ILE A 124 20.72 2.14 -7.60
N VAL A 125 20.23 1.15 -8.34
CA VAL A 125 18.80 1.08 -8.64
C VAL A 125 18.01 0.69 -7.39
N LEU A 126 18.63 -0.04 -6.46
CA LEU A 126 17.94 -0.37 -5.22
C LEU A 126 17.62 0.88 -4.42
N ALA A 127 18.56 1.81 -4.34
CA ALA A 127 18.31 3.06 -3.63
C ALA A 127 17.35 3.95 -4.41
N ALA A 128 17.43 3.92 -5.74
CA ALA A 128 16.56 4.78 -6.55
C ALA A 128 15.10 4.40 -6.41
N VAL A 129 14.81 3.16 -6.02
CA VAL A 129 13.42 2.78 -5.79
C VAL A 129 12.87 3.48 -4.56
N VAL A 130 13.68 3.59 -3.51
CA VAL A 130 13.22 4.25 -2.28
C VAL A 130 12.96 5.73 -2.54
N ILE A 131 13.88 6.41 -3.21
CA ILE A 131 13.73 7.84 -3.46
C ILE A 131 12.54 8.10 -4.36
N ILE A 132 12.37 7.30 -5.42
CA ILE A 132 11.27 7.51 -6.34
C ILE A 132 9.93 7.28 -5.64
N THR A 133 9.83 6.20 -4.86
CA THR A 133 8.60 5.95 -4.13
C THR A 133 8.45 6.84 -2.91
N GLY A 134 9.55 7.40 -2.39
CA GLY A 134 9.43 8.38 -1.32
C GLY A 134 8.76 9.65 -1.76
N CYS A 135 9.14 10.15 -2.95
CA CYS A 135 8.51 11.34 -3.48
C CYS A 135 7.05 11.12 -3.80
N PHE A 136 6.71 9.97 -4.39
CA PHE A 136 5.33 9.68 -4.74
C PHE A 136 4.46 9.57 -3.49
N SER A 137 4.99 8.95 -2.43
CA SER A 137 4.25 8.86 -1.18
C SER A 137 4.01 10.22 -0.57
N TYR A 138 5.05 11.08 -0.60
CA TYR A 138 4.91 12.43 -0.03
C TYR A 138 3.92 13.27 -0.84
N TYR A 139 3.99 13.18 -2.16
CA TYR A 139 3.07 13.96 -2.99
C TYR A 139 1.63 13.56 -2.75
N GLN A 140 1.37 12.26 -2.58
CA GLN A 140 0.03 11.81 -2.25
C GLN A 140 -0.37 12.14 -0.82
N GLU A 141 0.57 12.58 0.01
CA GLU A 141 0.27 12.95 1.39
C GLU A 141 0.24 14.46 1.61
N ALA A 142 1.16 15.19 1.01
CA ALA A 142 1.14 16.65 1.14
C ALA A 142 -0.11 17.24 0.51
N LYS A 143 -0.54 16.68 -0.61
CA LYS A 143 -1.79 17.13 -1.23
C LYS A 143 -2.98 16.86 -0.32
N SER A 144 -2.98 15.71 0.36
CA SER A 144 -4.07 15.40 1.29
C SER A 144 -4.11 16.40 2.44
N SER A 145 -2.97 16.96 2.82
CA SER A 145 -2.92 17.99 3.84
C SER A 145 -3.03 19.40 3.26
N LYS A 146 -3.14 19.52 1.94
CA LYS A 146 -3.32 20.81 1.30
C LYS A 146 -4.79 21.22 1.21
N ILE A 147 -5.71 20.34 1.61
CA ILE A 147 -7.13 20.66 1.62
C ILE A 147 -7.55 21.26 2.95
N MET A 148 -6.99 20.76 4.05
CA MET A 148 -7.38 21.23 5.37
C MET A 148 -7.01 22.69 5.60
N GLU A 149 -6.01 23.20 4.87
CA GLU A 149 -5.64 24.60 5.01
C GLU A 149 -6.81 25.50 4.63
N SER A 150 -7.52 25.16 3.55
CA SER A 150 -8.72 25.91 3.18
C SER A 150 -9.89 25.63 4.12
N PHE A 151 -9.91 24.46 4.77
CA PHE A 151 -11.00 24.14 5.68
C PHE A 151 -11.00 25.07 6.90
N LYS A 152 -9.83 25.34 7.46
CA LYS A 152 -9.71 26.12 8.69
C LYS A 152 -9.45 27.59 8.31
N ASN A 153 -10.49 28.41 8.43
CA ASN A 153 -10.34 29.85 8.21
C ASN A 153 -11.50 30.55 8.91
N MET A 154 -11.21 31.21 10.03
CA MET A 154 -12.22 31.98 10.75
C MET A 154 -11.52 32.93 11.69
N VAL A 155 -11.67 34.24 11.46
CA VAL A 155 -11.01 35.24 12.30
C VAL A 155 -11.99 36.33 12.70
N PRO A 156 -13.05 36.03 13.47
CA PRO A 156 -13.97 37.10 13.90
C PRO A 156 -13.28 38.10 14.83
N GLN A 157 -12.75 37.59 15.94
CA GLN A 157 -11.96 38.37 16.89
C GLN A 157 -12.60 39.72 17.22
N GLN A 158 -13.77 39.64 17.85
CA GLN A 158 -14.48 40.84 18.28
C GLN A 158 -15.11 40.61 19.64
N ALA A 159 -15.30 41.70 20.39
CA ALA A 159 -15.89 41.63 21.71
C ALA A 159 -16.48 42.99 22.07
N LEU A 160 -17.34 42.98 23.08
CA LEU A 160 -17.96 44.19 23.63
C LEU A 160 -17.62 44.25 25.11
N VAL A 161 -16.47 44.82 25.44
CA VAL A 161 -15.99 44.88 26.81
C VAL A 161 -16.21 46.30 27.34
N ILE A 162 -16.39 46.40 28.65
CA ILE A 162 -16.59 47.68 29.33
C ILE A 162 -15.27 48.03 30.01
N ARG A 163 -14.64 49.10 29.55
CA ARG A 163 -13.43 49.63 30.16
C ARG A 163 -13.67 51.07 30.54
N GLU A 164 -13.42 51.39 31.81
CA GLU A 164 -13.69 52.72 32.38
C GLU A 164 -15.16 53.09 32.25
N GLY A 165 -16.04 52.09 32.26
CA GLY A 165 -17.46 52.34 32.16
C GLY A 165 -17.98 52.63 30.77
N GLU A 166 -17.17 52.37 29.73
CA GLU A 166 -17.56 52.66 28.35
C GLU A 166 -17.49 51.38 27.52
N LYS A 167 -18.48 51.20 26.65
CA LYS A 167 -18.53 50.04 25.79
C LYS A 167 -17.69 50.28 24.54
N MET A 168 -16.91 49.26 24.16
CA MET A 168 -16.02 49.37 23.02
C MET A 168 -16.11 48.10 22.19
N GLN A 169 -16.32 48.26 20.87
CA GLN A 169 -16.29 47.16 19.93
C GLN A 169 -14.84 46.89 19.58
N VAL A 170 -14.14 46.23 20.49
CA VAL A 170 -12.71 46.03 20.37
C VAL A 170 -12.45 44.58 19.98
N ASN A 171 -11.33 44.35 19.30
CA ASN A 171 -10.96 43.01 18.86
C ASN A 171 -10.72 42.09 20.05
N ALA A 172 -11.05 40.81 19.86
CA ALA A 172 -10.99 39.83 20.93
C ALA A 172 -9.60 39.29 21.18
N GLU A 173 -8.62 39.64 20.35
CA GLU A 173 -7.26 39.12 20.54
C GLU A 173 -6.62 39.66 21.81
N GLU A 174 -7.02 40.85 22.24
CA GLU A 174 -6.41 41.52 23.39
C GLU A 174 -7.18 41.35 24.68
N VAL A 175 -8.27 40.57 24.68
CA VAL A 175 -9.09 40.43 25.88
C VAL A 175 -8.26 39.75 26.97
N VAL A 176 -8.28 40.33 28.17
CA VAL A 176 -7.44 39.87 29.26
C VAL A 176 -8.30 39.60 30.49
N VAL A 177 -7.77 38.78 31.40
CA VAL A 177 -8.47 38.48 32.63
C VAL A 177 -8.55 39.73 33.49
N GLY A 178 -9.73 39.99 34.05
CA GLY A 178 -9.92 41.12 34.94
C GLY A 178 -10.81 42.22 34.42
N ASP A 179 -11.55 42.00 33.33
CA ASP A 179 -12.48 43.00 32.81
C ASP A 179 -13.85 42.36 32.60
N LEU A 180 -14.89 43.15 32.78
CA LEU A 180 -16.24 42.66 32.58
C LEU A 180 -16.66 42.86 31.13
N VAL A 181 -17.19 41.81 30.52
CA VAL A 181 -17.55 41.83 29.11
C VAL A 181 -19.06 41.63 28.99
N GLU A 182 -19.60 42.13 27.88
CA GLU A 182 -21.03 42.11 27.62
C GLU A 182 -21.29 41.34 26.34
N ILE A 183 -22.28 40.45 26.38
CA ILE A 183 -22.65 39.62 25.23
C ILE A 183 -24.11 39.87 24.89
N LYS A 184 -24.35 40.22 23.63
CA LYS A 184 -25.71 40.31 23.11
C LYS A 184 -26.12 38.98 22.51
N GLY A 185 -27.20 38.94 21.75
CA GLY A 185 -27.60 37.73 21.08
C GLY A 185 -27.02 37.63 19.69
N GLY A 186 -26.47 36.46 19.34
CA GLY A 186 -25.95 36.21 18.01
C GLY A 186 -24.46 36.37 17.84
N ASP A 187 -23.70 36.56 18.91
CA ASP A 187 -22.26 36.71 18.84
C ASP A 187 -21.59 35.72 19.77
N ARG A 188 -20.35 35.35 19.42
CA ARG A 188 -19.59 34.40 20.20
C ARG A 188 -18.92 35.08 21.39
N VAL A 189 -18.70 34.30 22.44
CA VAL A 189 -18.12 34.80 23.68
C VAL A 189 -16.65 35.13 23.45
N PRO A 190 -16.06 36.04 24.22
CA PRO A 190 -14.63 36.32 24.04
C PRO A 190 -13.72 35.37 24.79
N ALA A 191 -14.18 34.85 25.92
CA ALA A 191 -13.38 33.97 26.77
C ALA A 191 -14.30 33.38 27.85
N ASP A 192 -13.71 32.64 28.79
CA ASP A 192 -14.48 32.12 29.90
C ASP A 192 -14.96 33.26 30.79
N LEU A 193 -16.21 33.18 31.24
CA LEU A 193 -16.83 34.25 32.01
C LEU A 193 -17.43 33.71 33.29
N ARG A 194 -17.59 34.61 34.25
CA ARG A 194 -18.39 34.37 35.46
C ARG A 194 -19.62 35.26 35.32
N ILE A 195 -20.74 34.66 34.90
CA ILE A 195 -21.94 35.45 34.62
C ILE A 195 -22.48 36.02 35.91
N ILE A 196 -22.76 37.33 35.91
CA ILE A 196 -23.29 38.01 37.08
C ILE A 196 -24.68 38.57 36.86
N SER A 197 -25.08 38.87 35.63
CA SER A 197 -26.40 39.44 35.37
C SER A 197 -26.81 39.04 33.95
N ALA A 198 -27.86 38.23 33.86
CA ALA A 198 -28.37 37.76 32.58
C ALA A 198 -29.88 37.95 32.54
N HIS A 199 -30.39 38.22 31.33
CA HIS A 199 -31.82 38.41 31.11
C HIS A 199 -32.25 37.39 30.05
N GLY A 200 -32.57 36.18 30.50
CA GLY A 200 -33.00 35.13 29.60
C GLY A 200 -31.96 34.75 28.56
N CYS A 201 -30.70 34.66 28.95
CA CYS A 201 -29.62 34.36 28.02
C CYS A 201 -29.44 32.86 27.90
N LYS A 202 -29.61 32.33 26.69
CA LYS A 202 -29.42 30.92 26.39
C LYS A 202 -28.23 30.77 25.47
N VAL A 203 -27.32 29.86 25.81
CA VAL A 203 -26.08 29.66 25.08
C VAL A 203 -26.05 28.24 24.54
N ASP A 204 -25.74 28.10 23.26
CA ASP A 204 -25.65 26.80 22.61
C ASP A 204 -24.20 26.32 22.68
N ASN A 205 -23.94 25.36 23.57
CA ASN A 205 -22.57 24.87 23.73
C ASN A 205 -22.23 23.89 22.62
N SER A 206 -22.88 22.73 22.61
CA SER A 206 -22.77 21.71 21.57
C SER A 206 -21.34 21.25 21.32
N SER A 207 -20.39 21.70 22.12
CA SER A 207 -18.99 21.35 21.91
C SER A 207 -18.30 20.89 23.19
N LEU A 208 -18.63 21.48 24.33
CA LEU A 208 -18.06 21.07 25.61
C LEU A 208 -18.96 20.05 26.30
N THR A 209 -20.20 20.44 26.59
CA THR A 209 -21.17 19.53 27.17
C THR A 209 -21.88 18.67 26.14
N GLY A 210 -21.71 18.97 24.85
CA GLY A 210 -22.37 18.21 23.81
C GLY A 210 -23.88 18.33 23.84
N GLU A 211 -24.38 19.55 24.01
CA GLU A 211 -25.82 19.81 24.09
C GLU A 211 -26.24 20.68 22.92
N SER A 212 -27.19 20.19 22.11
CA SER A 212 -27.79 21.03 21.08
C SER A 212 -28.81 21.98 21.68
N GLU A 213 -29.44 21.60 22.78
CA GLU A 213 -30.43 22.43 23.43
C GLU A 213 -29.76 23.61 24.13
N PRO A 214 -30.14 24.85 23.84
CA PRO A 214 -29.54 26.01 24.52
C PRO A 214 -30.04 26.15 25.93
N GLN A 215 -29.15 26.00 26.90
CA GLN A 215 -29.52 26.13 28.30
C GLN A 215 -29.47 27.58 28.74
N THR A 216 -30.37 27.93 29.65
CA THR A 216 -30.45 29.28 30.18
C THR A 216 -29.25 29.58 31.07
N ARG A 217 -28.90 30.86 31.16
CA ARG A 217 -27.82 31.33 32.01
C ARG A 217 -28.38 32.24 33.09
N SER A 218 -28.05 31.93 34.34
CA SER A 218 -28.50 32.70 35.50
C SER A 218 -27.35 32.82 36.49
N PRO A 219 -27.35 33.88 37.30
CA PRO A 219 -26.24 34.04 38.27
C PRO A 219 -26.23 33.03 39.39
N ASP A 220 -27.22 32.14 39.47
CA ASP A 220 -27.29 31.17 40.56
C ASP A 220 -26.39 29.97 40.29
N CYS A 221 -26.29 29.10 41.29
CA CYS A 221 -25.52 27.87 41.20
C CYS A 221 -26.44 26.69 40.94
N THR A 222 -25.97 25.74 40.14
CA THR A 222 -26.77 24.57 39.76
C THR A 222 -26.16 23.26 40.23
N HIS A 223 -24.86 23.05 39.97
CA HIS A 223 -24.21 21.80 40.34
C HIS A 223 -22.80 22.10 40.83
N ASP A 224 -22.23 21.12 41.54
CA ASP A 224 -20.87 21.24 42.03
C ASP A 224 -19.83 21.16 40.91
N ASN A 225 -20.22 20.72 39.72
CA ASN A 225 -19.31 20.68 38.58
C ASN A 225 -19.45 21.96 37.79
N PRO A 226 -18.38 22.77 37.66
CA PRO A 226 -18.49 24.01 36.87
C PRO A 226 -18.85 23.78 35.43
N LEU A 227 -18.59 22.59 34.88
CA LEU A 227 -19.01 22.30 33.52
C LEU A 227 -20.54 22.33 33.40
N GLU A 228 -21.23 21.78 34.38
CA GLU A 228 -22.69 21.72 34.38
C GLU A 228 -23.34 22.88 35.13
N THR A 229 -22.55 23.84 35.61
CA THR A 229 -23.12 24.96 36.34
C THR A 229 -23.87 25.89 35.39
N ARG A 230 -24.58 26.86 35.98
CA ARG A 230 -25.42 27.77 35.22
C ARG A 230 -24.91 29.20 35.22
N ASN A 231 -23.93 29.54 36.06
CA ASN A 231 -23.49 30.92 36.23
C ASN A 231 -22.19 31.25 35.50
N ILE A 232 -21.69 30.34 34.65
CA ILE A 232 -20.49 30.61 33.86
C ILE A 232 -20.76 30.23 32.41
N THR A 233 -19.98 30.84 31.52
CA THR A 233 -20.08 30.60 30.09
C THR A 233 -18.71 30.15 29.58
N PHE A 234 -18.72 29.32 28.55
CA PHE A 234 -17.52 28.62 28.13
C PHE A 234 -16.96 29.27 26.86
N PHE A 235 -15.68 29.00 26.60
CA PHE A 235 -14.99 29.63 25.48
C PHE A 235 -15.56 29.21 24.15
N SER A 236 -15.71 30.19 23.24
CA SER A 236 -16.11 29.95 21.85
C SER A 236 -17.45 29.24 21.75
N THR A 237 -18.37 29.57 22.63
CA THR A 237 -19.73 29.05 22.60
C THR A 237 -20.64 30.23 22.22
N ASN A 238 -21.05 30.27 20.95
CA ASN A 238 -21.89 31.37 20.48
C ASN A 238 -23.24 31.35 21.17
N CYS A 239 -23.69 32.53 21.61
CA CYS A 239 -24.98 32.65 22.24
C CYS A 239 -26.10 32.57 21.22
N VAL A 240 -27.33 32.38 21.70
CA VAL A 240 -28.51 32.30 20.87
C VAL A 240 -29.45 33.47 21.09
N GLU A 241 -29.81 33.73 22.36
CA GLU A 241 -30.71 34.83 22.68
C GLU A 241 -30.39 35.33 24.08
N GLY A 242 -30.84 36.55 24.36
CA GLY A 242 -30.63 37.14 25.67
C GLY A 242 -29.29 37.84 25.77
N THR A 243 -29.23 38.81 26.69
CA THR A 243 -28.03 39.57 26.95
C THR A 243 -27.54 39.28 28.37
N ALA A 244 -26.28 38.85 28.49
CA ALA A 244 -25.70 38.50 29.77
C ALA A 244 -24.40 39.27 29.97
N ARG A 245 -24.20 39.75 31.19
CA ARG A 245 -22.98 40.46 31.57
C ARG A 245 -22.15 39.54 32.47
N GLY A 246 -20.87 39.39 32.14
CA GLY A 246 -20.00 38.52 32.88
C GLY A 246 -18.59 39.08 32.95
N VAL A 247 -17.87 38.59 33.96
CA VAL A 247 -16.47 38.96 34.17
C VAL A 247 -15.60 37.77 33.76
N VAL A 248 -14.57 38.04 32.97
CA VAL A 248 -13.68 36.99 32.51
C VAL A 248 -12.96 36.37 33.71
N VAL A 249 -12.68 35.08 33.61
CA VAL A 249 -11.96 34.33 34.64
C VAL A 249 -10.69 33.69 34.09
N ALA A 250 -10.81 33.02 32.94
CA ALA A 250 -9.67 32.43 32.27
C ALA A 250 -9.68 32.84 30.80
N THR A 251 -8.51 33.19 30.29
CA THR A 251 -8.37 33.60 28.90
C THR A 251 -7.09 33.01 28.31
N GLY A 252 -7.14 32.71 27.03
CA GLY A 252 -5.99 32.18 26.33
C GLY A 252 -5.92 30.66 26.42
N ASP A 253 -4.74 30.15 26.75
CA ASP A 253 -4.51 28.72 26.80
C ASP A 253 -4.97 28.08 28.09
N ARG A 254 -5.30 28.86 29.11
CA ARG A 254 -5.67 28.33 30.41
C ARG A 254 -7.18 28.15 30.57
N THR A 255 -7.97 28.45 29.55
CA THR A 255 -9.40 28.27 29.63
C THR A 255 -9.76 26.79 29.43
N VAL A 256 -11.04 26.49 29.54
CA VAL A 256 -11.49 25.10 29.45
C VAL A 256 -11.15 24.52 28.09
N MET A 257 -11.53 25.24 27.01
CA MET A 257 -11.08 24.87 25.68
C MET A 257 -9.57 24.95 25.53
N GLY A 258 -8.92 25.85 26.28
CA GLY A 258 -7.49 26.03 26.11
C GLY A 258 -6.69 24.79 26.43
N ARG A 259 -7.06 24.08 27.49
CA ARG A 259 -6.31 22.89 27.89
C ARG A 259 -6.87 21.60 27.32
N ILE A 260 -8.19 21.42 27.31
CA ILE A 260 -8.79 20.19 26.79
C ILE A 260 -8.54 20.04 25.30
N ALA A 261 -8.33 21.16 24.60
CA ALA A 261 -8.06 21.10 23.17
C ALA A 261 -6.59 21.27 22.85
N THR A 262 -5.69 21.20 23.83
CA THR A 262 -4.26 21.35 23.58
C THR A 262 -3.48 20.07 23.88
N LEU A 263 -4.18 18.97 24.17
CA LEU A 263 -3.50 17.70 24.41
C LEU A 263 -2.91 17.20 23.10
N ALA A 264 -1.58 17.20 23.03
CA ALA A 264 -0.87 16.44 22.02
C ALA A 264 -0.79 14.96 22.35
N SER A 265 -1.28 14.58 23.54
CA SER A 265 -1.31 13.20 24.01
C SER A 265 0.06 12.56 23.91
N GLY A 266 0.11 11.30 23.50
CA GLY A 266 1.37 10.60 23.35
C GLY A 266 1.77 10.50 21.90
N LEU A 267 2.27 9.34 21.49
CA LEU A 267 2.64 9.13 20.10
C LEU A 267 1.41 9.25 19.21
N GLU A 268 1.61 9.72 17.99
CA GLU A 268 0.51 9.85 17.05
C GLU A 268 -0.06 8.48 16.75
N VAL A 269 -1.24 8.19 17.29
CA VAL A 269 -2.00 6.94 17.12
C VAL A 269 -1.08 5.72 17.18
N GLY A 270 0.01 5.84 17.94
CA GLY A 270 1.00 4.77 18.05
C GLY A 270 1.34 4.15 16.71
N LYS A 271 1.06 2.86 16.57
CA LYS A 271 1.25 2.14 15.31
C LYS A 271 -0.13 1.66 14.85
N THR A 272 -0.49 2.02 13.63
CA THR A 272 -1.75 1.58 13.03
C THR A 272 -1.67 0.08 12.76
N PRO A 273 -2.81 -0.62 12.68
CA PRO A 273 -2.77 -2.08 12.49
C PRO A 273 -1.98 -2.50 11.27
N ILE A 274 -2.09 -1.74 10.17
CA ILE A 274 -1.32 -2.05 8.98
C ILE A 274 0.18 -1.88 9.21
N ALA A 275 0.58 -0.82 9.92
CA ALA A 275 2.00 -0.59 10.18
C ALA A 275 2.58 -1.63 11.14
N ILE A 276 1.76 -2.22 12.01
CA ILE A 276 2.24 -3.30 12.86
C ILE A 276 2.51 -4.56 12.03
N GLU A 277 1.67 -4.83 11.04
CA GLU A 277 1.90 -6.00 10.18
C GLU A 277 3.21 -5.89 9.42
N ILE A 278 3.53 -4.68 8.93
CA ILE A 278 4.78 -4.48 8.23
C ILE A 278 5.96 -4.72 9.16
N GLU A 279 5.88 -4.23 10.39
CA GLU A 279 6.95 -4.46 11.36
C GLU A 279 7.11 -5.94 11.67
N HIS A 280 6.02 -6.71 11.61
CA HIS A 280 6.16 -8.16 11.76
C HIS A 280 6.69 -8.80 10.48
N PHE A 281 6.33 -8.24 9.33
CA PHE A 281 6.81 -8.78 8.06
C PHE A 281 8.29 -8.53 7.86
N ILE A 282 8.87 -7.59 8.59
CA ILE A 282 10.29 -7.28 8.42
C ILE A 282 11.11 -8.04 9.45
N GLN A 283 10.87 -7.77 10.74
CA GLN A 283 11.73 -8.28 11.80
C GLN A 283 11.61 -9.78 12.01
N LEU A 284 10.63 -10.44 11.41
CA LEU A 284 10.52 -11.89 11.53
C LEU A 284 10.57 -12.62 10.20
N ILE A 285 10.59 -11.90 9.07
CA ILE A 285 10.79 -12.52 7.76
C ILE A 285 12.04 -12.01 7.07
N THR A 286 12.83 -11.17 7.73
CA THR A 286 14.23 -11.02 7.37
C THR A 286 15.09 -12.13 7.96
N GLY A 287 14.56 -12.87 8.93
CA GLY A 287 15.26 -14.03 9.44
C GLY A 287 15.39 -15.13 8.42
N VAL A 288 14.38 -15.30 7.57
CA VAL A 288 14.46 -16.29 6.50
C VAL A 288 15.58 -15.93 5.54
N ALA A 289 15.93 -14.64 5.44
CA ALA A 289 17.11 -14.25 4.67
C ALA A 289 18.38 -14.57 5.43
N VAL A 290 18.40 -14.29 6.73
CA VAL A 290 19.62 -14.51 7.51
C VAL A 290 19.91 -16.00 7.65
N PHE A 291 18.88 -16.79 7.97
CA PHE A 291 19.09 -18.23 8.12
C PHE A 291 19.50 -18.87 6.79
N LEU A 292 18.76 -18.57 5.73
CA LEU A 292 19.07 -19.15 4.43
C LEU A 292 20.43 -18.68 3.92
N GLY A 293 20.79 -17.42 4.17
CA GLY A 293 22.11 -16.95 3.81
C GLY A 293 23.21 -17.60 4.64
N VAL A 294 23.00 -17.71 5.96
CA VAL A 294 24.03 -18.26 6.83
C VAL A 294 24.18 -19.76 6.61
N SER A 295 23.05 -20.47 6.47
CA SER A 295 23.12 -21.92 6.26
C SER A 295 23.87 -22.29 4.99
N PHE A 296 24.01 -21.36 4.05
CA PHE A 296 24.76 -21.60 2.84
C PHE A 296 26.11 -20.90 2.84
N PHE A 297 26.34 -19.99 3.79
CA PHE A 297 27.66 -19.40 3.95
C PHE A 297 28.69 -20.44 4.38
N ILE A 298 28.32 -21.32 5.32
CA ILE A 298 29.25 -22.35 5.75
C ILE A 298 29.45 -23.41 4.69
N LEU A 299 28.47 -23.59 3.79
CA LEU A 299 28.65 -24.54 2.70
C LEU A 299 29.79 -24.12 1.78
N SER A 300 29.89 -22.83 1.50
CA SER A 300 31.02 -22.34 0.71
C SER A 300 32.35 -22.62 1.42
N LEU A 301 32.37 -22.44 2.75
CA LEU A 301 33.57 -22.74 3.51
C LEU A 301 33.89 -24.24 3.49
N ILE A 302 32.85 -25.08 3.58
CA ILE A 302 33.06 -26.52 3.54
C ILE A 302 33.62 -26.93 2.18
N LEU A 303 33.10 -26.36 1.10
CA LEU A 303 33.60 -26.69 -0.23
C LEU A 303 35.07 -26.30 -0.38
N GLY A 304 35.46 -25.14 0.14
CA GLY A 304 36.85 -24.74 0.12
C GLY A 304 37.09 -23.38 -0.48
N TYR A 305 36.06 -22.56 -0.57
CA TYR A 305 36.22 -21.22 -1.12
C TYR A 305 36.97 -20.32 -0.13
N THR A 306 37.48 -19.21 -0.65
CA THR A 306 38.31 -18.32 0.15
C THR A 306 37.46 -17.58 1.19
N TRP A 307 38.16 -16.96 2.14
CA TRP A 307 37.47 -16.21 3.18
C TRP A 307 36.74 -15.01 2.62
N LEU A 308 37.37 -14.29 1.69
CA LEU A 308 36.76 -13.09 1.13
C LEU A 308 35.64 -13.44 0.15
N GLU A 309 35.83 -14.50 -0.64
CA GLU A 309 34.79 -14.91 -1.57
C GLU A 309 33.56 -15.44 -0.85
N ALA A 310 33.74 -16.07 0.31
CA ALA A 310 32.61 -16.62 1.05
C ALA A 310 31.65 -15.51 1.49
N VAL A 311 32.19 -14.41 1.99
CA VAL A 311 31.32 -13.32 2.44
C VAL A 311 30.65 -12.65 1.24
N ILE A 312 31.29 -12.66 0.07
CA ILE A 312 30.66 -12.11 -1.12
C ILE A 312 29.45 -12.94 -1.51
N PHE A 313 29.56 -14.26 -1.40
CA PHE A 313 28.40 -15.13 -1.62
C PHE A 313 27.31 -14.83 -0.61
N LEU A 314 27.67 -14.65 0.66
CA LEU A 314 26.68 -14.40 1.70
C LEU A 314 25.96 -13.08 1.47
N ILE A 315 26.70 -12.03 1.13
CA ILE A 315 26.07 -10.74 0.86
C ILE A 315 25.17 -10.82 -0.35
N GLY A 316 25.61 -11.54 -1.39
CA GLY A 316 24.80 -11.66 -2.59
C GLY A 316 23.51 -12.41 -2.37
N ILE A 317 23.57 -13.50 -1.59
CA ILE A 317 22.37 -14.30 -1.38
C ILE A 317 21.43 -13.65 -0.36
N ILE A 318 21.98 -12.86 0.56
CA ILE A 318 21.14 -12.23 1.58
C ILE A 318 20.48 -10.97 1.06
N VAL A 319 20.93 -10.41 -0.06
CA VAL A 319 20.31 -9.21 -0.60
C VAL A 319 19.37 -9.51 -1.76
N ALA A 320 19.55 -10.63 -2.46
CA ALA A 320 18.58 -11.03 -3.46
C ALA A 320 17.26 -11.46 -2.85
N ASN A 321 17.22 -11.67 -1.53
CA ASN A 321 16.00 -12.11 -0.87
C ASN A 321 15.04 -10.95 -0.58
N VAL A 322 15.51 -9.71 -0.67
CA VAL A 322 14.62 -8.56 -0.49
C VAL A 322 14.06 -8.17 -1.84
N PRO A 323 12.74 -8.08 -2.00
CA PRO A 323 12.18 -7.75 -3.31
C PRO A 323 12.05 -6.25 -3.52
N ALA A 324 12.66 -5.74 -4.60
CA ALA A 324 12.51 -4.33 -4.94
C ALA A 324 11.30 -4.10 -5.82
N GLY A 325 10.15 -4.63 -5.43
CA GLY A 325 8.92 -4.41 -6.15
C GLY A 325 7.75 -4.45 -5.20
N LEU A 326 8.04 -4.55 -3.90
CA LEU A 326 7.02 -4.65 -2.87
C LEU A 326 6.78 -3.33 -2.16
N LEU A 327 7.79 -2.48 -2.05
CA LEU A 327 7.59 -1.16 -1.50
C LEU A 327 6.85 -0.26 -2.48
N ALA A 328 7.13 -0.43 -3.77
CA ALA A 328 6.46 0.36 -4.80
C ALA A 328 5.13 -0.24 -5.23
N THR A 329 4.76 -1.40 -4.71
CA THR A 329 3.46 -2.00 -4.97
C THR A 329 2.49 -1.79 -3.81
N VAL A 330 2.96 -2.02 -2.58
CA VAL A 330 2.12 -1.78 -1.41
C VAL A 330 1.69 -0.32 -1.34
N THR A 331 2.63 0.59 -1.59
CA THR A 331 2.31 2.02 -1.55
C THR A 331 1.29 2.37 -2.63
N VAL A 332 1.44 1.83 -3.83
CA VAL A 332 0.46 2.08 -4.88
C VAL A 332 -0.86 1.39 -4.57
N CYS A 333 -0.80 0.18 -4.00
CA CYS A 333 -2.02 -0.54 -3.68
C CYS A 333 -2.88 0.22 -2.68
N LEU A 334 -2.24 0.82 -1.66
CA LEU A 334 -2.99 1.62 -0.69
C LEU A 334 -3.48 2.93 -1.31
N THR A 335 -2.71 3.50 -2.23
CA THR A 335 -3.12 4.75 -2.87
C THR A 335 -4.39 4.58 -3.67
N LEU A 336 -4.52 3.45 -4.38
CA LEU A 336 -5.72 3.21 -5.18
C LEU A 336 -6.98 3.18 -4.31
N THR A 337 -6.90 2.52 -3.15
CA THR A 337 -8.06 2.46 -2.27
C THR A 337 -8.44 3.84 -1.76
N ALA A 338 -7.44 4.63 -1.36
CA ALA A 338 -7.72 5.98 -0.88
C ALA A 338 -8.34 6.83 -1.99
N LYS A 339 -7.83 6.69 -3.21
CA LYS A 339 -8.43 7.42 -4.33
C LYS A 339 -9.87 6.99 -4.56
N ARG A 340 -10.14 5.69 -4.45
CA ARG A 340 -11.52 5.22 -4.58
C ARG A 340 -12.39 5.76 -3.46
N MET A 341 -11.87 5.78 -2.23
CA MET A 341 -12.63 6.34 -1.12
C MET A 341 -12.70 7.86 -1.17
N ALA A 342 -11.80 8.50 -1.91
CA ALA A 342 -11.93 9.95 -2.10
C ALA A 342 -13.11 10.29 -2.99
N ARG A 343 -13.49 9.39 -3.89
CA ARG A 343 -14.67 9.61 -4.71
C ARG A 343 -15.94 9.59 -3.87
N LYS A 344 -15.94 8.83 -2.77
CA LYS A 344 -17.06 8.80 -1.84
C LYS A 344 -16.95 9.89 -0.78
N ASN A 345 -16.18 10.94 -1.03
CA ASN A 345 -16.01 12.06 -0.10
C ASN A 345 -15.53 11.60 1.27
N CYS A 346 -14.60 10.65 1.27
CA CYS A 346 -13.93 10.17 2.48
C CYS A 346 -12.48 10.61 2.39
N LEU A 347 -12.20 11.83 2.85
CA LEU A 347 -10.84 12.34 2.79
C LEU A 347 -9.98 11.63 3.84
N VAL A 348 -8.85 11.10 3.40
CA VAL A 348 -7.96 10.31 4.25
C VAL A 348 -6.64 11.06 4.42
N LYS A 349 -6.22 11.23 5.67
CA LYS A 349 -4.98 11.95 5.94
C LYS A 349 -3.77 11.04 5.74
N ASN A 350 -3.67 9.98 6.53
CA ASN A 350 -2.53 9.08 6.47
C ASN A 350 -2.72 8.08 5.34
N LEU A 351 -1.63 7.78 4.64
CA LEU A 351 -1.70 6.78 3.58
C LEU A 351 -2.00 5.39 4.13
N GLU A 352 -1.71 5.15 5.40
CA GLU A 352 -1.97 3.87 6.04
C GLU A 352 -3.27 3.86 6.84
N ALA A 353 -4.09 4.91 6.70
CA ALA A 353 -5.34 5.01 7.45
C ALA A 353 -6.49 4.29 6.76
N VAL A 354 -6.28 3.72 5.58
CA VAL A 354 -7.34 2.95 4.93
C VAL A 354 -7.58 1.64 5.66
N GLU A 355 -6.50 0.98 6.08
CA GLU A 355 -6.61 -0.35 6.67
C GLU A 355 -7.14 -0.30 8.10
N THR A 356 -6.74 0.69 8.89
CA THR A 356 -7.11 0.71 10.30
C THR A 356 -8.61 0.71 10.51
N LEU A 357 -9.39 1.20 9.55
CA LEU A 357 -10.83 1.10 9.64
C LEU A 357 -11.35 -0.29 9.32
N GLY A 358 -10.51 -1.15 8.75
CA GLY A 358 -10.93 -2.50 8.41
C GLY A 358 -11.22 -3.37 9.61
N SER A 359 -10.20 -3.60 10.46
CA SER A 359 -10.37 -4.48 11.61
C SER A 359 -11.40 -3.92 12.58
N THR A 360 -11.08 -2.81 13.23
CA THR A 360 -12.03 -2.04 14.04
C THR A 360 -12.84 -2.94 14.97
N SER A 361 -12.14 -3.55 15.92
CA SER A 361 -12.79 -4.49 16.83
C SER A 361 -13.99 -3.86 17.53
N THR A 362 -13.84 -2.62 18.00
CA THR A 362 -14.93 -1.89 18.61
C THR A 362 -14.96 -0.46 18.08
N ILE A 363 -16.13 0.15 18.13
CA ILE A 363 -16.33 1.51 17.63
C ILE A 363 -16.93 2.34 18.75
N CYS A 364 -16.72 3.66 18.65
CA CYS A 364 -17.26 4.60 19.61
C CYS A 364 -17.88 5.76 18.84
N SER A 365 -18.86 6.43 19.46
CA SER A 365 -19.58 7.48 18.76
C SER A 365 -19.82 8.70 19.63
N LYS A 367 -23.35 11.86 20.06
CA LYS A 367 -24.78 12.12 19.97
C LYS A 367 -25.02 13.36 19.12
N THR A 368 -24.76 14.53 19.70
CA THR A 368 -24.88 15.77 18.95
C THR A 368 -23.71 15.91 17.98
N GLY A 369 -24.02 16.19 16.74
CA GLY A 369 -22.99 16.31 15.71
C GLY A 369 -22.73 15.06 14.90
N THR A 370 -22.56 13.93 15.58
CA THR A 370 -22.25 12.68 14.88
C THR A 370 -23.53 11.88 14.57
N LEU A 371 -24.25 11.47 15.62
CA LEU A 371 -25.44 10.66 15.40
C LEU A 371 -26.66 11.53 15.06
N THR A 372 -26.84 12.63 15.78
CA THR A 372 -27.93 13.57 15.53
C THR A 372 -27.43 14.77 14.75
N GLN A 373 -28.37 15.45 14.10
CA GLN A 373 -28.04 16.57 13.22
C GLN A 373 -27.74 17.86 13.97
N ASN A 374 -27.69 17.81 15.31
CA ASN A 374 -27.43 18.98 16.14
C ASN A 374 -28.51 20.03 16.01
N ARG A 375 -29.55 19.73 15.25
CA ARG A 375 -30.71 20.60 15.10
C ARG A 375 -31.97 19.83 15.49
N MET A 376 -32.91 20.52 16.11
CA MET A 376 -34.13 19.89 16.60
C MET A 376 -35.24 20.09 15.57
N THR A 377 -35.97 19.01 15.28
CA THR A 377 -37.09 19.02 14.36
C THR A 377 -38.29 18.37 15.02
N VAL A 378 -39.43 18.40 14.34
CA VAL A 378 -40.64 17.77 14.85
C VAL A 378 -40.50 16.26 14.76
N ALA A 379 -41.09 15.56 15.72
CA ALA A 379 -41.01 14.11 15.73
C ALA A 379 -42.38 13.45 15.86
N HIS A 380 -43.26 14.05 16.65
CA HIS A 380 -44.56 13.44 16.88
C HIS A 380 -45.60 14.51 17.17
N MET A 381 -46.85 14.19 16.86
CA MET A 381 -47.99 15.04 17.19
C MET A 381 -49.12 14.15 17.66
N TRP A 382 -49.50 14.28 18.92
CA TRP A 382 -50.47 13.39 19.55
C TRP A 382 -51.81 14.10 19.70
N PHE A 383 -52.83 13.56 19.05
CA PHE A 383 -54.20 14.07 19.18
C PHE A 383 -55.15 13.01 18.65
N ASP A 384 -56.43 13.16 18.99
CA ASP A 384 -57.48 12.23 18.59
C ASP A 384 -57.16 10.82 19.07
N ASN A 385 -56.56 10.72 20.26
CA ASN A 385 -56.12 9.44 20.83
C ASN A 385 -55.21 8.68 19.86
N GLN A 386 -54.34 9.42 19.18
CA GLN A 386 -53.46 8.85 18.17
C GLN A 386 -52.10 9.52 18.24
N ILE A 387 -51.09 8.80 17.75
CA ILE A 387 -49.73 9.31 17.65
C ILE A 387 -49.40 9.43 16.17
N HIS A 388 -49.16 10.66 15.73
CA HIS A 388 -48.80 10.94 14.33
C HIS A 388 -47.32 11.32 14.34
N GLU A 389 -46.46 10.32 14.25
CA GLU A 389 -45.03 10.53 14.30
C GLU A 389 -44.56 11.29 13.06
N ALA A 390 -44.01 12.48 13.27
CA ALA A 390 -43.47 13.24 12.15
C ALA A 390 -42.34 12.46 11.51
N ASP A 391 -42.27 12.52 10.18
CA ASP A 391 -41.31 11.75 9.41
C ASP A 391 -40.24 12.69 8.86
N THR A 392 -38.99 12.41 9.20
CA THR A 392 -37.88 13.14 8.59
C THR A 392 -37.80 12.88 7.10
N THR A 393 -38.32 11.74 6.65
CA THR A 393 -38.35 11.43 5.23
C THR A 393 -39.23 12.44 4.51
N GLU A 394 -38.85 12.77 3.28
CA GLU A 394 -39.46 13.86 2.52
C GLU A 394 -40.77 13.46 1.83
N ASP A 395 -41.43 12.39 2.27
CA ASP A 395 -42.69 11.98 1.65
C ASP A 395 -43.73 11.53 2.68
N GLN A 396 -43.49 11.70 3.97
CA GLN A 396 -44.38 11.21 5.03
C GLN A 396 -44.61 9.70 4.86
N SER A 397 -43.52 8.95 4.94
CA SER A 397 -43.56 7.52 4.68
C SER A 397 -44.32 6.79 5.79
N GLY A 398 -44.99 5.71 5.40
CA GLY A 398 -45.69 4.86 6.34
C GLY A 398 -46.87 5.50 7.04
N THR A 399 -47.72 6.21 6.28
CA THR A 399 -48.90 6.94 6.78
C THR A 399 -48.63 7.55 8.15
N SER A 400 -47.60 8.40 8.19
CA SER A 400 -47.15 8.98 9.45
C SER A 400 -48.23 9.85 10.09
N PHE A 401 -48.94 10.63 9.28
CA PHE A 401 -49.97 11.51 9.81
C PHE A 401 -51.08 11.67 8.77
N ASP A 402 -52.25 12.05 9.26
CA ASP A 402 -53.41 12.32 8.41
C ASP A 402 -53.39 13.79 8.04
N LYS A 403 -52.99 14.08 6.80
CA LYS A 403 -52.83 15.46 6.33
C LYS A 403 -54.13 16.07 5.83
N SER A 404 -55.22 15.30 5.80
CA SER A 404 -56.50 15.81 5.31
C SER A 404 -57.43 16.29 6.42
N SER A 405 -57.19 15.88 7.66
CA SER A 405 -58.09 16.24 8.75
C SER A 405 -58.05 17.74 9.03
N HIS A 406 -59.20 18.27 9.44
CA HIS A 406 -59.29 19.69 9.80
C HIS A 406 -58.45 20.01 11.03
N THR A 407 -58.27 19.04 11.93
CA THR A 407 -57.46 19.28 13.12
C THR A 407 -56.02 19.58 12.74
N TRP A 408 -55.50 18.90 11.71
CA TRP A 408 -54.15 19.19 11.25
C TRP A 408 -54.04 20.60 10.68
N VAL A 409 -55.05 21.03 9.91
CA VAL A 409 -55.00 22.38 9.35
C VAL A 409 -55.06 23.42 10.45
N ALA A 410 -55.92 23.21 11.46
CA ALA A 410 -55.98 24.13 12.59
C ALA A 410 -54.66 24.15 13.36
N LEU A 411 -54.04 22.98 13.53
CA LEU A 411 -52.74 22.91 14.19
C LEU A 411 -51.69 23.68 13.41
N SER A 412 -51.69 23.55 12.08
CA SER A 412 -50.75 24.30 11.26
C SER A 412 -50.98 25.80 11.37
N HIS A 413 -52.25 26.22 11.39
CA HIS A 413 -52.54 27.64 11.53
C HIS A 413 -52.09 28.18 12.88
N ILE A 414 -52.34 27.42 13.96
CA ILE A 414 -51.89 27.84 15.29
C ILE A 414 -50.37 27.91 15.32
N ALA A 415 -49.71 26.93 14.71
CA ALA A 415 -48.25 26.93 14.65
C ALA A 415 -47.73 28.15 13.91
N GLY A 416 -48.34 28.49 12.78
CA GLY A 416 -47.90 29.66 12.03
C GLY A 416 -48.11 30.96 12.79
N LEU A 417 -49.27 31.11 13.43
CA LEU A 417 -49.56 32.34 14.16
C LEU A 417 -48.65 32.50 15.36
N CYS A 418 -48.50 31.44 16.16
CA CYS A 418 -47.75 31.53 17.41
C CYS A 418 -46.25 31.67 17.21
N ASN A 419 -45.75 31.48 16.00
CA ASN A 419 -44.31 31.56 15.75
C ASN A 419 -43.85 33.01 15.75
N ARG A 420 -42.77 33.29 16.48
CA ARG A 420 -42.19 34.62 16.53
C ARG A 420 -40.91 34.74 15.73
N ALA A 421 -40.50 33.69 15.03
CA ALA A 421 -39.26 33.71 14.27
C ALA A 421 -39.52 34.18 12.85
N VAL A 422 -38.43 34.48 12.14
CA VAL A 422 -38.48 34.94 10.75
C VAL A 422 -37.43 34.18 9.95
N PHE A 423 -37.87 33.57 8.85
CA PHE A 423 -36.94 32.90 7.96
C PHE A 423 -36.07 33.92 7.24
N LYS A 424 -34.78 33.62 7.12
CA LYS A 424 -33.86 34.52 6.46
C LYS A 424 -34.17 34.61 4.96
N GLY A 425 -34.22 35.84 4.46
CA GLY A 425 -34.53 36.04 3.05
C GLY A 425 -33.39 35.65 2.14
N GLY A 426 -33.73 35.45 0.87
CA GLY A 426 -32.75 35.05 -0.11
C GLY A 426 -32.30 33.62 0.01
N GLN A 427 -33.09 32.76 0.66
CA GLN A 427 -32.72 31.36 0.85
C GLN A 427 -33.75 30.42 0.22
N ASP A 428 -34.50 30.89 -0.76
CA ASP A 428 -35.51 30.06 -1.42
C ASP A 428 -34.90 28.97 -2.28
N ASN A 429 -33.59 29.00 -2.51
CA ASN A 429 -32.91 28.03 -3.36
C ASN A 429 -32.23 26.92 -2.57
N ILE A 430 -32.43 26.86 -1.25
CA ILE A 430 -31.73 25.92 -0.40
C ILE A 430 -32.75 24.94 0.18
N PRO A 431 -32.35 23.72 0.53
CA PRO A 431 -33.28 22.81 1.22
C PRO A 431 -33.79 23.43 2.52
N VAL A 432 -35.05 23.13 2.83
CA VAL A 432 -35.72 23.80 3.94
C VAL A 432 -35.08 23.46 5.28
N LEU A 433 -34.59 22.22 5.44
CA LEU A 433 -34.06 21.79 6.72
C LEU A 433 -32.59 22.17 6.92
N LYS A 434 -31.91 22.63 5.88
CA LYS A 434 -30.49 22.94 5.94
C LYS A 434 -30.22 24.44 5.85
N ARG A 435 -31.19 25.25 6.28
CA ARG A 435 -31.07 26.70 6.22
C ARG A 435 -31.07 27.27 7.63
N ASP A 436 -30.17 28.21 7.88
CA ASP A 436 -30.11 28.87 9.18
C ASP A 436 -31.25 29.88 9.31
N VAL A 437 -31.83 29.95 10.50
CA VAL A 437 -32.93 30.86 10.79
C VAL A 437 -32.62 31.62 12.07
N ALA A 438 -33.36 32.70 12.29
CA ALA A 438 -33.17 33.55 13.45
C ALA A 438 -34.37 33.41 14.37
N GLY A 439 -34.12 33.12 15.64
CA GLY A 439 -35.15 32.99 16.64
C GLY A 439 -34.82 31.86 17.59
N ASP A 440 -35.82 31.46 18.38
CA ASP A 440 -35.66 30.36 19.30
C ASP A 440 -35.54 29.04 18.54
N ALA A 441 -34.82 28.09 19.14
CA ALA A 441 -34.60 26.79 18.49
C ALA A 441 -35.92 26.03 18.34
N SER A 442 -36.77 26.06 19.36
CA SER A 442 -38.08 25.43 19.23
C SER A 442 -38.90 26.10 18.13
N GLU A 443 -38.90 27.44 18.10
CA GLU A 443 -39.55 28.14 17.01
C GLU A 443 -38.90 27.83 15.67
N SER A 444 -37.59 27.55 15.67
CA SER A 444 -36.92 27.16 14.44
C SER A 444 -37.46 25.83 13.93
N ALA A 445 -37.59 24.84 14.82
CA ALA A 445 -38.16 23.55 14.43
C ALA A 445 -39.59 23.72 13.94
N LEU A 446 -40.37 24.55 14.64
CA LEU A 446 -41.75 24.80 14.23
C LEU A 446 -41.81 25.41 12.84
N LEU A 447 -40.96 26.40 12.58
CA LEU A 447 -40.96 27.06 11.27
C LEU A 447 -40.55 26.10 10.17
N LYS A 448 -39.52 25.28 10.42
CA LYS A 448 -39.11 24.31 9.42
C LYS A 448 -40.21 23.30 9.13
N CYS A 449 -40.90 22.83 10.17
CA CYS A 449 -42.01 21.90 9.96
C CYS A 449 -43.12 22.53 9.15
N ILE A 450 -43.49 23.77 9.49
CA ILE A 450 -44.57 24.45 8.77
C ILE A 450 -44.18 24.65 7.32
N GLU A 451 -42.93 25.04 7.06
CA GLU A 451 -42.49 25.23 5.68
C GLU A 451 -42.52 23.92 4.91
N LEU A 452 -42.07 22.83 5.53
CA LEU A 452 -42.08 21.54 4.85
C LEU A 452 -43.51 21.10 4.53
N SER A 453 -44.43 21.31 5.48
CA SER A 453 -45.79 20.78 5.32
C SER A 453 -46.57 21.54 4.26
N SER A 454 -46.79 22.84 4.49
CA SER A 454 -47.67 23.62 3.62
C SER A 454 -46.91 24.32 2.51
N GLY A 455 -45.95 25.17 2.87
CA GLY A 455 -45.23 25.95 1.88
C GLY A 455 -44.56 27.17 2.49
N SER A 456 -44.74 28.33 1.88
CA SER A 456 -44.15 29.56 2.39
C SER A 456 -44.95 30.00 3.62
N VAL A 457 -44.32 29.92 4.80
CA VAL A 457 -44.97 30.33 6.04
C VAL A 457 -45.21 31.83 6.07
N LYS A 458 -44.42 32.60 5.34
CA LYS A 458 -44.54 34.06 5.40
C LYS A 458 -45.89 34.54 4.89
N LEU A 459 -46.42 33.85 3.88
CA LEU A 459 -47.75 34.22 3.38
C LEU A 459 -48.81 34.05 4.47
N MET A 460 -48.77 32.93 5.19
CA MET A 460 -49.70 32.72 6.29
C MET A 460 -49.50 33.73 7.40
N ARG A 461 -48.24 34.06 7.70
CA ARG A 461 -47.95 35.03 8.76
C ARG A 461 -48.49 36.41 8.40
N GLU A 462 -48.31 36.82 7.14
CA GLU A 462 -48.77 38.14 6.72
C GLU A 462 -50.28 38.18 6.50
N ARG A 463 -50.91 37.03 6.24
CA ARG A 463 -52.36 37.03 6.01
C ARG A 463 -53.11 37.47 7.25
N ASN A 464 -52.71 37.00 8.42
CA ASN A 464 -53.36 37.35 9.68
C ASN A 464 -52.46 38.30 10.45
N LYS A 465 -52.90 39.54 10.63
CA LYS A 465 -52.11 40.53 11.33
C LYS A 465 -52.10 40.26 12.83
N LYS A 466 -50.94 40.51 13.44
CA LYS A 466 -50.78 40.35 14.88
C LYS A 466 -51.44 41.50 15.63
N VAL A 467 -51.85 41.22 16.88
CA VAL A 467 -52.52 42.20 17.72
C VAL A 467 -51.76 42.42 19.02
N ALA A 468 -51.34 41.35 19.69
CA ALA A 468 -50.64 41.46 20.96
C ALA A 468 -49.70 40.28 21.11
N GLU A 469 -48.78 40.40 22.07
CA GLU A 469 -47.73 39.42 22.28
C GLU A 469 -47.48 39.26 23.78
N ILE A 470 -46.86 38.14 24.14
CA ILE A 470 -46.53 37.85 25.53
C ILE A 470 -45.06 37.44 25.63
N PRO A 471 -44.38 37.72 26.74
CA PRO A 471 -42.94 37.47 26.80
C PRO A 471 -42.62 35.99 26.94
N PHE A 472 -41.37 35.66 26.58
CA PHE A 472 -40.84 34.30 26.69
C PHE A 472 -39.71 34.30 27.71
N ASN A 473 -39.91 33.58 28.82
CA ASN A 473 -38.91 33.51 29.87
C ASN A 473 -39.16 32.26 30.70
N SER A 474 -38.13 31.87 31.47
CA SER A 474 -38.23 30.70 32.31
C SER A 474 -39.12 30.91 33.53
N THR A 475 -39.35 32.17 33.93
CA THR A 475 -40.14 32.43 35.12
C THR A 475 -41.60 32.03 34.93
N ASN A 476 -42.15 32.21 33.72
CA ASN A 476 -43.52 31.83 33.43
C ASN A 476 -43.63 30.43 32.84
N LYS A 477 -42.68 30.04 31.99
CA LYS A 477 -42.63 28.74 31.33
C LYS A 477 -43.82 28.49 30.41
N TYR A 478 -44.69 29.49 30.22
CA TYR A 478 -45.81 29.39 29.29
C TYR A 478 -45.89 30.68 28.50
N GLN A 479 -46.03 30.56 27.19
CA GLN A 479 -46.03 31.70 26.29
C GLN A 479 -47.41 31.87 25.66
N LEU A 480 -47.95 33.07 25.76
CA LEU A 480 -49.23 33.42 25.14
C LEU A 480 -48.99 34.22 23.88
N SER A 481 -50.02 34.30 23.04
CA SER A 481 -49.96 35.08 21.81
C SER A 481 -51.38 35.35 21.34
N ILE A 482 -51.60 36.58 20.87
CA ILE A 482 -52.92 37.04 20.42
C ILE A 482 -52.87 37.22 18.92
N HIS A 483 -53.80 36.56 18.21
CA HIS A 483 -53.83 36.62 16.76
C HIS A 483 -55.27 36.47 16.28
N GLU A 484 -55.52 36.93 15.05
CA GLU A 484 -56.86 36.91 14.48
C GLU A 484 -57.13 35.56 13.82
N THR A 485 -58.15 35.51 12.97
CA THR A 485 -58.61 34.26 12.36
C THR A 485 -58.26 34.25 10.87
N GLU A 486 -58.25 33.04 10.30
CA GLU A 486 -57.96 32.90 8.87
C GLU A 486 -59.12 33.41 8.03
N ASP A 487 -60.35 33.07 8.40
CA ASP A 487 -61.51 33.51 7.64
C ASP A 487 -61.69 35.02 7.77
N PRO A 488 -61.88 35.74 6.66
CA PRO A 488 -62.04 37.20 6.76
C PRO A 488 -63.23 37.63 7.62
N ASN A 489 -64.31 36.88 7.59
CA ASN A 489 -65.50 37.19 8.37
C ASN A 489 -65.46 36.48 9.71
N ASP A 490 -66.16 37.06 10.69
CA ASP A 490 -66.24 36.53 12.06
C ASP A 490 -64.85 36.37 12.67
N ASN A 491 -64.17 37.51 12.84
CA ASN A 491 -62.83 37.54 13.37
C ASN A 491 -62.84 37.27 14.88
N ARG A 492 -63.12 36.03 15.28
CA ARG A 492 -63.22 35.71 16.70
C ARG A 492 -61.87 35.81 17.36
N TYR A 493 -61.79 36.58 18.44
CA TYR A 493 -60.53 36.81 19.13
C TYR A 493 -60.10 35.55 19.86
N LEU A 494 -58.86 35.12 19.61
CA LEU A 494 -58.31 33.91 20.19
C LEU A 494 -56.95 34.20 20.80
N LEU A 495 -56.69 33.63 21.96
CA LEU A 495 -55.41 33.75 22.65
C LEU A 495 -54.69 32.41 22.50
N VAL A 496 -53.91 32.28 21.42
CA VAL A 496 -53.17 31.05 21.19
C VAL A 496 -52.04 30.96 22.21
N MET A 497 -51.77 29.75 22.69
CA MET A 497 -50.81 29.54 23.77
C MET A 497 -49.98 28.29 23.49
N LYS A 498 -48.81 28.26 24.09
CA LYS A 498 -47.91 27.12 23.97
C LYS A 498 -47.29 26.85 25.34
N GLY A 499 -47.16 25.57 25.68
CA GLY A 499 -46.59 25.19 26.95
C GLY A 499 -46.81 23.71 27.26
N ALA A 500 -45.98 23.17 28.14
CA ALA A 500 -46.12 21.77 28.50
C ALA A 500 -47.44 21.55 29.24
N PRO A 501 -48.24 20.56 28.84
CA PRO A 501 -49.55 20.36 29.48
C PRO A 501 -49.47 20.00 30.96
N GLU A 502 -48.32 19.53 31.45
CA GLU A 502 -48.20 19.18 32.86
C GLU A 502 -48.43 20.37 33.79
N ARG A 503 -48.29 21.59 33.29
CA ARG A 503 -48.62 22.79 34.05
C ARG A 503 -49.80 23.55 33.49
N ILE A 504 -50.29 23.19 32.30
CA ILE A 504 -51.43 23.87 31.69
C ILE A 504 -52.74 23.15 31.95
N LEU A 505 -52.71 21.88 32.35
CA LEU A 505 -53.95 21.12 32.58
C LEU A 505 -54.80 21.77 33.66
N ASP A 506 -54.18 22.22 34.74
CA ASP A 506 -54.92 22.95 35.77
C ASP A 506 -55.41 24.31 35.28
N ARG A 507 -54.80 24.85 34.23
CA ARG A 507 -55.23 26.10 33.63
C ARG A 507 -56.05 25.90 32.36
N CYS A 508 -56.35 24.66 31.99
CA CYS A 508 -57.15 24.35 30.82
C CYS A 508 -58.39 23.56 31.23
N SER A 509 -59.53 23.90 30.63
CA SER A 509 -60.81 23.32 31.02
C SER A 509 -61.39 22.38 29.96
N THR A 510 -61.57 22.86 28.74
CA THR A 510 -62.14 22.07 27.66
C THR A 510 -61.04 21.61 26.71
N ILE A 511 -61.45 20.90 25.66
CA ILE A 511 -60.51 20.32 24.69
C ILE A 511 -61.11 20.46 23.30
N LEU A 512 -60.28 20.88 22.34
CA LEU A 512 -60.69 20.97 20.95
C LEU A 512 -60.37 19.65 20.27
N LEU A 513 -61.40 18.99 19.73
CA LEU A 513 -61.22 17.70 19.05
C LEU A 513 -62.08 17.70 17.79
N GLN A 514 -61.51 18.16 16.68
CA GLN A 514 -62.12 18.05 15.36
C GLN A 514 -63.52 18.68 15.31
N GLY A 515 -63.73 19.76 16.07
CA GLY A 515 -65.02 20.42 16.08
C GLY A 515 -65.83 20.20 17.34
N LYS A 516 -65.84 18.96 17.82
CA LYS A 516 -66.54 18.65 19.06
C LYS A 516 -65.65 18.88 20.26
N GLU A 517 -66.25 19.34 21.35
CA GLU A 517 -65.51 19.72 22.54
C GLU A 517 -65.69 18.65 23.63
N GLN A 518 -64.57 18.18 24.15
CA GLN A 518 -64.59 17.15 25.20
C GLN A 518 -64.24 17.79 26.54
N PRO A 519 -65.19 17.91 27.46
CA PRO A 519 -64.90 18.54 28.76
C PRO A 519 -64.21 17.59 29.71
N LEU A 520 -64.03 18.02 30.96
CA LEU A 520 -63.37 17.19 31.96
C LEU A 520 -64.11 15.87 32.12
N ASP A 521 -63.39 14.78 31.89
CA ASP A 521 -63.97 13.44 31.96
C ASP A 521 -62.86 12.45 32.28
N GLU A 522 -63.27 11.25 32.68
CA GLU A 522 -62.34 10.20 33.06
C GLU A 522 -61.96 9.29 31.90
N GLU A 523 -62.41 9.58 30.68
CA GLU A 523 -62.09 8.77 29.52
C GLU A 523 -61.22 9.52 28.52
N MET A 524 -61.69 10.66 28.02
CA MET A 524 -60.91 11.41 27.02
C MET A 524 -59.64 11.97 27.65
N LYS A 525 -59.76 12.56 28.84
CA LYS A 525 -58.58 13.11 29.50
C LYS A 525 -57.59 12.03 29.89
N GLU A 526 -58.09 10.85 30.29
CA GLU A 526 -57.18 9.75 30.59
C GLU A 526 -56.49 9.23 29.33
N ALA A 527 -57.19 9.23 28.19
CA ALA A 527 -56.54 8.88 26.93
C ALA A 527 -55.48 9.91 26.56
N PHE A 528 -55.77 11.20 26.79
CA PHE A 528 -54.78 12.24 26.55
C PHE A 528 -53.55 12.04 27.43
N GLN A 529 -53.76 11.71 28.70
CA GLN A 529 -52.63 11.48 29.60
C GLN A 529 -51.84 10.25 29.15
N ASN A 530 -52.53 9.21 28.69
CA ASN A 530 -51.83 8.04 28.17
C ASN A 530 -50.98 8.39 26.96
N ALA A 531 -51.51 9.23 26.06
CA ALA A 531 -50.73 9.66 24.90
C ALA A 531 -49.54 10.50 25.32
N TYR A 532 -49.73 11.38 26.31
CA TYR A 532 -48.64 12.22 26.80
C TYR A 532 -47.55 11.36 27.45
N LEU A 533 -47.94 10.31 28.17
CA LEU A 533 -46.99 9.56 28.97
C LEU A 533 -45.82 9.04 28.15
N GLU A 534 -46.10 8.49 26.96
CA GLU A 534 -45.03 8.07 26.08
C GLU A 534 -44.63 9.16 25.10
N LEU A 535 -44.43 10.37 25.61
CA LEU A 535 -43.83 11.49 24.89
C LEU A 535 -42.73 12.17 25.69
N GLY A 536 -42.92 12.30 27.00
CA GLY A 536 -41.84 12.79 27.85
C GLY A 536 -40.84 11.72 28.24
N GLY A 537 -41.18 10.45 28.04
CA GLY A 537 -40.28 9.35 28.25
C GLY A 537 -39.32 9.10 27.12
N LEU A 538 -39.42 9.87 26.04
CA LEU A 538 -38.50 9.79 24.91
C LEU A 538 -37.40 10.84 25.00
N GLY A 539 -37.15 11.38 26.18
CA GLY A 539 -36.19 12.47 26.32
C GLY A 539 -36.61 13.71 25.56
N GLU A 540 -37.90 14.02 25.59
CA GLU A 540 -38.47 15.09 24.79
C GLU A 540 -39.18 16.11 25.67
N ARG A 541 -39.01 17.38 25.34
CA ARG A 541 -39.71 18.47 26.02
C ARG A 541 -40.96 18.79 25.22
N VAL A 542 -42.10 18.23 25.65
CA VAL A 542 -43.34 18.40 24.91
C VAL A 542 -43.79 19.85 25.01
N LEU A 543 -44.13 20.44 23.87
CA LEU A 543 -44.63 21.81 23.80
C LEU A 543 -46.05 21.75 23.26
N GLY A 544 -47.03 21.80 24.16
CA GLY A 544 -48.42 21.70 23.78
C GLY A 544 -48.95 22.96 23.11
N PHE A 545 -50.08 22.82 22.46
CA PHE A 545 -50.73 23.91 21.75
C PHE A 545 -52.08 24.20 22.37
N CYS A 546 -52.29 25.46 22.74
CA CYS A 546 -53.54 25.91 23.35
C CYS A 546 -54.01 27.18 22.66
N HIS A 547 -55.33 27.34 22.56
CA HIS A 547 -55.90 28.59 22.05
C HIS A 547 -57.35 28.68 22.51
N TYR A 548 -57.67 29.70 23.30
CA TYR A 548 -59.02 29.94 23.78
C TYR A 548 -59.60 31.13 23.03
N TYR A 549 -60.80 30.96 22.48
CA TYR A 549 -61.46 32.02 21.72
C TYR A 549 -62.19 32.94 22.68
N LEU A 550 -61.65 34.14 22.88
CA LEU A 550 -62.30 35.11 23.75
C LEU A 550 -63.61 35.57 23.11
N PRO A 551 -64.73 35.50 23.84
CA PRO A 551 -66.01 35.87 23.25
C PRO A 551 -66.09 37.35 22.90
N GLU A 552 -66.87 37.65 21.86
CA GLU A 552 -67.10 39.03 21.46
C GLU A 552 -68.13 39.72 22.34
N GLU A 553 -68.89 38.96 23.13
CA GLU A 553 -69.90 39.56 24.00
C GLU A 553 -69.25 40.34 25.14
N GLN A 554 -68.21 39.77 25.76
CA GLN A 554 -67.51 40.43 26.86
C GLN A 554 -66.24 41.13 26.42
N PHE A 555 -65.55 40.61 25.39
CA PHE A 555 -64.32 41.20 24.87
C PHE A 555 -64.60 41.68 23.45
N PRO A 556 -64.93 42.96 23.28
CA PRO A 556 -65.30 43.46 21.95
C PRO A 556 -64.11 43.66 21.03
N LYS A 557 -64.35 44.23 19.84
CA LYS A 557 -63.28 44.44 18.88
C LYS A 557 -62.20 45.36 19.44
N GLY A 558 -62.60 46.45 20.06
CA GLY A 558 -61.65 47.41 20.61
C GLY A 558 -61.33 47.18 22.08
N PHE A 559 -60.72 46.05 22.39
CA PHE A 559 -60.34 45.73 23.77
C PHE A 559 -58.85 46.03 23.95
N ALA A 560 -58.54 46.89 24.92
CA ALA A 560 -57.16 47.25 25.18
C ALA A 560 -56.37 46.05 25.66
N PHE A 561 -55.15 45.90 25.13
CA PHE A 561 -54.30 44.77 25.45
C PHE A 561 -53.01 45.28 26.09
N ASP A 562 -52.77 44.89 27.35
CA ASP A 562 -51.60 45.31 28.10
C ASP A 562 -50.84 44.07 28.55
N CYS A 563 -49.53 44.06 28.27
CA CYS A 563 -48.70 42.92 28.65
C CYS A 563 -48.53 42.85 30.18
N ASP A 564 -48.32 44.00 30.82
CA ASP A 564 -48.11 44.02 32.27
C ASP A 564 -49.43 43.86 33.02
N ASP A 565 -50.50 44.46 32.52
CA ASP A 565 -51.80 44.40 33.18
C ASP A 565 -52.52 43.10 32.87
N VAL A 566 -53.45 42.72 33.75
CA VAL A 566 -54.22 41.50 33.59
C VAL A 566 -55.54 41.82 32.88
N ASN A 567 -55.71 41.25 31.69
CA ASN A 567 -56.94 41.42 30.94
C ASN A 567 -57.41 40.15 30.26
N PHE A 568 -56.69 39.05 30.36
CA PHE A 568 -57.07 37.77 29.77
C PHE A 568 -57.39 36.77 30.87
N THR A 569 -57.96 35.65 30.46
CA THR A 569 -58.34 34.56 31.36
C THR A 569 -57.22 33.53 31.37
N THR A 570 -56.49 33.44 32.49
CA THR A 570 -55.44 32.44 32.61
C THR A 570 -56.02 31.03 32.56
N ASP A 571 -57.16 30.81 33.22
CA ASP A 571 -57.82 29.52 33.23
C ASP A 571 -58.86 29.47 32.10
N ASN A 572 -59.65 28.39 32.09
CA ASN A 572 -60.73 28.20 31.11
C ASN A 572 -60.20 28.25 29.68
N LEU A 573 -59.17 27.45 29.41
CA LEU A 573 -58.59 27.31 28.08
C LEU A 573 -58.94 25.94 27.52
N CYS A 574 -58.55 25.70 26.28
CA CYS A 574 -58.80 24.44 25.60
C CYS A 574 -57.56 24.00 24.84
N PHE A 575 -57.47 22.69 24.60
CA PHE A 575 -56.31 22.05 24.02
C PHE A 575 -56.63 21.54 22.62
N VAL A 576 -55.64 21.61 21.72
CA VAL A 576 -55.82 21.22 20.32
C VAL A 576 -54.85 20.12 19.91
N GLY A 577 -53.58 20.24 20.29
CA GLY A 577 -52.61 19.24 19.86
C GLY A 577 -51.30 19.40 20.59
N LEU A 578 -50.42 18.42 20.37
CA LEU A 578 -49.13 18.35 21.02
C LEU A 578 -48.02 18.29 19.98
N MET A 579 -46.83 18.72 20.39
CA MET A 579 -45.67 18.73 19.52
C MET A 579 -44.48 18.10 20.24
N SER A 580 -43.53 17.60 19.45
CA SER A 580 -42.32 16.97 19.98
C SER A 580 -41.10 17.55 19.26
N MET A 581 -40.17 18.10 20.04
CA MET A 581 -39.03 18.86 19.52
C MET A 581 -37.72 18.09 19.54
N ILE A 582 -37.75 16.77 19.76
CA ILE A 582 -36.50 16.03 19.93
C ILE A 582 -35.70 16.04 18.64
N ASP A 583 -34.40 16.30 18.75
CA ASP A 583 -33.53 16.29 17.56
C ASP A 583 -33.37 14.86 17.07
N PRO A 584 -33.68 14.58 15.81
CA PRO A 584 -33.66 13.21 15.33
C PRO A 584 -32.27 12.81 14.85
N PRO A 585 -31.94 11.53 14.90
CA PRO A 585 -30.66 11.08 14.36
C PRO A 585 -30.63 11.23 12.84
N ARG A 586 -29.41 11.11 12.30
CA ARG A 586 -29.23 11.28 10.87
C ARG A 586 -29.99 10.20 10.10
N ALA A 587 -30.28 10.51 8.84
CA ALA A 587 -31.09 9.61 8.03
C ALA A 587 -30.40 8.27 7.82
N ALA A 588 -29.09 8.28 7.59
CA ALA A 588 -28.36 7.07 7.23
C ALA A 588 -27.71 6.39 8.42
N VAL A 589 -27.89 6.90 9.64
CA VAL A 589 -27.19 6.35 10.80
C VAL A 589 -27.78 5.03 11.30
N PRO A 590 -29.11 4.80 11.29
CA PRO A 590 -29.58 3.52 11.86
C PRO A 590 -29.16 2.33 11.04
N ASP A 591 -29.26 2.42 9.71
CA ASP A 591 -28.87 1.30 8.86
C ASP A 591 -27.37 1.05 8.97
N ALA A 592 -26.57 2.11 9.01
CA ALA A 592 -25.12 1.95 9.15
C ALA A 592 -24.76 1.31 10.47
N VAL A 593 -25.40 1.73 11.56
CA VAL A 593 -25.13 1.14 12.86
C VAL A 593 -25.54 -0.33 12.88
N GLY A 594 -26.68 -0.64 12.24
CA GLY A 594 -27.11 -2.03 12.17
C GLY A 594 -26.13 -2.91 11.40
N LYS A 595 -25.64 -2.43 10.27
CA LYS A 595 -24.66 -3.20 9.51
C LYS A 595 -23.35 -3.34 10.28
N CYS A 596 -22.94 -2.29 11.00
CA CYS A 596 -21.73 -2.39 11.82
C CYS A 596 -21.89 -3.43 12.91
N ARG A 597 -23.05 -3.47 13.56
CA ARG A 597 -23.28 -4.47 14.60
C ARG A 597 -23.35 -5.87 14.02
N SER A 598 -23.96 -6.02 12.84
CA SER A 598 -24.00 -7.33 12.20
C SER A 598 -22.65 -7.76 11.67
N ALA A 599 -21.74 -6.82 11.45
CA ALA A 599 -20.40 -7.13 10.96
C ALA A 599 -19.42 -7.49 12.07
N GLY A 600 -19.92 -7.79 13.27
CA GLY A 600 -19.08 -8.19 14.37
C GLY A 600 -18.47 -7.06 15.16
N ILE A 601 -18.75 -5.81 14.81
CA ILE A 601 -18.16 -4.65 15.47
C ILE A 601 -19.05 -4.25 16.64
N LYS A 602 -18.48 -4.19 17.83
CA LYS A 602 -19.21 -3.75 19.00
C LYS A 602 -19.30 -2.23 19.02
N VAL A 603 -20.52 -1.71 19.09
CA VAL A 603 -20.76 -0.28 19.03
C VAL A 603 -21.02 0.24 20.44
N ILE A 604 -20.24 1.23 20.85
CA ILE A 604 -20.33 1.84 22.17
C ILE A 604 -20.60 3.32 21.99
N MET A 605 -21.57 3.84 22.73
CA MET A 605 -21.94 5.25 22.64
C MET A 605 -21.37 6.01 23.84
N VAL A 606 -20.66 7.09 23.57
CA VAL A 606 -20.12 7.97 24.59
C VAL A 606 -20.55 9.39 24.26
N THR A 607 -21.07 10.11 25.25
CA THR A 607 -21.57 11.46 25.03
C THR A 607 -21.55 12.20 26.37
N GLY A 608 -22.01 13.45 26.34
CA GLY A 608 -22.05 14.27 27.53
C GLY A 608 -23.43 14.79 27.87
N ASP A 609 -24.47 14.08 27.43
CA ASP A 609 -25.84 14.51 27.65
C ASP A 609 -26.45 13.79 28.86
N HIS A 610 -27.63 14.25 29.24
CA HIS A 610 -28.37 13.62 30.32
C HIS A 610 -28.64 12.16 29.97
N PRO A 611 -28.59 11.25 30.94
CA PRO A 611 -28.68 9.81 30.62
C PRO A 611 -29.96 9.44 29.89
N ILE A 612 -31.08 10.08 30.22
CA ILE A 612 -32.36 9.68 29.63
C ILE A 612 -32.37 9.96 28.13
N THR A 613 -31.97 11.18 27.74
CA THR A 613 -31.96 11.54 26.33
C THR A 613 -30.96 10.71 25.54
N ALA A 614 -29.77 10.49 26.10
CA ALA A 614 -28.77 9.68 25.42
C ALA A 614 -29.25 8.25 25.23
N LYS A 615 -29.86 7.66 26.27
CA LYS A 615 -30.36 6.31 26.16
C LYS A 615 -31.49 6.21 25.15
N ALA A 616 -32.39 7.20 25.13
CA ALA A 616 -33.47 7.18 24.15
C ALA A 616 -32.92 7.30 22.73
N ILE A 617 -31.94 8.17 22.51
CA ILE A 617 -31.37 8.32 21.18
C ILE A 617 -30.66 7.05 20.76
N ALA A 618 -29.93 6.41 21.68
CA ALA A 618 -29.28 5.15 21.37
C ALA A 618 -30.28 4.07 21.01
N LYS A 619 -31.38 3.98 21.76
CA LYS A 619 -32.40 3.00 21.46
C LYS A 619 -33.04 3.26 20.10
N GLY A 620 -33.28 4.53 19.77
CA GLY A 620 -33.82 4.85 18.46
C GLY A 620 -32.87 4.52 17.33
N VAL A 621 -31.58 4.81 17.51
CA VAL A 621 -30.60 4.52 16.47
C VAL A 621 -30.48 3.02 16.26
N GLY A 622 -30.41 2.25 17.34
CA GLY A 622 -30.26 0.81 17.24
C GLY A 622 -28.99 0.31 17.89
N ILE A 623 -28.33 1.19 18.64
CA ILE A 623 -27.10 0.80 19.33
C ILE A 623 -27.37 -0.31 20.33
N ILE A 624 -28.43 -0.16 21.12
CA ILE A 624 -28.88 -1.19 22.04
C ILE A 624 -29.99 -1.98 21.38
N SER A 625 -29.91 -3.31 21.45
CA SER A 625 -30.86 -4.17 20.78
C SER A 625 -32.26 -3.96 21.33
N GLU A 626 -33.26 -4.06 20.47
CA GLU A 626 -34.64 -3.89 20.89
C GLU A 626 -35.03 -5.00 21.88
N GLY A 627 -35.72 -4.59 22.94
CA GLY A 627 -36.16 -5.52 23.96
C GLY A 627 -35.17 -5.75 25.08
N ASN A 628 -33.92 -5.39 24.89
CA ASN A 628 -32.91 -5.54 25.93
C ASN A 628 -33.19 -4.53 27.03
N GLU A 629 -33.48 -5.02 28.24
CA GLU A 629 -33.82 -4.18 29.37
C GLU A 629 -32.58 -3.95 30.23
N THR A 630 -32.33 -2.70 30.59
CA THR A 630 -31.19 -2.35 31.42
C THR A 630 -31.48 -2.66 32.88
N VAL A 631 -30.47 -2.48 33.73
CA VAL A 631 -30.61 -2.79 35.14
C VAL A 631 -31.66 -1.89 35.79
N GLU A 632 -31.82 -0.66 35.30
CA GLU A 632 -32.87 0.21 35.83
C GLU A 632 -34.25 -0.35 35.53
N ASP A 633 -34.47 -0.83 34.30
CA ASP A 633 -35.76 -1.42 33.96
C ASP A 633 -36.00 -2.69 34.74
N ILE A 634 -34.97 -3.52 34.92
CA ILE A 634 -35.12 -4.73 35.71
C ILE A 634 -35.50 -4.38 37.14
N ALA A 635 -34.84 -3.37 37.71
CA ALA A 635 -35.18 -2.94 39.07
C ALA A 635 -36.60 -2.43 39.16
N ALA A 636 -37.04 -1.66 38.16
CA ALA A 636 -38.41 -1.16 38.16
C ALA A 636 -39.43 -2.28 37.92
N ARG A 637 -39.01 -3.40 37.34
CA ARG A 637 -39.96 -4.48 37.08
C ARG A 637 -40.52 -5.06 38.37
N LEU A 638 -39.68 -5.23 39.40
CA LEU A 638 -40.13 -5.76 40.68
C LEU A 638 -39.97 -4.76 41.81
N ASN A 639 -39.70 -3.49 41.51
CA ASN A 639 -39.66 -2.41 42.50
C ASN A 639 -38.64 -2.70 43.60
N ILE A 640 -37.39 -2.89 43.18
CA ILE A 640 -36.29 -3.12 44.12
C ILE A 640 -35.14 -2.20 43.74
N PRO A 641 -34.25 -1.89 44.68
CA PRO A 641 -33.07 -1.09 44.33
C PRO A 641 -32.18 -1.82 43.34
N VAL A 642 -31.48 -1.03 42.52
CA VAL A 642 -30.58 -1.59 41.52
C VAL A 642 -29.44 -2.38 42.15
N SER A 643 -29.17 -2.15 43.45
CA SER A 643 -28.17 -2.95 44.14
C SER A 643 -28.69 -4.35 44.47
N GLN A 644 -29.99 -4.48 44.70
CA GLN A 644 -30.56 -5.78 45.03
C GLN A 644 -30.40 -6.77 43.88
N VAL A 645 -30.68 -6.32 42.65
CA VAL A 645 -30.58 -7.19 41.49
C VAL A 645 -29.11 -7.43 41.17
N ASN A 646 -28.78 -8.67 40.78
CA ASN A 646 -27.41 -8.99 40.42
C ASN A 646 -26.99 -8.19 39.18
N PRO A 647 -25.81 -7.58 39.20
CA PRO A 647 -25.41 -6.73 38.07
C PRO A 647 -25.34 -7.46 36.73
N ARG A 648 -24.92 -8.72 36.73
CA ARG A 648 -24.76 -9.45 35.48
C ARG A 648 -26.09 -9.84 34.84
N ASP A 649 -27.21 -9.63 35.53
CA ASP A 649 -28.50 -10.00 34.97
C ASP A 649 -28.82 -9.19 33.72
N ALA A 650 -28.50 -7.90 33.71
CA ALA A 650 -28.81 -7.01 32.60
C ALA A 650 -27.57 -6.85 31.72
N LYS A 651 -27.73 -7.16 30.43
CA LYS A 651 -26.58 -7.11 29.53
C LYS A 651 -26.19 -5.67 29.19
N ALA A 652 -27.17 -4.82 28.92
CA ALA A 652 -26.92 -3.43 28.52
C ALA A 652 -27.13 -2.52 29.71
N CYS A 653 -26.18 -1.61 29.94
CA CYS A 653 -26.24 -0.70 31.07
C CYS A 653 -25.80 0.68 30.64
N VAL A 654 -26.27 1.69 31.37
CA VAL A 654 -25.88 3.08 31.18
C VAL A 654 -25.31 3.58 32.49
N ILE A 655 -24.12 4.16 32.45
CA ILE A 655 -23.43 4.63 33.64
C ILE A 655 -23.26 6.13 33.56
N HIS A 656 -23.65 6.83 34.62
CA HIS A 656 -23.48 8.28 34.68
C HIS A 656 -22.00 8.63 34.72
N GLY A 657 -21.67 9.80 34.20
CA GLY A 657 -20.28 10.24 34.16
C GLY A 657 -19.71 10.56 35.53
N THR A 658 -20.56 10.88 36.50
CA THR A 658 -20.07 11.18 37.85
C THR A 658 -19.54 9.96 38.58
N ASP A 659 -19.82 8.75 38.08
CA ASP A 659 -19.25 7.55 38.65
C ASP A 659 -17.91 7.17 38.04
N LEU A 660 -17.62 7.66 36.83
CA LEU A 660 -16.36 7.33 36.18
C LEU A 660 -15.17 7.85 36.97
N LYS A 661 -15.28 9.07 37.51
CA LYS A 661 -14.21 9.60 38.36
C LYS A 661 -14.01 8.76 39.61
N ASP A 662 -15.02 8.03 40.05
CA ASP A 662 -14.92 7.12 41.18
C ASP A 662 -14.76 5.67 40.74
N PHE A 663 -14.46 5.44 39.47
CA PHE A 663 -14.28 4.10 38.92
C PHE A 663 -12.80 3.84 38.67
N THR A 664 -12.30 2.71 39.18
CA THR A 664 -10.93 2.34 38.94
C THR A 664 -10.80 1.65 37.57
N SER A 665 -9.55 1.38 37.18
CA SER A 665 -9.30 0.75 35.89
C SER A 665 -9.89 -0.65 35.83
N GLU A 666 -9.79 -1.40 36.92
CA GLU A 666 -10.34 -2.75 36.94
C GLU A 666 -11.85 -2.74 36.77
N GLN A 667 -12.54 -1.78 37.40
CA GLN A 667 -13.99 -1.68 37.23
C GLN A 667 -14.35 -1.40 35.77
N ILE A 668 -13.60 -0.50 35.12
CA ILE A 668 -13.87 -0.18 33.72
C ILE A 668 -13.64 -1.41 32.84
N ASP A 669 -12.55 -2.13 33.08
CA ASP A 669 -12.30 -3.35 32.31
C ASP A 669 -13.41 -4.36 32.51
N GLU A 670 -13.88 -4.52 33.75
CA GLU A 670 -14.89 -5.53 34.03
C GLU A 670 -16.25 -5.16 33.43
N ILE A 671 -16.60 -3.87 33.43
CA ILE A 671 -17.87 -3.49 32.81
C ILE A 671 -17.76 -3.61 31.28
N LEU A 672 -16.59 -3.28 30.72
CA LEU A 672 -16.42 -3.40 29.28
C LEU A 672 -16.46 -4.85 28.83
N GLN A 673 -15.94 -5.77 29.63
CA GLN A 673 -15.86 -7.16 29.22
C GLN A 673 -17.14 -7.95 29.56
N ASN A 674 -17.57 -7.89 30.82
CA ASN A 674 -18.71 -8.70 31.24
C ASN A 674 -19.98 -8.30 30.52
N HIS A 675 -20.18 -7.00 30.30
CA HIS A 675 -21.40 -6.48 29.71
C HIS A 675 -21.30 -6.55 28.19
N THR A 676 -22.18 -5.83 27.51
CA THR A 676 -22.22 -5.76 26.05
C THR A 676 -22.41 -4.29 25.70
N GLU A 677 -22.86 -4.02 24.47
CA GLU A 677 -23.05 -2.65 23.99
C GLU A 677 -23.67 -1.77 25.07
N ILE A 678 -23.08 -0.59 25.27
CA ILE A 678 -23.37 0.27 26.41
C ILE A 678 -23.33 1.71 25.96
N VAL A 679 -23.84 2.59 26.84
CA VAL A 679 -23.92 4.02 26.57
C VAL A 679 -23.36 4.77 27.77
N PHE A 680 -22.48 5.72 27.52
CA PHE A 680 -21.91 6.56 28.55
C PHE A 680 -22.52 7.96 28.47
N ALA A 681 -22.87 8.52 29.62
CA ALA A 681 -23.55 9.82 29.65
C ALA A 681 -22.80 10.76 30.58
N ARG A 682 -22.87 12.06 30.25
CA ARG A 682 -22.24 13.12 31.01
C ARG A 682 -20.76 12.83 31.22
N THR A 683 -20.08 12.48 30.13
CA THR A 683 -18.66 12.12 30.17
C THR A 683 -17.84 13.32 29.71
N SER A 684 -16.94 13.78 30.57
CA SER A 684 -16.01 14.83 30.21
C SER A 684 -14.96 14.28 29.24
N PRO A 685 -14.30 15.16 28.48
CA PRO A 685 -13.30 14.67 27.51
C PRO A 685 -12.21 13.81 28.13
N GLN A 686 -11.78 14.12 29.35
CA GLN A 686 -10.80 13.26 30.03
C GLN A 686 -11.39 11.87 30.24
N GLN A 687 -12.68 11.79 30.58
CA GLN A 687 -13.32 10.49 30.70
C GLN A 687 -13.41 9.79 29.35
N LYS A 688 -13.59 10.54 28.26
CA LYS A 688 -13.54 9.95 26.94
C LYS A 688 -12.18 9.31 26.67
N LEU A 689 -11.11 10.03 27.02
CA LEU A 689 -9.77 9.46 26.91
C LEU A 689 -9.64 8.20 27.76
N ILE A 690 -10.20 8.23 28.97
CA ILE A 690 -10.08 7.10 29.88
C ILE A 690 -10.76 5.86 29.27
N ILE A 691 -11.97 6.03 28.75
CA ILE A 691 -12.69 4.87 28.22
C ILE A 691 -12.04 4.37 26.94
N VAL A 692 -11.55 5.27 26.09
CA VAL A 692 -10.86 4.85 24.88
C VAL A 692 -9.61 4.05 25.23
N GLU A 693 -8.83 4.55 26.19
CA GLU A 693 -7.61 3.84 26.59
C GLU A 693 -7.95 2.50 27.22
N GLY A 694 -9.02 2.44 28.03
CA GLY A 694 -9.41 1.18 28.62
C GLY A 694 -9.84 0.16 27.60
N CYS A 695 -10.58 0.59 26.57
CA CYS A 695 -10.99 -0.31 25.51
C CYS A 695 -9.79 -0.79 24.70
N GLN A 696 -8.81 0.10 24.47
CA GLN A 696 -7.61 -0.30 23.76
C GLN A 696 -6.75 -1.25 24.59
N ARG A 697 -6.83 -1.15 25.92
CA ARG A 697 -6.00 -1.98 26.79
C ARG A 697 -6.30 -3.46 26.62
N GLN A 698 -7.54 -3.80 26.26
CA GLN A 698 -7.98 -5.19 26.19
C GLN A 698 -7.66 -5.83 24.84
N GLY A 699 -6.64 -5.35 24.14
CA GLY A 699 -6.25 -5.92 22.87
C GLY A 699 -7.28 -5.76 21.77
N ALA A 700 -7.87 -4.57 21.65
CA ALA A 700 -8.86 -4.30 20.62
C ALA A 700 -8.47 -3.01 19.89
N ILE A 701 -9.00 -2.87 18.69
CA ILE A 701 -8.76 -1.69 17.85
C ILE A 701 -10.00 -0.81 17.91
N VAL A 702 -9.82 0.41 18.41
CA VAL A 702 -10.93 1.30 18.72
C VAL A 702 -10.96 2.43 17.71
N ALA A 703 -12.11 2.65 17.11
CA ALA A 703 -12.35 3.79 16.21
C ALA A 703 -13.44 4.66 16.82
N VAL A 704 -13.15 5.94 17.00
CA VAL A 704 -14.13 6.88 17.53
C VAL A 704 -14.58 7.79 16.39
N THR A 705 -15.84 8.17 16.45
CA THR A 705 -16.47 8.97 15.40
C THR A 705 -17.00 10.29 15.96
N GLY A 706 -16.21 10.95 16.80
CA GLY A 706 -16.65 12.20 17.37
C GLY A 706 -16.73 13.32 16.36
N ASP A 707 -17.47 14.37 16.73
CA ASP A 707 -17.63 15.53 15.86
C ASP A 707 -17.44 16.86 16.56
N GLY A 708 -17.60 16.94 17.87
CA GLY A 708 -17.44 18.19 18.60
C GLY A 708 -15.98 18.44 18.95
N VAL A 709 -15.78 19.44 19.81
CA VAL A 709 -14.44 19.76 20.28
C VAL A 709 -14.05 18.93 21.50
N ASN A 710 -15.01 18.33 22.20
CA ASN A 710 -14.71 17.54 23.39
C ASN A 710 -14.21 16.15 23.06
N ASP A 711 -14.33 15.70 21.81
CA ASP A 711 -13.87 14.39 21.42
C ASP A 711 -12.45 14.40 20.87
N SER A 712 -11.78 15.56 20.87
CA SER A 712 -10.45 15.65 20.28
C SER A 712 -9.43 14.71 20.92
N PRO A 713 -9.27 14.66 22.25
CA PRO A 713 -8.30 13.69 22.80
C PRO A 713 -8.64 12.25 22.45
N ALA A 714 -9.93 11.89 22.44
CA ALA A 714 -10.31 10.54 22.07
C ALA A 714 -9.91 10.23 20.63
N LEU A 715 -10.14 11.18 19.72
CA LEU A 715 -9.73 10.96 18.33
C LEU A 715 -8.22 10.86 18.22
N LYS A 716 -7.48 11.62 19.05
CA LYS A 716 -6.03 11.54 19.02
C LYS A 716 -5.55 10.17 19.47
N LYS A 717 -6.19 9.60 20.50
CA LYS A 717 -5.71 8.34 21.04
C LYS A 717 -6.27 7.12 20.31
N ALA A 718 -7.47 7.22 19.75
CA ALA A 718 -8.09 6.07 19.11
C ALA A 718 -7.32 5.64 17.87
N ASP A 719 -7.42 4.35 17.55
CA ASP A 719 -6.62 3.79 16.47
C ASP A 719 -6.93 4.43 15.12
N ILE A 720 -8.14 4.97 14.96
CA ILE A 720 -8.46 5.82 13.82
C ILE A 720 -9.60 6.74 14.23
N GLY A 721 -9.42 8.03 13.98
CA GLY A 721 -10.44 9.01 14.33
C GLY A 721 -11.19 9.52 13.12
N VAL A 722 -12.49 9.26 13.08
CA VAL A 722 -13.35 9.73 12.01
C VAL A 722 -14.12 10.94 12.53
N ALA A 723 -13.95 12.09 11.88
CA ALA A 723 -14.55 13.33 12.34
C ALA A 723 -15.35 13.96 11.22
N MET A 724 -16.49 14.56 11.59
CA MET A 724 -17.32 15.22 10.60
C MET A 724 -16.66 16.49 10.10
N GLY A 725 -16.96 16.86 8.87
CA GLY A 725 -16.34 18.03 8.25
C GLY A 725 -17.25 19.23 8.15
N ILE A 726 -18.52 19.01 7.83
CA ILE A 726 -19.45 20.14 7.68
C ILE A 726 -19.72 20.78 9.02
N ALA A 727 -20.01 19.98 10.05
CA ALA A 727 -20.34 20.48 11.37
C ALA A 727 -19.24 20.22 12.39
N GLY A 728 -18.10 19.70 11.97
CA GLY A 728 -17.03 19.40 12.90
C GLY A 728 -16.38 20.66 13.44
N SER A 729 -15.70 20.49 14.57
CA SER A 729 -15.03 21.60 15.22
C SER A 729 -13.74 21.94 14.48
N ASP A 730 -13.00 22.91 15.00
CA ASP A 730 -11.81 23.42 14.33
C ASP A 730 -10.54 22.71 14.76
N VAL A 731 -10.50 22.13 15.96
CA VAL A 731 -9.30 21.46 16.44
C VAL A 731 -9.43 19.94 16.44
N SER A 732 -10.65 19.40 16.57
CA SER A 732 -10.83 17.96 16.44
C SER A 732 -10.75 17.51 14.99
N LYS A 733 -11.14 18.37 14.06
CA LYS A 733 -11.06 18.03 12.65
C LYS A 733 -9.62 17.81 12.22
N GLN A 734 -8.70 18.64 12.71
CA GLN A 734 -7.30 18.52 12.34
C GLN A 734 -6.57 17.45 13.15
N ALA A 735 -7.17 16.93 14.21
CA ALA A 735 -6.54 15.92 15.05
C ALA A 735 -7.11 14.53 14.81
N ALA A 736 -7.55 14.26 13.59
CA ALA A 736 -8.13 12.98 13.22
C ALA A 736 -7.31 12.35 12.10
N ASP A 737 -7.75 11.19 11.63
CA ASP A 737 -7.09 10.47 10.55
C ASP A 737 -7.91 10.38 9.28
N MET A 738 -9.23 10.24 9.40
CA MET A 738 -10.13 10.28 8.25
C MET A 738 -11.22 11.30 8.52
N ILE A 739 -11.56 12.08 7.50
CA ILE A 739 -12.54 13.15 7.61
C ILE A 739 -13.66 12.90 6.61
N LEU A 740 -14.90 12.94 7.09
CA LEU A 740 -16.06 12.73 6.23
C LEU A 740 -16.54 14.09 5.72
N LEU A 741 -16.37 14.33 4.41
CA LEU A 741 -16.87 15.56 3.83
C LEU A 741 -18.37 15.53 3.63
N ASP A 742 -18.91 14.37 3.23
CA ASP A 742 -20.34 14.22 3.01
C ASP A 742 -21.14 14.14 4.31
N ASP A 743 -20.49 13.76 5.41
CA ASP A 743 -21.13 13.60 6.71
C ASP A 743 -22.22 12.53 6.68
N ASN A 744 -22.07 11.53 5.82
CA ASN A 744 -22.97 10.38 5.79
C ASN A 744 -22.31 9.25 6.55
N PHE A 745 -22.99 8.76 7.59
CA PHE A 745 -22.39 7.73 8.44
C PHE A 745 -22.21 6.41 7.71
N ALA A 746 -23.04 6.15 6.69
CA ALA A 746 -22.88 4.91 5.91
C ALA A 746 -21.53 4.83 5.23
N SER A 747 -20.86 5.98 5.04
CA SER A 747 -19.51 5.95 4.51
C SER A 747 -18.57 5.16 5.42
N ILE A 748 -18.87 5.09 6.72
CA ILE A 748 -17.98 4.35 7.61
C ILE A 748 -18.14 2.85 7.41
N VAL A 749 -19.35 2.36 7.14
CA VAL A 749 -19.48 0.94 6.86
C VAL A 749 -18.92 0.62 5.48
N THR A 750 -19.07 1.54 4.53
CA THR A 750 -18.36 1.38 3.26
C THR A 750 -16.86 1.27 3.50
N GLY A 751 -16.34 2.11 4.40
CA GLY A 751 -14.92 2.05 4.71
C GLY A 751 -14.50 0.76 5.37
N VAL A 752 -15.35 0.20 6.24
CA VAL A 752 -14.97 -1.04 6.91
C VAL A 752 -14.95 -2.20 5.91
N GLU A 753 -15.92 -2.25 5.00
CA GLU A 753 -15.90 -3.28 3.97
C GLU A 753 -14.70 -3.11 3.06
N GLU A 754 -14.38 -1.86 2.69
CA GLU A 754 -13.23 -1.59 1.86
C GLU A 754 -11.94 -1.96 2.57
N GLY A 755 -11.87 -1.75 3.88
CA GLY A 755 -10.69 -2.12 4.63
C GLY A 755 -10.45 -3.63 4.64
N ARG A 756 -11.52 -4.39 4.87
CA ARG A 756 -11.38 -5.84 4.80
C ARG A 756 -10.94 -6.28 3.40
N LEU A 757 -11.55 -5.70 2.37
CA LEU A 757 -11.21 -6.08 1.00
C LEU A 757 -9.77 -5.73 0.66
N ILE A 758 -9.31 -4.54 1.08
CA ILE A 758 -7.95 -4.14 0.76
C ILE A 758 -6.95 -4.95 1.55
N PHE A 759 -7.28 -5.38 2.76
CA PHE A 759 -6.39 -6.27 3.49
C PHE A 759 -6.23 -7.59 2.75
N ASP A 760 -7.34 -8.16 2.29
CA ASP A 760 -7.25 -9.41 1.54
C ASP A 760 -6.44 -9.23 0.25
N ASN A 761 -6.71 -8.15 -0.48
CA ASN A 761 -6.00 -7.93 -1.74
C ASN A 761 -4.51 -7.71 -1.51
N LEU A 762 -4.16 -6.99 -0.43
CA LEU A 762 -2.75 -6.80 -0.10
C LEU A 762 -2.08 -8.12 0.22
N LYS A 763 -2.78 -9.01 0.94
CA LYS A 763 -2.22 -10.33 1.23
C LYS A 763 -1.95 -11.08 -0.07
N LYS A 764 -2.92 -11.08 -0.98
CA LYS A 764 -2.74 -11.79 -2.25
C LYS A 764 -1.59 -11.21 -3.07
N SER A 765 -1.51 -9.88 -3.15
CA SER A 765 -0.45 -9.24 -3.90
C SER A 765 0.92 -9.52 -3.29
N ILE A 766 1.01 -9.52 -1.95
CA ILE A 766 2.28 -9.83 -1.30
C ILE A 766 2.69 -11.26 -1.61
N ALA A 767 1.74 -12.19 -1.60
CA ALA A 767 2.06 -13.57 -1.95
C ALA A 767 2.59 -13.67 -3.38
N TYR A 768 1.92 -12.99 -4.32
CA TYR A 768 2.35 -13.06 -5.71
C TYR A 768 3.71 -12.41 -5.91
N THR A 769 4.01 -11.35 -5.17
CA THR A 769 5.32 -10.73 -5.29
C THR A 769 6.40 -11.60 -4.67
N LEU A 770 6.09 -12.28 -3.55
CA LEU A 770 7.09 -13.07 -2.87
C LEU A 770 7.39 -14.36 -3.60
N THR A 771 6.43 -14.93 -4.33
CA THR A 771 6.69 -16.23 -4.94
C THR A 771 7.72 -16.17 -6.05
N SER A 772 8.11 -14.99 -6.53
CA SER A 772 9.13 -14.85 -7.56
C SER A 772 10.51 -14.62 -6.98
N ASN A 773 10.77 -15.12 -5.77
CA ASN A 773 12.05 -14.97 -5.11
C ASN A 773 12.96 -16.18 -5.29
N ILE A 774 12.41 -17.39 -5.18
CA ILE A 774 13.22 -18.59 -5.36
C ILE A 774 13.87 -18.65 -6.74
N PRO A 775 13.17 -18.36 -7.85
CA PRO A 775 13.87 -18.33 -9.14
C PRO A 775 14.89 -17.22 -9.27
N ALA A 776 15.09 -16.39 -8.24
CA ALA A 776 16.14 -15.39 -8.24
C ALA A 776 17.26 -15.71 -7.26
N ILE A 777 17.05 -16.67 -6.35
CA ILE A 777 18.11 -17.12 -5.44
C ILE A 777 18.74 -18.41 -5.94
N THR A 778 17.91 -19.35 -6.41
CA THR A 778 18.43 -20.63 -6.88
C THR A 778 19.48 -20.52 -7.99
N PRO A 779 19.36 -19.62 -8.98
CA PRO A 779 20.42 -19.55 -10.00
C PRO A 779 21.82 -19.36 -9.43
N PHE A 780 22.00 -18.38 -8.54
CA PHE A 780 23.31 -18.17 -7.94
C PHE A 780 23.75 -19.36 -7.11
N LEU A 781 22.80 -19.99 -6.42
CA LEU A 781 23.12 -21.16 -5.61
C LEU A 781 23.68 -22.28 -6.47
N LEU A 782 23.03 -22.56 -7.60
CA LEU A 782 23.54 -23.62 -8.48
C LEU A 782 24.83 -23.19 -9.17
N PHE A 783 24.97 -21.90 -9.46
CA PHE A 783 26.19 -21.40 -10.11
C PHE A 783 27.40 -21.56 -9.20
N ILE A 784 27.21 -21.37 -7.90
CA ILE A 784 28.32 -21.48 -6.96
C ILE A 784 28.53 -22.93 -6.51
N MET A 785 27.47 -23.60 -6.08
CA MET A 785 27.61 -24.93 -5.48
C MET A 785 27.95 -25.99 -6.53
N ALA A 786 27.25 -25.98 -7.66
CA ALA A 786 27.45 -26.99 -8.68
C ALA A 786 28.50 -26.60 -9.72
N ASN A 787 28.99 -25.36 -9.68
CA ASN A 787 30.01 -24.88 -10.60
C ASN A 787 29.57 -25.03 -12.06
N ILE A 788 28.44 -24.40 -12.37
CA ILE A 788 27.90 -24.37 -13.72
C ILE A 788 27.82 -22.91 -14.14
N PRO A 789 27.76 -22.63 -15.44
CA PRO A 789 27.65 -21.23 -15.88
C PRO A 789 26.41 -20.57 -15.31
N LEU A 790 26.54 -19.27 -15.02
CA LEU A 790 25.49 -18.56 -14.30
C LEU A 790 24.17 -18.64 -15.08
N PRO A 791 23.09 -19.07 -14.46
CA PRO A 791 21.82 -19.19 -15.17
C PRO A 791 21.08 -17.86 -15.31
N LEU A 792 21.15 -17.02 -14.29
CA LEU A 792 20.45 -15.74 -14.30
C LEU A 792 21.38 -14.64 -13.79
N GLY A 793 21.45 -13.54 -14.53
CA GLY A 793 22.28 -12.43 -14.16
C GLY A 793 21.61 -11.54 -13.13
N THR A 794 22.24 -10.39 -12.88
CA THR A 794 21.71 -9.44 -11.92
C THR A 794 20.75 -8.44 -12.57
N ILE A 795 21.10 -7.94 -13.76
CA ILE A 795 20.22 -6.99 -14.44
C ILE A 795 18.89 -7.64 -14.80
N THR A 796 18.92 -8.94 -15.12
CA THR A 796 17.68 -9.64 -15.42
C THR A 796 16.80 -9.77 -14.18
N ILE A 797 17.41 -9.94 -13.01
CA ILE A 797 16.62 -9.99 -11.78
C ILE A 797 15.94 -8.65 -11.54
N LEU A 798 16.65 -7.56 -11.76
CA LEU A 798 16.03 -6.24 -11.62
C LEU A 798 14.90 -6.06 -12.63
N CYS A 799 15.09 -6.54 -13.85
CA CYS A 799 14.04 -6.43 -14.86
C CYS A 799 12.80 -7.23 -14.45
N ILE A 800 12.99 -8.46 -13.97
CA ILE A 800 11.86 -9.29 -13.57
C ILE A 800 11.20 -8.77 -12.31
N ALA A 801 11.92 -7.99 -11.49
CA ALA A 801 11.34 -7.47 -10.26
C ALA A 801 10.65 -6.13 -10.46
N LEU A 802 11.09 -5.31 -11.42
CA LEU A 802 10.57 -3.97 -11.57
C LEU A 802 9.79 -3.73 -12.85
N GLY A 803 9.80 -4.65 -13.81
CA GLY A 803 9.13 -4.36 -15.06
C GLY A 803 7.96 -5.26 -15.37
N THR A 804 8.01 -6.51 -14.93
CA THR A 804 6.96 -7.47 -15.22
C THR A 804 6.24 -7.98 -13.98
N ALA A 805 6.81 -7.82 -12.80
CA ALA A 805 6.15 -8.21 -11.56
C ALA A 805 5.53 -7.03 -10.83
N MET A 806 5.45 -5.86 -11.48
CA MET A 806 4.86 -4.68 -10.85
C MET A 806 3.42 -4.46 -11.29
N VAL A 807 3.18 -4.30 -12.59
CA VAL A 807 1.82 -4.07 -13.07
C VAL A 807 0.87 -5.20 -12.66
N PRO A 808 1.25 -6.49 -12.78
CA PRO A 808 0.39 -7.53 -12.21
C PRO A 808 0.16 -7.38 -10.72
N ALA A 809 1.19 -6.99 -9.96
CA ALA A 809 1.03 -6.85 -8.52
C ALA A 809 0.04 -5.76 -8.18
N ILE A 810 0.12 -4.61 -8.87
CA ILE A 810 -0.87 -3.56 -8.67
C ILE A 810 -2.26 -4.02 -9.07
N SER A 811 -2.38 -4.65 -10.25
CA SER A 811 -3.69 -5.04 -10.74
C SER A 811 -4.34 -6.09 -9.86
N LEU A 812 -3.55 -6.82 -9.07
CA LEU A 812 -4.14 -7.78 -8.13
C LEU A 812 -4.92 -7.10 -7.02
N ALA A 813 -4.76 -5.80 -6.81
CA ALA A 813 -5.48 -5.08 -5.78
C ALA A 813 -6.79 -4.48 -6.27
N TYR A 814 -7.07 -4.54 -7.57
CA TYR A 814 -8.30 -4.02 -8.14
C TYR A 814 -9.43 -5.03 -8.13
N GLU A 815 -9.17 -6.25 -7.70
CA GLU A 815 -10.15 -7.33 -7.78
C GLU A 815 -11.11 -7.28 -6.59
N ALA A 816 -12.25 -7.94 -6.76
CA ALA A 816 -13.26 -8.06 -5.73
C ALA A 816 -13.00 -9.31 -4.88
N ALA A 817 -13.73 -9.41 -3.77
CA ALA A 817 -13.53 -10.48 -2.81
C ALA A 817 -14.71 -11.44 -2.83
N GLU A 818 -14.56 -12.52 -2.06
CA GLU A 818 -15.62 -13.49 -1.90
C GLU A 818 -16.81 -12.88 -1.16
N SER A 819 -18.01 -13.38 -1.46
CA SER A 819 -19.26 -12.76 -1.05
C SER A 819 -19.49 -12.75 0.46
N ASP A 820 -18.57 -13.27 1.26
CA ASP A 820 -18.74 -13.28 2.72
C ASP A 820 -17.85 -12.25 3.40
N ILE A 821 -17.67 -11.09 2.75
CA ILE A 821 -16.81 -10.05 3.32
C ILE A 821 -17.55 -9.20 4.35
N MET A 822 -18.88 -9.22 4.35
CA MET A 822 -19.65 -8.39 5.25
C MET A 822 -19.94 -9.07 6.58
N LYS A 823 -20.19 -10.38 6.58
CA LYS A 823 -20.45 -11.11 7.81
C LYS A 823 -19.19 -11.70 8.42
N ARG A 824 -18.03 -11.45 7.83
CA ARG A 824 -16.79 -11.98 8.36
C ARG A 824 -16.48 -11.36 9.71
N GLN A 825 -16.10 -12.19 10.68
CA GLN A 825 -15.72 -11.69 11.97
C GLN A 825 -14.45 -10.84 11.86
N PRO A 826 -14.31 -9.80 12.67
CA PRO A 826 -13.11 -8.97 12.59
C PRO A 826 -11.86 -9.78 12.85
N ARG A 827 -10.80 -9.45 12.10
CA ARG A 827 -9.55 -10.17 12.24
C ARG A 827 -8.93 -9.93 13.60
N ASN A 828 -8.45 -10.99 14.23
CA ASN A 828 -7.76 -10.86 15.50
C ASN A 828 -6.33 -10.41 15.25
N PRO A 829 -5.91 -9.26 15.77
CA PRO A 829 -4.59 -8.73 15.40
C PRO A 829 -3.43 -9.46 16.06
N ARG A 830 -3.71 -10.61 16.67
CA ARG A 830 -2.67 -11.40 17.31
C ARG A 830 -2.61 -12.85 16.84
N THR A 831 -3.52 -13.27 15.95
CA THR A 831 -3.51 -14.63 15.43
C THR A 831 -3.33 -14.66 13.92
N ASP A 832 -4.10 -13.87 13.18
CA ASP A 832 -4.04 -13.85 11.72
C ASP A 832 -3.31 -12.59 11.29
N LYS A 833 -2.07 -12.75 10.84
CA LYS A 833 -1.24 -11.62 10.42
C LYS A 833 -1.29 -11.45 8.91
N LEU A 834 -0.69 -10.36 8.44
CA LEU A 834 -0.61 -10.11 7.01
C LEU A 834 0.25 -11.16 6.31
N VAL A 835 1.37 -11.54 6.93
CA VAL A 835 2.25 -12.57 6.40
C VAL A 835 2.54 -13.55 7.52
N ASN A 836 2.23 -14.82 7.31
CA ASN A 836 2.42 -15.87 8.30
C ASN A 836 3.29 -16.97 7.69
N GLU A 837 3.53 -18.01 8.49
CA GLU A 837 4.38 -19.11 8.01
C GLU A 837 3.77 -19.81 6.81
N ARG A 838 2.44 -19.83 6.70
CA ARG A 838 1.80 -20.51 5.58
C ARG A 838 2.11 -19.81 4.26
N LEU A 839 2.03 -18.48 4.24
CA LEU A 839 2.31 -17.74 3.00
C LEU A 839 3.77 -17.90 2.58
N ILE A 840 4.69 -17.80 3.54
CA ILE A 840 6.11 -17.96 3.24
C ILE A 840 6.39 -19.37 2.71
N SER A 841 5.79 -20.38 3.35
CA SER A 841 5.96 -21.74 2.87
C SER A 841 5.43 -21.90 1.45
N MET A 842 4.24 -21.35 1.19
CA MET A 842 3.65 -21.47 -0.14
C MET A 842 4.51 -20.79 -1.20
N ALA A 843 5.10 -19.64 -0.85
CA ALA A 843 5.91 -18.90 -1.81
C ALA A 843 7.27 -19.52 -2.03
N TYR A 844 7.86 -20.13 -1.00
CA TYR A 844 9.26 -20.56 -1.08
C TYR A 844 9.45 -22.06 -1.25
N GLY A 845 8.42 -22.87 -1.08
CA GLY A 845 8.63 -24.31 -1.13
C GLY A 845 8.07 -25.00 -2.36
N GLN A 846 6.91 -24.55 -2.84
CA GLN A 846 6.24 -25.20 -3.95
C GLN A 846 6.18 -24.34 -5.19
N ILE A 847 5.57 -23.16 -5.10
CA ILE A 847 5.38 -22.33 -6.29
C ILE A 847 6.72 -21.81 -6.80
N GLY A 848 7.54 -21.27 -5.89
CA GLY A 848 8.85 -20.80 -6.30
C GLY A 848 9.73 -21.92 -6.82
N MET A 849 9.64 -23.10 -6.21
CA MET A 849 10.42 -24.22 -6.69
C MET A 849 10.00 -24.63 -8.10
N ILE A 850 8.69 -24.62 -8.39
CA ILE A 850 8.23 -24.94 -9.73
C ILE A 850 8.74 -23.91 -10.72
N GLN A 851 8.69 -22.63 -10.36
CA GLN A 851 9.19 -21.58 -11.25
C GLN A 851 10.67 -21.76 -11.53
N ALA A 852 11.46 -22.02 -10.49
CA ALA A 852 12.89 -22.23 -10.67
C ALA A 852 13.16 -23.46 -11.54
N LEU A 853 12.37 -24.51 -11.35
CA LEU A 853 12.53 -25.71 -12.15
C LEU A 853 12.27 -25.42 -13.62
N GLY A 854 11.22 -24.66 -13.92
CA GLY A 854 10.95 -24.29 -15.31
C GLY A 854 12.05 -23.44 -15.92
N GLY A 855 12.52 -22.46 -15.15
CA GLY A 855 13.62 -21.64 -15.65
C GLY A 855 14.86 -22.45 -15.93
N PHE A 856 15.21 -23.38 -15.03
CA PHE A 856 16.39 -24.20 -15.24
C PHE A 856 16.20 -25.16 -16.40
N PHE A 857 14.98 -25.66 -16.62
CA PHE A 857 14.74 -26.49 -17.79
C PHE A 857 14.96 -25.71 -19.07
N SER A 858 14.47 -24.47 -19.13
CA SER A 858 14.70 -23.64 -20.31
C SER A 858 16.19 -23.37 -20.50
N TYR A 859 16.91 -23.11 -19.40
CA TYR A 859 18.34 -22.85 -19.47
C TYR A 859 19.09 -24.06 -20.01
N PHE A 860 18.77 -25.25 -19.51
CA PHE A 860 19.41 -26.46 -20.02
C PHE A 860 19.07 -26.68 -21.49
N VAL A 861 17.81 -26.43 -21.86
CA VAL A 861 17.39 -26.61 -23.25
C VAL A 861 18.24 -25.74 -24.17
N ILE A 862 18.40 -24.47 -23.81
CA ILE A 862 19.09 -23.54 -24.70
C ILE A 862 20.59 -23.64 -24.63
N LEU A 863 21.14 -24.17 -23.53
CA LEU A 863 22.58 -24.40 -23.48
C LEU A 863 22.97 -25.77 -24.03
N ALA A 864 22.01 -26.64 -24.31
CA ALA A 864 22.31 -27.91 -24.98
C ALA A 864 22.00 -27.90 -26.46
N GLU A 865 21.10 -27.03 -26.91
CA GLU A 865 20.86 -26.90 -28.34
C GLU A 865 22.03 -26.26 -29.07
N ASN A 866 23.01 -25.72 -28.34
CA ASN A 866 24.17 -25.09 -28.96
C ASN A 866 25.45 -25.92 -28.83
N GLY A 867 25.45 -26.96 -28.01
CA GLY A 867 26.59 -27.85 -27.97
C GLY A 867 26.98 -28.40 -26.61
N PHE A 868 26.55 -27.73 -25.54
CA PHE A 868 26.91 -28.16 -24.19
C PHE A 868 25.82 -29.08 -23.65
N LEU A 869 26.07 -30.38 -23.69
CA LEU A 869 25.12 -31.34 -23.17
C LEU A 869 24.98 -31.15 -21.65
N PRO A 870 23.81 -31.47 -21.09
CA PRO A 870 23.61 -31.22 -19.66
C PRO A 870 24.60 -31.91 -18.76
N GLY A 871 25.08 -33.09 -19.15
CA GLY A 871 26.03 -33.81 -18.32
C GLY A 871 27.41 -33.20 -18.29
N ASN A 872 27.74 -32.36 -19.26
CA ASN A 872 29.07 -31.78 -19.36
C ASN A 872 29.19 -30.43 -18.65
N LEU A 873 28.09 -29.90 -18.10
CA LEU A 873 28.13 -28.58 -17.48
C LEU A 873 28.72 -28.59 -16.08
N VAL A 874 28.68 -29.73 -15.39
CA VAL A 874 29.15 -29.77 -14.00
C VAL A 874 30.65 -29.54 -13.96
N GLY A 875 31.08 -28.64 -13.09
CA GLY A 875 32.50 -28.33 -12.96
C GLY A 875 33.11 -27.68 -14.18
N ILE A 876 32.43 -26.70 -14.76
CA ILE A 876 32.94 -25.97 -15.91
C ILE A 876 32.97 -24.47 -15.70
N ARG A 877 32.42 -23.96 -14.60
CA ARG A 877 32.35 -22.52 -14.39
C ARG A 877 33.72 -21.89 -14.26
N LEU A 878 34.68 -22.61 -13.69
CA LEU A 878 36.02 -22.04 -13.50
C LEU A 878 36.67 -21.70 -14.82
N ASN A 879 36.51 -22.56 -15.82
CA ASN A 879 37.04 -22.29 -17.15
C ASN A 879 36.09 -21.46 -18.01
N TRP A 880 34.79 -21.54 -17.76
CA TRP A 880 33.82 -20.82 -18.56
C TRP A 880 34.00 -19.30 -18.40
N ASP A 881 34.24 -18.85 -17.18
CA ASP A 881 34.34 -17.43 -16.89
C ASP A 881 35.75 -16.87 -17.08
N ASP A 882 36.71 -17.70 -17.47
CA ASP A 882 38.08 -17.24 -17.65
C ASP A 882 38.22 -16.47 -18.96
N ARG A 883 38.90 -15.33 -18.89
CA ARG A 883 39.10 -14.51 -20.08
C ARG A 883 40.16 -15.07 -21.01
N THR A 884 41.18 -15.72 -20.46
CA THR A 884 42.29 -16.20 -21.27
C THR A 884 41.91 -17.46 -22.06
N VAL A 885 41.13 -18.35 -21.44
CA VAL A 885 40.76 -19.60 -22.09
C VAL A 885 39.82 -19.28 -23.25
N ASN A 886 40.31 -19.44 -24.47
CA ASN A 886 39.52 -19.17 -25.67
C ASN A 886 39.33 -20.42 -26.53
N ASP A 887 39.52 -21.60 -25.94
CA ASP A 887 39.36 -22.85 -26.66
C ASP A 887 38.61 -23.86 -25.79
N LEU A 888 37.54 -23.42 -25.15
CA LEU A 888 36.76 -24.27 -24.26
C LEU A 888 35.98 -25.29 -25.09
N GLU A 889 36.39 -26.55 -25.03
CA GLU A 889 35.75 -27.60 -25.79
C GLU A 889 34.44 -28.01 -25.14
N ASP A 890 33.39 -28.11 -25.94
CA ASP A 890 32.07 -28.51 -25.43
C ASP A 890 31.91 -30.02 -25.54
N SER A 891 30.68 -30.50 -25.35
CA SER A 891 30.43 -31.93 -25.37
C SER A 891 30.69 -32.52 -26.75
N TYR A 892 30.30 -31.80 -27.81
CA TYR A 892 30.39 -32.37 -29.14
C TYR A 892 31.84 -32.42 -29.64
N GLY A 893 32.64 -31.42 -29.30
CA GLY A 893 34.03 -31.43 -29.67
C GLY A 893 34.55 -30.08 -30.14
N GLN A 894 33.68 -29.28 -30.74
CA GLN A 894 34.08 -27.97 -31.24
C GLN A 894 34.43 -27.04 -30.08
N GLN A 895 35.33 -26.10 -30.36
CA GLN A 895 35.83 -25.17 -29.35
C GLN A 895 35.18 -23.81 -29.50
N TRP A 896 35.06 -23.11 -28.38
CA TRP A 896 34.48 -21.77 -28.34
C TRP A 896 35.49 -20.77 -27.83
N THR A 897 35.41 -19.54 -28.33
CA THR A 897 36.14 -18.44 -27.73
C THR A 897 35.35 -17.90 -26.55
N TYR A 898 35.88 -16.86 -25.90
CA TYR A 898 35.21 -16.29 -24.73
C TYR A 898 33.92 -15.60 -25.13
N GLU A 899 33.97 -14.77 -26.18
CA GLU A 899 32.81 -13.95 -26.53
C GLU A 899 31.63 -14.80 -26.97
N GLN A 900 31.88 -15.86 -27.75
CA GLN A 900 30.78 -16.68 -28.25
C GLN A 900 30.05 -17.39 -27.12
N ARG A 901 30.81 -17.99 -26.19
CA ARG A 901 30.16 -18.66 -25.07
C ARG A 901 29.49 -17.66 -24.13
N LYS A 902 30.04 -16.45 -24.00
CA LYS A 902 29.36 -15.43 -23.22
C LYS A 902 28.05 -15.02 -23.87
N VAL A 903 28.02 -14.96 -25.20
CA VAL A 903 26.79 -14.67 -25.91
C VAL A 903 25.75 -15.76 -25.66
N VAL A 904 26.19 -17.01 -25.69
CA VAL A 904 25.28 -18.12 -25.40
C VAL A 904 24.75 -18.01 -23.97
N GLU A 905 25.61 -17.65 -23.02
CA GLU A 905 25.17 -17.50 -21.64
C GLU A 905 24.15 -16.37 -21.51
N PHE A 906 24.36 -15.26 -22.21
CA PHE A 906 23.43 -14.15 -22.11
C PHE A 906 22.09 -14.48 -22.76
N THR A 907 22.10 -15.19 -23.89
CA THR A 907 20.82 -15.60 -24.45
C THR A 907 20.13 -16.62 -23.55
N CYS A 908 20.89 -17.41 -22.79
CA CYS A 908 20.29 -18.25 -21.77
C CYS A 908 19.67 -17.42 -20.66
N HIS A 909 20.30 -16.28 -20.31
CA HIS A 909 19.69 -15.36 -19.35
C HIS A 909 18.34 -14.88 -19.86
N THR A 910 18.28 -14.45 -21.13
CA THR A 910 17.02 -13.99 -21.68
C THR A 910 15.98 -15.11 -21.71
N ALA A 911 16.43 -16.33 -21.99
CA ALA A 911 15.54 -17.48 -21.96
C ALA A 911 14.96 -17.71 -20.57
N PHE A 912 15.81 -17.59 -19.54
CA PHE A 912 15.34 -17.72 -18.16
C PHE A 912 14.31 -16.64 -17.85
N PHE A 913 14.55 -15.42 -18.30
CA PHE A 913 13.60 -14.34 -18.08
C PHE A 913 12.26 -14.63 -18.74
N VAL A 914 12.29 -15.09 -19.99
CA VAL A 914 11.05 -15.40 -20.71
C VAL A 914 10.32 -16.55 -20.05
N SER A 915 11.06 -17.57 -19.60
CA SER A 915 10.42 -18.69 -18.91
C SER A 915 9.78 -18.24 -17.61
N ILE A 916 10.44 -17.34 -16.88
CA ILE A 916 9.85 -16.83 -15.64
C ILE A 916 8.56 -16.08 -15.94
N VAL A 917 8.55 -15.30 -17.04
CA VAL A 917 7.33 -14.60 -17.42
C VAL A 917 6.22 -15.59 -17.75
N VAL A 918 6.55 -16.63 -18.52
CA VAL A 918 5.53 -17.60 -18.93
C VAL A 918 4.96 -18.31 -17.71
N VAL A 919 5.81 -18.68 -16.75
CA VAL A 919 5.30 -19.30 -15.53
C VAL A 919 4.50 -18.31 -14.71
N GLN A 920 4.92 -17.04 -14.69
CA GLN A 920 4.20 -16.02 -13.93
C GLN A 920 2.80 -15.80 -14.45
N TRP A 921 2.57 -16.07 -15.74
CA TRP A 921 1.19 -16.12 -16.25
C TRP A 921 0.30 -16.94 -15.31
N ALA A 922 0.61 -18.22 -15.18
CA ALA A 922 -0.16 -19.10 -14.31
C ALA A 922 -0.02 -18.70 -12.85
N ASP A 923 1.15 -18.23 -12.44
CA ASP A 923 1.33 -17.80 -11.05
C ASP A 923 0.30 -16.75 -10.68
N LEU A 924 0.07 -15.78 -11.55
CA LEU A 924 -0.91 -14.75 -11.28
C LEU A 924 -2.34 -15.31 -11.41
N ILE A 925 -2.58 -16.17 -12.40
CA ILE A 925 -3.93 -16.68 -12.61
C ILE A 925 -4.40 -17.46 -11.39
N ILE A 926 -3.53 -18.31 -10.84
CA ILE A 926 -3.82 -19.05 -9.61
C ILE A 926 -3.78 -18.20 -8.35
N CYS A 927 -3.16 -17.01 -8.39
CA CYS A 927 -3.20 -16.11 -7.25
C CYS A 927 -4.37 -15.15 -7.29
N LYS A 928 -5.24 -15.27 -8.29
CA LYS A 928 -6.41 -14.42 -8.38
C LYS A 928 -7.38 -14.66 -7.23
N THR A 929 -7.34 -15.85 -6.62
CA THR A 929 -8.29 -16.21 -5.58
C THR A 929 -7.60 -17.05 -4.52
N ARG A 930 -8.24 -17.12 -3.35
CA ARG A 930 -7.71 -17.88 -2.22
C ARG A 930 -8.45 -19.18 -1.99
N ARG A 931 -9.78 -19.19 -2.03
CA ARG A 931 -10.57 -20.39 -1.87
C ARG A 931 -11.32 -20.79 -3.13
N ASN A 932 -12.08 -19.87 -3.72
CA ASN A 932 -12.83 -20.18 -4.93
C ASN A 932 -11.88 -20.47 -6.08
N SER A 933 -12.28 -21.44 -6.93
CA SER A 933 -11.48 -21.76 -8.10
C SER A 933 -11.61 -20.66 -9.15
N VAL A 934 -10.73 -20.74 -10.15
CA VAL A 934 -10.72 -19.72 -11.21
C VAL A 934 -12.03 -19.77 -12.00
N PHE A 935 -12.48 -20.97 -12.35
CA PHE A 935 -13.72 -21.11 -13.11
C PHE A 935 -14.92 -20.63 -12.30
N GLN A 936 -14.95 -20.97 -11.01
CA GLN A 936 -16.10 -20.63 -10.19
C GLN A 936 -16.19 -19.12 -9.96
N GLN A 937 -15.08 -18.49 -9.57
CA GLN A 937 -15.09 -17.06 -9.34
C GLN A 937 -15.21 -16.28 -10.64
N GLY A 938 -14.53 -16.73 -11.69
CA GLY A 938 -14.61 -16.07 -12.98
C GLY A 938 -13.55 -14.99 -13.15
N MET A 939 -13.13 -14.81 -14.40
CA MET A 939 -12.10 -13.83 -14.74
C MET A 939 -12.74 -12.53 -15.23
N LYS A 940 -13.47 -11.88 -14.34
CA LYS A 940 -14.19 -10.66 -14.66
C LYS A 940 -13.35 -9.40 -14.52
N ASN A 941 -12.09 -9.53 -14.13
CA ASN A 941 -11.21 -8.37 -13.94
C ASN A 941 -10.70 -7.89 -15.29
N LYS A 942 -11.06 -6.66 -15.68
CA LYS A 942 -10.65 -6.12 -16.97
C LYS A 942 -9.22 -5.60 -16.98
N ILE A 943 -8.64 -5.35 -15.81
CA ILE A 943 -7.26 -4.87 -15.76
C ILE A 943 -6.27 -6.03 -15.66
N LEU A 944 -6.71 -7.19 -15.19
CA LEU A 944 -5.80 -8.32 -15.02
C LEU A 944 -5.31 -8.85 -16.37
N ILE A 945 -6.21 -8.95 -17.35
CA ILE A 945 -5.81 -9.41 -18.66
C ILE A 945 -4.88 -8.41 -19.32
N PHE A 946 -5.17 -7.11 -19.16
CA PHE A 946 -4.25 -6.10 -19.66
C PHE A 946 -2.88 -6.24 -19.00
N GLY A 947 -2.87 -6.59 -17.71
CA GLY A 947 -1.60 -6.84 -17.04
C GLY A 947 -0.85 -8.00 -17.65
N LEU A 948 -1.54 -9.11 -17.92
CA LEU A 948 -0.88 -10.25 -18.57
C LEU A 948 -0.31 -9.85 -19.93
N PHE A 949 -1.10 -9.15 -20.73
CA PHE A 949 -0.67 -8.84 -22.09
C PHE A 949 0.46 -7.83 -22.09
N GLU A 950 0.42 -6.84 -21.20
CA GLU A 950 1.53 -5.91 -21.07
C GLU A 950 2.78 -6.61 -20.59
N GLU A 951 2.65 -7.56 -19.65
CA GLU A 951 3.79 -8.35 -19.20
C GLU A 951 4.45 -9.05 -20.38
N THR A 952 3.66 -9.77 -21.18
CA THR A 952 4.22 -10.49 -22.31
C THR A 952 4.78 -9.53 -23.36
N ALA A 953 4.13 -8.39 -23.58
CA ALA A 953 4.61 -7.44 -24.57
C ALA A 953 5.95 -6.85 -24.16
N LEU A 954 6.10 -6.51 -22.88
CA LEU A 954 7.38 -6.00 -22.41
C LEU A 954 8.45 -7.09 -22.49
N ALA A 955 8.09 -8.33 -22.15
CA ALA A 955 9.07 -9.41 -22.26
C ALA A 955 9.54 -9.58 -23.70
N ALA A 956 8.62 -9.53 -24.66
CA ALA A 956 9.00 -9.71 -26.05
C ALA A 956 9.80 -8.53 -26.58
N PHE A 957 9.32 -7.30 -26.33
CA PHE A 957 9.99 -6.13 -26.87
C PHE A 957 11.38 -5.96 -26.27
N LEU A 958 11.52 -6.19 -24.96
CA LEU A 958 12.79 -5.99 -24.31
C LEU A 958 13.81 -7.06 -24.69
N SER A 959 13.36 -8.16 -25.29
CA SER A 959 14.26 -9.22 -25.74
C SER A 959 14.40 -9.25 -27.26
N TYR A 960 13.85 -8.27 -27.97
CA TYR A 960 13.92 -8.24 -29.43
C TYR A 960 14.27 -6.88 -30.00
N CYS A 961 14.26 -5.82 -29.21
CA CYS A 961 14.58 -4.50 -29.74
C CYS A 961 16.04 -4.44 -30.16
N PRO A 962 16.33 -4.07 -31.41
CA PRO A 962 17.73 -4.05 -31.86
C PRO A 962 18.53 -2.97 -31.15
N GLY A 963 19.84 -3.21 -31.04
CA GLY A 963 20.74 -2.23 -30.50
C GLY A 963 20.73 -2.08 -29.00
N MET A 964 20.07 -2.97 -28.28
CA MET A 964 20.08 -2.93 -26.82
C MET A 964 20.84 -4.08 -26.19
N ASP A 965 21.18 -5.11 -26.96
CA ASP A 965 21.96 -6.23 -26.42
C ASP A 965 23.32 -5.79 -25.92
N VAL A 966 23.84 -4.65 -26.38
CA VAL A 966 25.11 -4.13 -25.89
C VAL A 966 24.97 -3.36 -24.59
N ALA A 967 23.76 -2.98 -24.22
CA ALA A 967 23.53 -2.16 -23.02
C ALA A 967 22.85 -2.93 -21.92
N LEU A 968 21.67 -3.50 -22.17
CA LEU A 968 20.93 -4.24 -21.17
C LEU A 968 21.21 -5.74 -21.24
N ARG A 969 22.02 -6.18 -22.20
CA ARG A 969 22.50 -7.55 -22.30
C ARG A 969 21.34 -8.55 -22.42
N MET A 970 20.61 -8.42 -23.53
CA MET A 970 19.60 -9.41 -23.88
C MET A 970 19.65 -9.68 -25.38
N TYR A 971 19.77 -10.95 -25.74
CA TYR A 971 19.85 -11.35 -27.13
C TYR A 971 18.56 -12.07 -27.54
N PRO A 972 18.18 -11.98 -28.81
CA PRO A 972 16.96 -12.66 -29.26
C PRO A 972 17.11 -14.17 -29.21
N LEU A 973 15.97 -14.84 -29.07
CA LEU A 973 15.94 -16.29 -29.00
C LEU A 973 15.02 -16.83 -30.10
N LYS A 974 15.26 -18.09 -30.46
CA LYS A 974 14.47 -18.73 -31.50
C LYS A 974 13.02 -18.86 -31.06
N PRO A 975 12.08 -18.81 -32.01
CA PRO A 975 10.65 -18.89 -31.64
C PRO A 975 10.29 -20.18 -30.92
N SER A 976 10.98 -21.28 -31.23
CA SER A 976 10.67 -22.56 -30.58
C SER A 976 10.98 -22.54 -29.10
N TRP A 977 11.75 -21.57 -28.62
CA TRP A 977 12.16 -21.50 -27.22
C TRP A 977 11.17 -20.75 -26.34
N TRP A 978 10.15 -20.13 -26.92
CA TRP A 978 9.13 -19.47 -26.10
C TRP A 978 8.26 -20.49 -25.37
N PHE A 979 8.12 -21.69 -25.93
CA PHE A 979 7.18 -22.69 -25.45
C PHE A 979 7.79 -23.64 -24.42
N CYS A 980 9.05 -23.43 -24.02
CA CYS A 980 9.71 -24.38 -23.13
C CYS A 980 9.11 -24.38 -21.74
N ALA A 981 8.53 -23.26 -21.30
CA ALA A 981 8.01 -23.14 -19.95
C ALA A 981 6.52 -23.44 -19.85
N PHE A 982 5.86 -23.79 -20.97
CA PHE A 982 4.43 -24.07 -20.93
C PHE A 982 4.07 -25.25 -20.02
N PRO A 983 4.75 -26.40 -20.07
CA PRO A 983 4.34 -27.52 -19.20
C PRO A 983 4.38 -27.17 -17.72
N TYR A 984 5.38 -26.38 -17.29
CA TYR A 984 5.46 -26.03 -15.88
C TYR A 984 4.31 -25.11 -15.47
N SER A 985 3.93 -24.17 -16.34
CA SER A 985 2.78 -23.33 -16.04
C SER A 985 1.51 -24.16 -15.95
N PHE A 986 1.34 -25.11 -16.86
CA PHE A 986 0.16 -25.98 -16.78
C PHE A 986 0.17 -26.79 -15.50
N LEU A 987 1.33 -27.31 -15.11
CA LEU A 987 1.43 -28.11 -13.90
C LEU A 987 1.09 -27.30 -12.67
N ILE A 988 1.59 -26.07 -12.57
CA ILE A 988 1.31 -25.26 -11.38
C ILE A 988 -0.16 -24.86 -11.35
N PHE A 989 -0.74 -24.55 -12.50
CA PHE A 989 -2.17 -24.22 -12.54
C PHE A 989 -3.01 -25.41 -12.07
N VAL A 990 -2.69 -26.60 -12.57
CA VAL A 990 -3.44 -27.80 -12.17
C VAL A 990 -3.26 -28.06 -10.68
N TYR A 991 -2.03 -27.90 -10.18
CA TYR A 991 -1.76 -28.16 -8.77
C TYR A 991 -2.58 -27.24 -7.88
N ASP A 992 -2.61 -25.94 -8.21
CA ASP A 992 -3.40 -25.05 -7.36
C ASP A 992 -4.89 -25.27 -7.52
N GLU A 993 -5.34 -25.67 -8.71
CA GLU A 993 -6.76 -26.00 -8.86
C GLU A 993 -7.14 -27.16 -7.95
N ILE A 994 -6.30 -28.20 -7.93
CA ILE A 994 -6.56 -29.35 -7.06
C ILE A 994 -6.50 -28.93 -5.59
N ARG A 995 -5.54 -28.08 -5.24
CA ARG A 995 -5.43 -27.62 -3.86
C ARG A 995 -6.67 -26.86 -3.42
N LYS A 996 -7.17 -25.96 -4.28
CA LYS A 996 -8.35 -25.19 -3.93
C LYS A 996 -9.58 -26.07 -3.85
N LEU A 997 -9.68 -27.08 -4.72
CA LEU A 997 -10.79 -28.03 -4.61
C LEU A 997 -10.74 -28.77 -3.29
N ILE A 998 -9.54 -29.19 -2.88
CA ILE A 998 -9.39 -29.87 -1.59
C ILE A 998 -9.78 -28.95 -0.44
N LEU A 999 -9.35 -27.68 -0.52
CA LEU A 999 -9.69 -26.72 0.54
C LEU A 999 -11.19 -26.54 0.64
N ARG A 1000 -11.88 -26.42 -0.49
CA ARG A 1000 -13.32 -26.21 -0.46
C ARG A 1000 -14.06 -27.44 0.04
N ARG A 1001 -13.65 -28.63 -0.40
CA ARG A 1001 -14.44 -29.83 -0.13
C ARG A 1001 -14.32 -30.29 1.32
N ASN A 1002 -13.20 -30.02 1.98
CA ASN A 1002 -12.96 -30.49 3.35
C ASN A 1002 -12.57 -29.31 4.24
N PRO A 1003 -13.54 -28.50 4.65
CA PRO A 1003 -13.22 -27.37 5.53
C PRO A 1003 -12.64 -27.85 6.86
N GLY A 1004 -11.68 -27.09 7.37
CA GLY A 1004 -11.04 -27.42 8.63
C GLY A 1004 -10.06 -28.57 8.56
N GLY A 1005 -9.72 -29.04 7.37
CA GLY A 1005 -8.82 -30.18 7.22
C GLY A 1005 -7.36 -29.80 7.39
N TRP A 1006 -6.51 -30.79 7.16
CA TRP A 1006 -5.07 -30.58 7.30
C TRP A 1006 -4.55 -29.59 6.26
N VAL A 1007 -5.03 -29.70 5.02
CA VAL A 1007 -4.55 -28.82 3.95
C VAL A 1007 -4.94 -27.38 4.25
N GLU A 1008 -6.19 -27.15 4.68
CA GLU A 1008 -6.60 -25.80 5.04
C GLU A 1008 -5.81 -25.29 6.23
N LYS A 1009 -5.51 -26.14 7.20
CA LYS A 1009 -4.78 -25.71 8.38
C LYS A 1009 -3.36 -25.28 8.01
N GLU A 1010 -2.68 -26.04 7.15
CA GLU A 1010 -1.26 -25.83 6.92
C GLU A 1010 -0.96 -25.11 5.61
N THR A 1011 -1.97 -24.72 4.83
CA THR A 1011 -1.70 -24.09 3.55
C THR A 1011 -2.45 -22.78 3.37
N TYR A 1012 -3.68 -22.72 3.87
CA TYR A 1012 -4.53 -21.56 3.62
C TYR A 1012 -4.02 -20.33 4.36
N TYR A 1013 -3.21 -19.52 3.68
CA TYR A 1013 -2.65 -18.32 4.29
C TYR A 1013 -3.69 -17.22 4.44
N SER B 19 11.29 -19.70 24.17
CA SER B 19 12.21 -20.57 23.44
C SER B 19 11.51 -21.88 23.04
N GLU B 20 12.07 -22.55 22.05
CA GLU B 20 11.51 -23.80 21.53
C GLU B 20 11.78 -24.92 22.53
N LYS B 21 10.76 -25.29 23.30
CA LYS B 21 10.91 -26.26 24.36
C LYS B 21 11.00 -27.68 23.79
N LYS B 22 11.09 -28.66 24.68
CA LYS B 22 11.17 -30.06 24.29
C LYS B 22 10.76 -30.92 25.46
N GLU B 23 10.41 -32.17 25.16
CA GLU B 23 10.09 -33.22 26.13
C GLU B 23 8.83 -32.90 26.95
N PHE B 24 8.14 -31.81 26.64
CA PHE B 24 6.91 -31.45 27.33
C PHE B 24 5.70 -31.51 26.40
N LEU B 25 5.74 -30.77 25.29
CA LEU B 25 4.68 -30.85 24.30
C LEU B 25 5.18 -30.93 22.85
N GLY B 26 6.41 -30.55 22.56
CA GLY B 26 6.95 -30.63 21.23
C GLY B 26 7.43 -29.27 20.72
N ARG B 27 8.21 -29.34 19.64
CA ARG B 27 8.74 -28.15 18.99
C ARG B 27 7.64 -27.54 18.13
N THR B 28 7.02 -26.46 18.63
CA THR B 28 5.90 -25.80 17.96
C THR B 28 4.80 -26.80 17.60
N GLY B 29 4.42 -27.60 18.60
CA GLY B 29 3.48 -28.68 18.33
C GLY B 29 4.08 -29.65 17.33
N GLY B 30 3.34 -29.89 16.25
CA GLY B 30 3.93 -30.59 15.12
C GLY B 30 3.82 -32.10 15.14
N SER B 31 4.88 -32.75 15.61
CA SER B 31 5.32 -34.12 15.40
C SER B 31 6.04 -34.26 14.06
N TRP B 32 6.01 -33.24 13.20
CA TRP B 32 6.95 -33.07 12.10
C TRP B 32 7.04 -34.30 11.21
N PHE B 33 5.90 -34.90 10.91
CA PHE B 33 5.88 -36.00 9.94
C PHE B 33 5.04 -35.67 8.72
N LYS B 34 3.84 -35.11 8.92
CA LYS B 34 3.00 -34.76 7.77
C LYS B 34 3.68 -33.73 6.89
N ILE B 35 4.26 -32.69 7.50
CA ILE B 35 4.96 -31.67 6.72
C ILE B 35 6.16 -32.27 6.01
N LEU B 36 6.98 -33.03 6.74
CA LEU B 36 8.18 -33.61 6.15
C LEU B 36 7.84 -34.59 5.04
N LEU B 37 6.86 -35.46 5.27
CA LEU B 37 6.48 -36.42 4.24
C LEU B 37 5.90 -35.73 3.02
N PHE B 38 5.06 -34.71 3.23
CA PHE B 38 4.49 -33.98 2.11
C PHE B 38 5.57 -33.30 1.29
N TYR B 39 6.52 -32.66 1.97
CA TYR B 39 7.58 -31.97 1.24
C TYR B 39 8.47 -32.95 0.50
N VAL B 40 8.80 -34.09 1.11
CA VAL B 40 9.71 -35.03 0.46
C VAL B 40 9.02 -35.67 -0.75
N ILE B 41 7.73 -36.00 -0.64
CA ILE B 41 7.06 -36.59 -1.79
C ILE B 41 6.86 -35.56 -2.90
N PHE B 42 6.57 -34.31 -2.53
CA PHE B 42 6.43 -33.27 -3.54
C PHE B 42 7.75 -33.05 -4.29
N TYR B 43 8.86 -32.99 -3.54
CA TYR B 43 10.15 -32.81 -4.19
C TYR B 43 10.56 -34.01 -5.01
N GLY B 44 10.21 -35.22 -4.57
CA GLY B 44 10.46 -36.39 -5.40
C GLY B 44 9.70 -36.35 -6.71
N CYS B 45 8.43 -35.97 -6.64
CA CYS B 45 7.64 -35.83 -7.87
C CYS B 45 8.22 -34.75 -8.78
N LEU B 46 8.65 -33.63 -8.19
CA LEU B 46 9.24 -32.56 -8.99
C LEU B 46 10.54 -33.01 -9.66
N ALA B 47 11.39 -33.71 -8.93
CA ALA B 47 12.61 -34.24 -9.53
C ALA B 47 12.28 -35.22 -10.64
N GLY B 48 11.26 -36.05 -10.44
CA GLY B 48 10.88 -37.00 -11.48
C GLY B 48 10.44 -36.31 -12.76
N ILE B 49 9.57 -35.30 -12.64
CA ILE B 49 9.10 -34.62 -13.84
C ILE B 49 10.24 -33.84 -14.49
N PHE B 50 11.13 -33.27 -13.69
CA PHE B 50 12.28 -32.57 -14.26
C PHE B 50 13.16 -33.52 -15.06
N ILE B 51 13.45 -34.69 -14.49
CA ILE B 51 14.29 -35.66 -15.20
C ILE B 51 13.60 -36.13 -16.47
N GLY B 52 12.29 -36.35 -16.40
CA GLY B 52 11.56 -36.75 -17.60
C GLY B 52 11.61 -35.70 -18.69
N THR B 53 11.44 -34.43 -18.31
CA THR B 53 11.51 -33.35 -19.29
C THR B 53 12.91 -33.27 -19.90
N ILE B 54 13.95 -33.39 -19.08
CA ILE B 54 15.30 -33.33 -19.60
C ILE B 54 15.55 -34.48 -20.57
N GLN B 55 15.08 -35.68 -20.24
CA GLN B 55 15.32 -36.83 -21.10
C GLN B 55 14.55 -36.72 -22.41
N VAL B 56 13.28 -36.29 -22.36
CA VAL B 56 12.53 -36.16 -23.60
C VAL B 56 13.12 -35.04 -24.46
N MET B 57 13.68 -34.01 -23.84
CA MET B 57 14.43 -33.02 -24.60
C MET B 57 15.65 -33.65 -25.26
N LEU B 58 16.42 -34.43 -24.50
CA LEU B 58 17.60 -35.09 -25.06
C LEU B 58 17.25 -36.00 -26.22
N LEU B 59 16.03 -36.55 -26.24
CA LEU B 59 15.64 -37.44 -27.32
C LEU B 59 15.45 -36.72 -28.65
N THR B 60 15.27 -35.39 -28.63
CA THR B 60 14.98 -34.65 -29.85
C THR B 60 16.22 -34.07 -30.53
N ILE B 61 17.39 -34.21 -29.93
CA ILE B 61 18.61 -33.67 -30.51
C ILE B 61 19.52 -34.82 -30.91
N SER B 62 20.33 -34.58 -31.95
CA SER B 62 21.23 -35.61 -32.46
C SER B 62 22.50 -35.67 -31.62
N GLU B 63 23.28 -36.72 -31.86
CA GLU B 63 24.56 -36.90 -31.19
C GLU B 63 25.75 -36.72 -32.11
N PHE B 64 25.54 -36.58 -33.41
CA PHE B 64 26.64 -36.39 -34.35
C PHE B 64 26.80 -34.94 -34.79
N LYS B 65 25.72 -34.17 -34.87
CA LYS B 65 25.78 -32.78 -35.26
C LYS B 65 24.91 -31.95 -34.34
N PRO B 66 25.33 -30.74 -33.98
CA PRO B 66 24.47 -29.87 -33.18
C PRO B 66 23.26 -29.43 -33.97
N THR B 67 22.17 -29.16 -33.24
CA THR B 67 20.97 -28.64 -33.88
C THR B 67 21.14 -27.17 -34.28
N TYR B 68 22.01 -26.44 -33.60
CA TYR B 68 22.30 -25.05 -33.92
C TYR B 68 23.80 -24.84 -33.91
N GLN B 69 24.29 -24.09 -34.89
CA GLN B 69 25.70 -23.74 -34.97
C GLN B 69 25.93 -22.27 -35.27
N ASP B 70 24.87 -21.45 -35.37
CA ASP B 70 25.04 -20.07 -35.78
C ASP B 70 25.79 -19.24 -34.74
N ARG B 71 25.63 -19.55 -33.44
CA ARG B 71 26.36 -18.79 -32.43
C ARG B 71 27.86 -19.01 -32.53
N VAL B 72 28.30 -20.11 -33.12
CA VAL B 72 29.72 -20.31 -33.43
C VAL B 72 29.97 -19.61 -34.77
N ALA B 73 30.51 -18.40 -34.72
CA ALA B 73 30.87 -17.64 -35.90
C ALA B 73 32.07 -18.31 -36.57
N PRO B 74 32.55 -17.80 -37.70
CA PRO B 74 33.84 -18.25 -38.23
C PRO B 74 34.86 -18.34 -37.12
N PRO B 75 35.61 -19.45 -37.05
CA PRO B 75 36.32 -19.80 -35.82
C PRO B 75 37.37 -18.77 -35.44
N GLY B 76 37.57 -18.64 -34.12
CA GLY B 76 38.59 -17.74 -33.62
C GLY B 76 39.97 -18.35 -33.71
N LEU B 77 40.96 -17.49 -33.97
CA LEU B 77 42.33 -17.93 -34.17
C LEU B 77 43.12 -17.79 -32.87
N THR B 78 42.73 -18.59 -31.89
CA THR B 78 43.41 -18.56 -30.60
C THR B 78 44.84 -19.10 -30.73
N GLN B 79 45.77 -18.48 -30.02
CA GLN B 79 47.14 -18.95 -29.99
C GLN B 79 47.27 -20.07 -28.97
N ILE B 80 48.23 -20.96 -29.21
CA ILE B 80 48.42 -22.16 -28.40
C ILE B 80 49.17 -21.85 -27.11
N PRO B 81 50.24 -21.03 -27.12
CA PRO B 81 50.86 -20.66 -25.83
C PRO B 81 49.90 -19.89 -24.94
N GLN B 82 49.49 -20.50 -23.83
CA GLN B 82 48.55 -19.86 -22.91
C GLN B 82 49.29 -18.85 -22.06
N ILE B 83 48.86 -17.59 -22.14
CA ILE B 83 49.49 -16.49 -21.40
C ILE B 83 48.39 -15.75 -20.65
N GLN B 84 48.64 -15.47 -19.37
CA GLN B 84 47.62 -14.86 -18.52
C GLN B 84 47.28 -13.45 -18.97
N LYS B 85 48.25 -12.55 -18.94
CA LYS B 85 48.04 -11.15 -19.29
C LYS B 85 48.22 -10.88 -20.77
N THR B 86 48.07 -11.91 -21.61
CA THR B 86 48.21 -11.84 -23.08
C THR B 86 49.47 -11.06 -23.51
N GLU B 87 50.49 -11.06 -22.66
CA GLU B 87 51.77 -10.45 -22.98
C GLU B 87 52.89 -11.43 -22.67
N ILE B 88 53.69 -11.75 -23.67
CA ILE B 88 54.81 -12.68 -23.51
C ILE B 88 56.01 -11.86 -23.03
N SER B 89 56.27 -11.92 -21.73
CA SER B 89 57.39 -11.21 -21.12
C SER B 89 58.32 -12.24 -20.48
N PHE B 90 59.61 -12.12 -20.78
CA PHE B 90 60.57 -13.10 -20.31
C PHE B 90 61.97 -12.51 -20.39
N ARG B 91 62.89 -13.12 -19.65
CA ARG B 91 64.31 -12.79 -19.71
C ARG B 91 65.06 -13.97 -20.31
N PRO B 92 65.67 -13.82 -21.49
CA PRO B 92 66.34 -14.98 -22.10
C PRO B 92 67.48 -15.55 -21.27
N ASN B 93 68.18 -14.71 -20.52
CA ASN B 93 69.33 -15.20 -19.76
C ASN B 93 68.89 -16.18 -18.66
N ASP B 94 67.81 -15.87 -17.96
CA ASP B 94 67.35 -16.71 -16.85
C ASP B 94 66.36 -17.75 -17.37
N PRO B 95 66.67 -19.04 -17.28
CA PRO B 95 65.70 -20.06 -17.72
C PRO B 95 64.39 -20.04 -16.97
N LYS B 96 64.40 -19.68 -15.67
CA LYS B 96 63.18 -19.69 -14.88
C LYS B 96 62.17 -18.64 -15.35
N SER B 97 62.63 -17.61 -16.07
CA SER B 97 61.71 -16.58 -16.53
C SER B 97 60.70 -17.13 -17.52
N TYR B 98 61.13 -18.02 -18.42
CA TYR B 98 60.26 -18.56 -19.46
C TYR B 98 60.04 -20.06 -19.32
N GLU B 99 60.30 -20.62 -18.13
CA GLU B 99 60.13 -22.05 -17.93
C GLU B 99 58.67 -22.47 -18.11
N ALA B 100 57.74 -21.66 -17.59
CA ALA B 100 56.32 -22.01 -17.67
C ALA B 100 55.85 -22.09 -19.12
N TYR B 101 56.30 -21.16 -19.97
CA TYR B 101 55.85 -21.13 -21.35
C TYR B 101 56.27 -22.39 -22.09
N VAL B 102 57.55 -22.74 -22.02
CA VAL B 102 58.04 -23.92 -22.72
C VAL B 102 57.42 -25.19 -22.14
N LEU B 103 57.23 -25.23 -20.81
CA LEU B 103 56.60 -26.39 -20.21
C LEU B 103 55.18 -26.57 -20.72
N ASN B 104 54.42 -25.47 -20.81
CA ASN B 104 53.06 -25.56 -21.34
C ASN B 104 53.08 -26.01 -22.80
N ILE B 105 54.01 -25.49 -23.58
CA ILE B 105 54.06 -25.85 -25.00
C ILE B 105 54.37 -27.34 -25.16
N VAL B 106 55.34 -27.85 -24.42
CA VAL B 106 55.69 -29.26 -24.57
C VAL B 106 54.56 -30.15 -24.06
N ARG B 107 53.90 -29.73 -22.98
CA ARG B 107 52.76 -30.49 -22.48
C ARG B 107 51.65 -30.56 -23.53
N PHE B 108 51.39 -29.44 -24.21
CA PHE B 108 50.37 -29.45 -25.25
C PHE B 108 50.79 -30.31 -26.44
N LEU B 109 52.05 -30.19 -26.86
CA LEU B 109 52.50 -30.80 -28.10
C LEU B 109 52.90 -32.27 -27.93
N GLU B 110 52.92 -32.79 -26.71
CA GLU B 110 53.24 -34.20 -26.53
C GLU B 110 52.24 -35.11 -27.24
N LYS B 111 51.05 -34.62 -27.57
CA LYS B 111 50.10 -35.42 -28.33
C LYS B 111 50.51 -35.52 -29.79
N TYR B 112 51.20 -34.52 -30.33
CA TYR B 112 51.56 -34.46 -31.73
C TYR B 112 52.82 -35.25 -32.07
N LYS B 113 53.45 -35.89 -31.09
CA LYS B 113 54.71 -36.58 -31.33
C LYS B 113 54.52 -37.73 -32.31
N ASP B 114 55.60 -38.06 -33.02
CA ASP B 114 55.52 -39.08 -34.07
C ASP B 114 55.21 -40.45 -33.51
N SER B 115 55.60 -40.73 -32.26
CA SER B 115 55.28 -42.02 -31.67
C SER B 115 53.78 -42.18 -31.44
N ALA B 116 53.08 -41.08 -31.16
CA ALA B 116 51.63 -41.15 -30.96
C ALA B 116 50.90 -41.41 -32.27
N GLN B 117 51.45 -40.94 -33.39
CA GLN B 117 50.82 -41.10 -34.70
C GLN B 117 51.30 -42.39 -35.35
N ARG B 118 50.35 -43.25 -35.73
CA ARG B 118 50.68 -44.53 -36.32
C ARG B 118 49.62 -44.92 -37.34
N ASP B 119 50.01 -45.79 -38.26
CA ASP B 119 49.10 -46.30 -39.29
C ASP B 119 48.22 -47.40 -38.72
N ASP B 120 47.56 -48.17 -39.60
CA ASP B 120 46.69 -49.28 -39.21
C ASP B 120 45.52 -48.78 -38.36
N MET B 121 44.67 -47.98 -39.02
CA MET B 121 43.38 -47.48 -38.55
C MET B 121 43.48 -46.64 -37.29
N ILE B 122 44.70 -46.41 -36.78
CA ILE B 122 44.88 -45.41 -35.75
C ILE B 122 44.89 -44.01 -36.36
N PHE B 123 45.65 -43.84 -37.44
CA PHE B 123 45.68 -42.62 -38.22
C PHE B 123 45.74 -43.03 -39.69
N GLU B 124 46.02 -42.06 -40.56
CA GLU B 124 46.14 -42.33 -41.98
C GLU B 124 47.26 -41.48 -42.57
N ASP B 125 47.79 -41.95 -43.70
CA ASP B 125 48.77 -41.17 -44.45
C ASP B 125 48.05 -40.12 -45.28
N CYS B 126 48.63 -38.93 -45.33
CA CYS B 126 48.03 -37.81 -46.04
C CYS B 126 49.06 -37.13 -46.92
N GLY B 127 48.58 -36.47 -47.97
CA GLY B 127 49.46 -35.84 -48.94
C GLY B 127 50.37 -34.78 -48.35
N ASP B 128 51.65 -34.84 -48.71
CA ASP B 128 52.61 -33.86 -48.21
C ASP B 128 52.26 -32.45 -48.68
N VAL B 129 51.86 -32.30 -49.94
CA VAL B 129 51.46 -31.02 -50.49
C VAL B 129 50.06 -30.70 -50.00
N PRO B 130 49.67 -29.42 -49.92
CA PRO B 130 48.29 -29.09 -49.51
C PRO B 130 47.27 -29.58 -50.52
N SER B 131 46.43 -30.54 -50.11
CA SER B 131 45.47 -31.16 -51.01
C SER B 131 44.08 -30.60 -50.78
N GLU B 132 43.12 -31.09 -51.56
CA GLU B 132 41.75 -30.64 -51.44
C GLU B 132 41.15 -31.14 -50.11
N PRO B 133 40.20 -30.40 -49.54
CA PRO B 133 39.60 -30.82 -48.27
C PRO B 133 38.74 -32.06 -48.41
N LYS B 134 39.39 -33.22 -48.53
CA LYS B 134 38.66 -34.46 -48.74
C LYS B 134 37.84 -34.83 -47.53
N GLU B 135 36.57 -35.16 -47.75
CA GLU B 135 35.65 -35.59 -46.71
C GLU B 135 35.60 -37.11 -46.65
N ARG B 136 34.96 -37.63 -45.62
CA ARG B 136 34.89 -39.06 -45.38
C ARG B 136 33.52 -39.67 -45.63
N GLY B 137 32.49 -38.85 -45.79
CA GLY B 137 31.16 -39.38 -46.04
C GLY B 137 30.05 -38.64 -45.32
N ASP B 138 28.99 -39.36 -44.97
CA ASP B 138 27.86 -38.76 -44.28
C ASP B 138 28.09 -38.76 -42.77
N PHE B 139 27.16 -38.15 -42.04
CA PHE B 139 27.26 -38.04 -40.59
C PHE B 139 26.55 -39.18 -39.86
N ASN B 140 25.99 -40.14 -40.58
CA ASN B 140 25.31 -41.25 -39.94
C ASN B 140 26.31 -42.22 -39.30
N HIS B 141 25.77 -43.13 -38.49
CA HIS B 141 26.59 -44.04 -37.70
C HIS B 141 26.88 -45.36 -38.42
N GLU B 142 26.47 -45.51 -39.67
CA GLU B 142 26.75 -46.75 -40.40
C GLU B 142 28.25 -46.97 -40.56
N ARG B 143 29.05 -45.92 -40.45
CA ARG B 143 30.50 -46.01 -40.48
C ARG B 143 31.06 -45.67 -39.11
N GLY B 144 32.10 -46.39 -38.71
CA GLY B 144 32.69 -46.17 -37.41
C GLY B 144 33.57 -44.94 -37.37
N GLU B 145 34.68 -45.02 -36.65
CA GLU B 145 35.59 -43.88 -36.53
C GLU B 145 36.34 -43.69 -37.84
N ARG B 146 36.10 -42.57 -38.52
CA ARG B 146 36.74 -42.30 -39.78
C ARG B 146 38.23 -42.01 -39.58
N LYS B 147 39.02 -42.41 -40.56
CA LYS B 147 40.46 -42.22 -40.49
C LYS B 147 40.80 -40.74 -40.50
N VAL B 148 41.72 -40.34 -39.62
CA VAL B 148 42.14 -38.95 -39.50
C VAL B 148 43.54 -38.80 -40.08
N CYS B 149 43.88 -37.56 -40.41
CA CYS B 149 45.19 -37.27 -40.98
C CYS B 149 46.26 -37.35 -39.90
N ARG B 150 47.49 -37.02 -40.29
CA ARG B 150 48.62 -37.01 -39.37
C ARG B 150 49.42 -35.73 -39.55
N PHE B 151 50.08 -35.29 -38.49
CA PHE B 151 50.84 -34.04 -38.51
C PHE B 151 51.96 -34.18 -37.48
N LYS B 152 53.17 -34.51 -37.96
CA LYS B 152 54.32 -34.63 -37.09
C LYS B 152 54.99 -33.27 -36.91
N LEU B 153 56.05 -33.24 -36.10
CA LEU B 153 56.78 -32.01 -35.83
C LEU B 153 57.90 -31.75 -36.83
N GLU B 154 58.08 -32.62 -37.82
CA GLU B 154 59.15 -32.40 -38.80
C GLU B 154 58.91 -31.14 -39.61
N TRP B 155 57.66 -30.79 -39.87
CA TRP B 155 57.38 -29.57 -40.63
C TRP B 155 57.87 -28.33 -39.89
N LEU B 156 57.65 -28.27 -38.58
CA LEU B 156 58.10 -27.13 -37.80
C LEU B 156 59.61 -27.21 -37.61
N GLY B 157 60.29 -26.08 -37.82
CA GLY B 157 61.74 -26.07 -37.78
C GLY B 157 62.35 -24.78 -38.28
N ASN B 158 63.30 -24.90 -39.21
CA ASN B 158 64.02 -23.76 -39.80
C ASN B 158 64.82 -22.98 -38.78
N CYS B 159 65.12 -23.60 -37.64
CA CYS B 159 65.93 -22.98 -36.60
C CYS B 159 67.37 -23.49 -36.61
N SER B 160 67.85 -23.95 -37.76
CA SER B 160 69.19 -24.49 -37.92
C SER B 160 69.45 -25.63 -36.92
N GLY B 161 68.46 -26.49 -36.76
CA GLY B 161 68.59 -27.62 -35.85
C GLY B 161 67.25 -28.28 -35.63
N LEU B 162 67.22 -29.17 -34.64
CA LEU B 162 65.96 -29.80 -34.24
C LEU B 162 65.02 -28.75 -33.65
N ASN B 163 63.73 -29.05 -33.70
CA ASN B 163 62.71 -28.12 -33.23
C ASN B 163 62.21 -28.42 -31.82
N ASP B 164 62.14 -29.70 -31.44
CA ASP B 164 61.48 -30.11 -30.20
C ASP B 164 60.12 -29.42 -30.12
N GLU B 165 59.90 -28.59 -29.10
CA GLU B 165 58.81 -27.63 -29.13
C GLU B 165 59.32 -26.20 -28.98
N THR B 166 60.02 -25.88 -27.90
CA THR B 166 60.38 -24.51 -27.56
C THR B 166 61.80 -24.46 -26.98
N TYR B 167 62.78 -24.97 -27.74
CA TYR B 167 64.11 -25.32 -27.25
C TYR B 167 64.60 -24.44 -26.11
N GLY B 168 64.44 -23.11 -26.24
CA GLY B 168 64.67 -22.24 -25.11
C GLY B 168 65.82 -21.26 -25.25
N TYR B 169 66.38 -21.17 -26.45
CA TYR B 169 67.48 -20.24 -26.70
C TYR B 169 66.93 -18.83 -26.83
N LYS B 170 67.81 -17.89 -27.18
CA LYS B 170 67.45 -16.49 -27.36
C LYS B 170 67.53 -16.08 -28.83
N GLU B 171 67.30 -17.04 -29.74
CA GLU B 171 67.31 -16.77 -31.17
C GLU B 171 66.04 -16.03 -31.56
N GLY B 172 65.92 -14.81 -31.07
CA GLY B 172 64.71 -14.04 -31.21
C GLY B 172 63.81 -14.20 -30.00
N LYS B 173 62.80 -15.05 -30.12
CA LYS B 173 61.83 -15.30 -29.06
C LYS B 173 61.41 -16.75 -29.13
N PRO B 174 60.87 -17.29 -28.03
CA PRO B 174 60.33 -18.65 -28.08
C PRO B 174 59.23 -18.76 -29.14
N CYS B 175 59.38 -19.76 -30.01
CA CYS B 175 58.46 -19.96 -31.13
C CYS B 175 57.03 -20.15 -30.66
N ILE B 176 56.17 -19.18 -30.95
CA ILE B 176 54.74 -19.31 -30.67
C ILE B 176 54.06 -19.87 -31.91
N ILE B 177 53.08 -20.74 -31.69
CA ILE B 177 52.39 -21.44 -32.77
C ILE B 177 50.89 -21.28 -32.56
N ILE B 178 50.17 -21.12 -33.67
CA ILE B 178 48.76 -20.73 -33.63
C ILE B 178 47.92 -21.81 -34.28
N LYS B 179 46.65 -21.88 -33.85
CA LYS B 179 45.73 -22.91 -34.30
C LYS B 179 44.36 -22.28 -34.54
N LEU B 180 43.55 -22.96 -35.35
CA LEU B 180 42.18 -22.55 -35.62
C LEU B 180 41.24 -23.43 -34.81
N ASN B 181 40.27 -22.78 -34.15
CA ASN B 181 39.31 -23.52 -33.34
C ASN B 181 38.50 -24.47 -34.20
N ARG B 182 38.63 -25.77 -33.94
CA ARG B 182 37.92 -26.77 -34.74
C ARG B 182 36.42 -26.62 -34.54
N VAL B 183 35.68 -26.64 -35.64
CA VAL B 183 34.23 -26.49 -35.63
C VAL B 183 33.63 -27.65 -36.42
N LEU B 184 32.54 -28.21 -35.90
CA LEU B 184 31.95 -29.39 -36.50
C LEU B 184 31.45 -29.10 -37.91
N GLY B 185 31.81 -29.96 -38.85
CA GLY B 185 31.32 -29.84 -40.22
C GLY B 185 31.64 -28.52 -40.89
N PHE B 186 32.85 -28.01 -40.72
CA PHE B 186 33.23 -26.69 -41.21
C PHE B 186 34.42 -26.84 -42.14
N LYS B 187 34.26 -26.38 -43.38
CA LYS B 187 35.32 -26.41 -44.38
C LYS B 187 35.63 -24.99 -44.85
N PRO B 188 36.69 -24.37 -44.35
CA PRO B 188 36.98 -22.98 -44.72
C PRO B 188 37.32 -22.85 -46.21
N LYS B 189 36.95 -21.69 -46.76
CA LYS B 189 37.17 -21.40 -48.17
C LYS B 189 38.20 -20.28 -48.33
N PRO B 190 39.36 -20.55 -48.91
CA PRO B 190 40.33 -19.48 -49.15
C PRO B 190 39.82 -18.53 -50.21
N PRO B 191 40.26 -17.26 -50.19
CA PRO B 191 39.83 -16.33 -51.24
C PRO B 191 40.34 -16.74 -52.60
N LYS B 192 39.55 -16.41 -53.63
CA LYS B 192 39.87 -16.78 -55.01
C LYS B 192 39.68 -15.55 -55.89
N ASN B 193 40.77 -14.84 -56.17
CA ASN B 193 40.75 -13.67 -57.04
C ASN B 193 42.20 -13.35 -57.40
N GLU B 194 42.41 -12.21 -58.06
CA GLU B 194 43.73 -11.77 -58.47
C GLU B 194 44.00 -10.38 -57.91
N SER B 195 45.12 -10.22 -57.23
CA SER B 195 45.54 -8.95 -56.64
C SER B 195 44.49 -8.42 -55.66
N LEU B 196 44.26 -9.19 -54.61
CA LEU B 196 43.34 -8.79 -53.55
C LEU B 196 44.05 -7.84 -52.59
N GLU B 197 43.43 -7.58 -51.44
CA GLU B 197 44.05 -6.71 -50.45
C GLU B 197 45.27 -7.33 -49.78
N THR B 198 45.51 -8.62 -49.98
CA THR B 198 46.67 -9.29 -49.42
C THR B 198 47.78 -9.36 -50.47
N TYR B 199 49.00 -9.00 -50.07
CA TYR B 199 50.16 -8.98 -50.96
C TYR B 199 51.31 -9.74 -50.32
N PRO B 200 51.32 -11.07 -50.43
CA PRO B 200 52.44 -11.87 -49.95
C PRO B 200 53.47 -12.13 -51.05
N VAL B 201 54.62 -12.65 -50.64
CA VAL B 201 55.68 -12.96 -51.59
C VAL B 201 55.30 -14.17 -52.44
N MET B 202 54.78 -15.22 -51.81
CA MET B 202 54.40 -16.44 -52.51
C MET B 202 53.12 -16.99 -51.88
N LYS B 203 52.06 -17.06 -52.69
CA LYS B 203 50.78 -17.56 -52.21
C LYS B 203 49.91 -17.94 -53.40
N TYR B 204 49.36 -19.16 -53.36
CA TYR B 204 48.43 -19.62 -54.38
C TYR B 204 47.08 -19.88 -53.71
N ASN B 205 46.02 -19.58 -54.45
CA ASN B 205 44.68 -19.55 -53.85
C ASN B 205 44.25 -20.88 -53.23
N PRO B 206 44.31 -22.02 -53.93
CA PRO B 206 43.70 -23.23 -53.36
C PRO B 206 44.51 -23.80 -52.21
N ASN B 207 43.80 -24.47 -51.30
CA ASN B 207 44.29 -25.38 -50.27
C ASN B 207 45.05 -24.70 -49.13
N VAL B 208 45.20 -23.38 -49.14
CA VAL B 208 45.89 -22.68 -48.07
C VAL B 208 45.15 -21.38 -47.75
N LEU B 209 44.98 -21.10 -46.46
CA LEU B 209 44.42 -19.82 -46.03
C LEU B 209 45.57 -18.89 -45.70
N PRO B 210 45.79 -17.82 -46.45
CA PRO B 210 46.93 -16.94 -46.16
C PRO B 210 46.82 -16.33 -44.76
N VAL B 211 47.96 -16.22 -44.10
CA VAL B 211 48.05 -15.69 -42.74
C VAL B 211 49.12 -14.61 -42.71
N GLN B 212 48.77 -13.45 -42.15
CA GLN B 212 49.68 -12.33 -42.05
C GLN B 212 49.83 -11.93 -40.59
N CYS B 213 51.03 -11.48 -40.22
CA CYS B 213 51.35 -11.07 -38.85
C CYS B 213 51.90 -9.65 -38.90
N THR B 214 51.00 -8.66 -38.88
CA THR B 214 51.37 -7.25 -38.87
C THR B 214 50.55 -6.55 -37.79
N GLY B 215 51.21 -5.71 -37.00
CA GLY B 215 50.53 -5.02 -35.92
C GLY B 215 51.00 -3.60 -35.67
N LYS B 216 50.06 -2.66 -35.68
CA LYS B 216 50.35 -1.23 -35.49
C LYS B 216 51.43 -0.75 -36.46
N ARG B 217 51.32 -1.19 -37.71
CA ARG B 217 52.32 -0.87 -38.72
C ARG B 217 52.28 0.61 -39.06
N ASP B 218 53.46 1.19 -39.24
CA ASP B 218 53.70 2.59 -39.65
C ASP B 218 53.29 3.59 -38.59
N GLU B 219 52.72 3.15 -37.47
CA GLU B 219 52.29 4.05 -36.41
C GLU B 219 53.27 4.05 -35.24
N ASP B 220 53.51 2.88 -34.64
CA ASP B 220 54.41 2.77 -33.50
C ASP B 220 55.42 1.65 -33.70
N LYS B 221 55.03 0.62 -34.45
CA LYS B 221 55.91 -0.53 -34.64
C LYS B 221 57.19 -0.12 -35.36
N ASP B 222 57.04 0.52 -36.52
CA ASP B 222 58.18 0.97 -37.32
C ASP B 222 59.14 -0.17 -37.61
N LYS B 223 58.57 -1.34 -37.92
CA LYS B 223 59.33 -2.51 -38.37
C LYS B 223 60.35 -2.95 -37.31
N VAL B 224 59.80 -3.39 -36.17
CA VAL B 224 60.64 -3.88 -35.07
C VAL B 224 61.34 -5.18 -35.47
N GLY B 225 60.58 -6.14 -36.01
CA GLY B 225 61.12 -7.46 -36.28
C GLY B 225 60.59 -8.04 -37.58
N ASN B 226 61.18 -9.15 -37.97
CA ASN B 226 60.80 -9.87 -39.18
C ASN B 226 60.04 -11.14 -38.80
N VAL B 227 58.88 -11.34 -39.42
CA VAL B 227 58.01 -12.47 -39.13
C VAL B 227 58.29 -13.57 -40.15
N GLU B 228 58.59 -14.77 -39.63
CA GLU B 228 58.84 -15.93 -40.48
C GLU B 228 57.87 -17.03 -40.11
N TYR B 229 57.10 -17.51 -41.08
CA TYR B 229 56.16 -18.59 -40.89
C TYR B 229 56.70 -19.85 -41.57
N PHE B 230 56.65 -20.97 -40.86
CA PHE B 230 56.95 -22.27 -41.46
C PHE B 230 55.88 -23.26 -41.02
N GLY B 231 55.30 -23.95 -42.00
CA GLY B 231 54.27 -24.94 -41.74
C GLY B 231 54.29 -26.04 -42.79
N LEU B 232 53.13 -26.40 -43.31
CA LEU B 232 53.01 -27.40 -44.36
C LEU B 232 52.87 -26.71 -45.71
N GLY B 233 53.68 -27.13 -46.68
CA GLY B 233 53.60 -26.60 -48.02
C GLY B 233 54.22 -25.23 -48.21
N ASN B 234 55.02 -24.75 -47.25
CA ASN B 234 55.78 -23.51 -47.33
C ASN B 234 54.88 -22.29 -47.51
N SER B 235 53.57 -22.49 -47.52
CA SER B 235 52.71 -21.32 -47.62
C SER B 235 52.18 -20.93 -46.25
N PRO B 236 52.04 -19.64 -45.96
CA PRO B 236 51.61 -19.22 -44.62
C PRO B 236 50.14 -19.51 -44.36
N GLY B 237 49.82 -20.76 -44.05
CA GLY B 237 48.44 -21.09 -43.76
C GLY B 237 48.28 -22.53 -43.33
N PHE B 238 47.05 -22.88 -43.02
CA PHE B 238 46.66 -24.23 -42.62
C PHE B 238 46.29 -25.05 -43.84
N PRO B 239 46.90 -26.22 -44.04
CA PRO B 239 46.52 -27.07 -45.18
C PRO B 239 45.06 -27.49 -45.08
N LEU B 240 44.39 -27.55 -46.24
CA LEU B 240 42.96 -27.81 -46.26
C LEU B 240 42.62 -29.30 -46.24
N GLN B 241 43.58 -30.19 -46.49
CA GLN B 241 43.27 -31.61 -46.53
C GLN B 241 42.88 -32.16 -45.17
N TYR B 242 43.16 -31.44 -44.09
CA TYR B 242 42.80 -31.91 -42.75
C TYR B 242 41.32 -31.71 -42.47
N TYR B 243 40.75 -30.61 -42.94
CA TYR B 243 39.36 -30.30 -42.71
C TYR B 243 38.46 -31.24 -43.53
N PRO B 244 37.20 -31.44 -43.10
CA PRO B 244 36.52 -30.85 -41.95
C PRO B 244 36.43 -31.79 -40.75
N TYR B 245 36.15 -31.23 -39.56
CA TYR B 245 35.91 -32.03 -38.38
C TYR B 245 34.63 -32.85 -38.54
N TYR B 246 34.58 -33.98 -37.85
CA TYR B 246 33.42 -34.86 -37.90
C TYR B 246 32.83 -35.19 -36.54
N GLY B 247 33.53 -34.90 -35.44
CA GLY B 247 32.99 -35.12 -34.11
C GLY B 247 33.89 -35.94 -33.22
N LYS B 248 33.91 -35.58 -31.93
CA LYS B 248 34.68 -36.36 -30.96
C LYS B 248 34.18 -37.80 -30.89
N LEU B 249 32.86 -37.98 -30.96
CA LEU B 249 32.29 -39.33 -31.00
C LEU B 249 32.63 -40.05 -32.29
N LEU B 250 32.92 -39.33 -33.36
CA LEU B 250 33.20 -39.92 -34.66
C LEU B 250 34.66 -39.87 -35.07
N GLN B 251 35.41 -38.87 -34.63
CA GLN B 251 36.81 -38.72 -34.98
C GLN B 251 37.64 -38.40 -33.74
N PRO B 252 37.79 -39.37 -32.83
CA PRO B 252 38.65 -39.15 -31.67
C PRO B 252 40.10 -39.01 -32.07
N LYS B 253 40.85 -38.27 -31.25
CA LYS B 253 42.27 -38.02 -31.49
C LYS B 253 42.49 -37.34 -32.84
N TYR B 254 41.60 -36.42 -33.20
CA TYR B 254 41.76 -35.67 -34.43
C TYR B 254 42.89 -34.65 -34.28
N LEU B 255 43.79 -34.61 -35.25
CA LEU B 255 44.98 -33.78 -35.20
C LEU B 255 44.78 -32.57 -36.11
N GLN B 256 44.48 -31.42 -35.50
CA GLN B 256 44.21 -30.22 -36.28
C GLN B 256 45.50 -29.64 -36.85
N PRO B 257 45.41 -28.96 -38.00
CA PRO B 257 46.61 -28.36 -38.58
C PRO B 257 47.16 -27.24 -37.70
N LEU B 258 48.48 -27.11 -37.71
CA LEU B 258 49.18 -26.13 -36.88
C LEU B 258 50.06 -25.25 -37.76
N LEU B 259 50.28 -24.02 -37.31
CA LEU B 259 51.18 -23.10 -37.97
C LEU B 259 52.09 -22.45 -36.94
N ALA B 260 53.38 -22.37 -37.27
CA ALA B 260 54.39 -21.84 -36.36
C ALA B 260 55.00 -20.57 -36.95
N VAL B 261 55.27 -19.60 -36.08
CA VAL B 261 55.87 -18.33 -36.48
C VAL B 261 57.08 -18.07 -35.60
N GLN B 262 58.04 -17.33 -36.13
CA GLN B 262 59.24 -16.98 -35.38
C GLN B 262 59.72 -15.59 -35.80
N PHE B 263 60.14 -14.80 -34.82
CA PHE B 263 60.70 -13.48 -35.05
C PHE B 263 62.18 -13.53 -34.68
N THR B 264 63.05 -13.19 -35.63
CA THR B 264 64.49 -13.33 -35.44
C THR B 264 65.16 -12.04 -34.99
N ASN B 265 65.00 -10.96 -35.77
CA ASN B 265 65.61 -9.68 -35.45
C ASN B 265 64.61 -8.80 -34.72
N LEU B 266 64.26 -9.24 -33.51
CA LEU B 266 63.32 -8.54 -32.65
C LEU B 266 64.10 -7.75 -31.60
N THR B 267 63.85 -6.45 -31.54
CA THR B 267 64.59 -5.60 -30.62
C THR B 267 64.22 -5.90 -29.16
N MET B 268 65.21 -5.75 -28.28
CA MET B 268 65.02 -6.00 -26.87
C MET B 268 64.64 -4.73 -26.13
N ASP B 269 64.06 -4.92 -24.94
CA ASP B 269 63.67 -3.82 -24.06
C ASP B 269 62.68 -2.87 -24.72
N THR B 270 61.85 -3.40 -25.62
CA THR B 270 60.88 -2.60 -26.35
C THR B 270 59.51 -3.27 -26.29
N GLU B 271 58.48 -2.46 -26.06
CA GLU B 271 57.11 -2.94 -25.95
C GLU B 271 56.41 -2.73 -27.29
N ILE B 272 56.05 -3.84 -27.95
CA ILE B 272 55.40 -3.78 -29.26
C ILE B 272 54.14 -4.64 -29.22
N ARG B 273 53.18 -4.29 -30.07
CA ARG B 273 51.95 -5.04 -30.23
C ARG B 273 51.90 -5.63 -31.62
N ILE B 274 51.79 -6.95 -31.70
CA ILE B 274 51.74 -7.66 -32.97
C ILE B 274 50.45 -8.48 -33.01
N GLU B 275 49.76 -8.43 -34.14
CA GLU B 275 48.49 -9.12 -34.30
C GLU B 275 48.50 -9.93 -35.58
N CYS B 276 48.17 -11.21 -35.47
CA CYS B 276 48.12 -12.12 -36.61
C CYS B 276 46.68 -12.44 -36.93
N LYS B 277 46.32 -12.38 -38.21
CA LYS B 277 44.97 -12.66 -38.66
C LYS B 277 45.01 -13.56 -39.89
N ALA B 278 43.94 -14.30 -40.09
CA ALA B 278 43.81 -15.21 -41.23
C ALA B 278 42.73 -14.69 -42.16
N TYR B 279 43.07 -14.55 -43.43
CA TYR B 279 42.12 -14.08 -44.43
C TYR B 279 41.33 -15.26 -45.00
N GLY B 280 40.09 -14.99 -45.37
CA GLY B 280 39.23 -16.01 -45.94
C GLY B 280 37.90 -15.45 -46.38
N GLU B 281 37.31 -16.06 -47.42
CA GLU B 281 36.02 -15.60 -47.91
C GLU B 281 34.93 -15.81 -46.87
N ASN B 282 34.93 -16.97 -46.21
CA ASN B 282 33.90 -17.31 -45.24
C ASN B 282 34.31 -17.03 -43.80
N ILE B 283 35.48 -16.42 -43.59
CA ILE B 283 35.96 -16.07 -42.26
C ILE B 283 35.58 -14.63 -41.98
N GLY B 284 34.94 -14.41 -40.83
CA GLY B 284 34.45 -13.09 -40.47
C GLY B 284 35.25 -12.42 -39.37
N TYR B 285 35.11 -11.11 -39.25
CA TYR B 285 35.78 -10.33 -38.22
C TYR B 285 34.76 -9.54 -37.44
N SER B 286 35.03 -9.36 -36.14
CA SER B 286 34.11 -8.66 -35.26
C SER B 286 34.87 -7.65 -34.41
N GLU B 287 34.16 -6.62 -33.96
CA GLU B 287 34.79 -5.57 -33.17
C GLU B 287 34.83 -5.95 -31.69
N LYS B 288 33.71 -6.43 -31.14
CA LYS B 288 33.68 -6.82 -29.75
C LYS B 288 34.58 -8.03 -29.50
N ASP B 289 34.54 -9.02 -30.39
CA ASP B 289 35.36 -10.23 -30.25
C ASP B 289 36.75 -9.94 -30.78
N ARG B 290 37.70 -9.77 -29.87
CA ARG B 290 39.08 -9.49 -30.25
C ARG B 290 39.89 -10.74 -30.53
N PHE B 291 39.29 -11.92 -30.38
CA PHE B 291 39.99 -13.18 -30.62
C PHE B 291 39.34 -14.01 -31.71
N GLN B 292 38.45 -13.43 -32.50
CA GLN B 292 37.75 -14.14 -33.57
C GLN B 292 38.37 -13.79 -34.91
N GLY B 293 38.83 -14.80 -35.63
CA GLY B 293 39.47 -14.56 -36.91
C GLY B 293 40.85 -13.98 -36.75
N ARG B 294 40.92 -12.73 -36.29
CA ARG B 294 42.19 -12.12 -35.96
C ARG B 294 42.67 -12.59 -34.59
N PHE B 295 43.84 -12.13 -34.20
CA PHE B 295 44.47 -12.58 -32.97
C PHE B 295 45.50 -11.55 -32.55
N ASP B 296 45.36 -11.00 -31.35
CA ASP B 296 46.25 -9.97 -30.83
C ASP B 296 47.08 -10.53 -29.68
N VAL B 297 48.35 -10.14 -29.64
CA VAL B 297 49.27 -10.63 -28.62
C VAL B 297 50.35 -9.58 -28.40
N LYS B 298 50.89 -9.55 -27.19
CA LYS B 298 51.95 -8.63 -26.81
C LYS B 298 53.22 -9.41 -26.50
N ILE B 299 54.34 -8.90 -27.02
CA ILE B 299 55.64 -9.55 -26.82
C ILE B 299 56.60 -8.54 -26.21
N GLU B 300 57.16 -8.88 -25.05
CA GLU B 300 58.11 -8.04 -24.34
C GLU B 300 59.33 -8.86 -23.97
N VAL B 301 60.50 -8.39 -24.35
CA VAL B 301 61.76 -9.07 -24.06
C VAL B 301 62.70 -8.06 -23.42
N LYS B 302 63.34 -8.46 -22.32
CA LYS B 302 64.25 -7.60 -21.59
C LYS B 302 65.59 -8.29 -21.42
N SER B 303 66.66 -7.49 -21.38
CA SER B 303 68.00 -8.00 -21.22
C SER B 303 68.73 -7.32 -20.06
N ASP C 31 24.14 -25.86 -40.51
CA ASP C 31 24.64 -24.78 -41.34
C ASP C 31 25.14 -23.61 -40.49
N PRO C 32 26.45 -23.37 -40.51
CA PRO C 32 27.02 -22.30 -39.67
C PRO C 32 26.57 -20.90 -40.05
N PHE C 33 25.80 -20.73 -41.12
CA PHE C 33 25.36 -19.40 -41.52
C PHE C 33 24.34 -18.85 -40.53
N HIS C 34 24.13 -17.54 -40.61
CA HIS C 34 23.24 -16.86 -39.67
C HIS C 34 21.80 -17.37 -39.83
N TYR C 35 21.07 -17.37 -38.72
CA TYR C 35 19.71 -17.88 -38.68
C TYR C 35 18.76 -16.68 -38.69
N ASP C 36 18.27 -16.33 -39.88
CA ASP C 36 17.12 -15.43 -40.06
C ASP C 36 17.26 -14.13 -39.29
N TYR C 37 18.48 -13.73 -38.92
CA TYR C 37 18.65 -12.48 -38.22
C TYR C 37 18.34 -11.31 -39.15
N GLN C 38 18.05 -10.15 -38.54
CA GLN C 38 17.55 -8.96 -39.22
C GLN C 38 16.11 -9.18 -39.65
N THR C 39 15.62 -10.40 -39.49
CA THR C 39 14.24 -10.77 -39.77
C THR C 39 13.49 -11.23 -38.52
N LEU C 40 14.14 -12.02 -37.66
CA LEU C 40 13.49 -12.43 -36.42
C LEU C 40 13.19 -11.24 -35.53
N ARG C 41 14.02 -10.20 -35.58
CA ARG C 41 13.73 -8.99 -34.82
C ARG C 41 12.42 -8.36 -35.27
N ILE C 42 12.17 -8.37 -36.58
CA ILE C 42 10.90 -7.85 -37.09
C ILE C 42 9.73 -8.64 -36.52
N GLY C 43 9.85 -9.97 -36.52
CA GLY C 43 8.77 -10.79 -36.00
C GLY C 43 8.53 -10.56 -34.52
N GLY C 44 9.61 -10.46 -33.74
CA GLY C 44 9.45 -10.21 -32.31
C GLY C 44 8.84 -8.86 -32.03
N LEU C 45 9.27 -7.82 -32.74
CA LEU C 45 8.70 -6.50 -32.54
C LEU C 45 7.23 -6.47 -32.93
N VAL C 46 6.87 -7.19 -34.01
CA VAL C 46 5.47 -7.28 -34.41
C VAL C 46 4.66 -7.98 -33.34
N PHE C 47 5.20 -9.07 -32.79
CA PHE C 47 4.53 -9.76 -31.69
C PHE C 47 4.27 -8.81 -30.53
N ALA C 48 5.30 -8.08 -30.10
CA ALA C 48 5.17 -7.19 -28.95
C ALA C 48 4.15 -6.09 -29.23
N VAL C 49 4.19 -5.50 -30.42
CA VAL C 49 3.28 -4.42 -30.75
C VAL C 49 1.84 -4.94 -30.80
N VAL C 50 1.65 -6.13 -31.37
CA VAL C 50 0.30 -6.71 -31.46
C VAL C 50 -0.25 -6.94 -30.06
N LEU C 51 0.56 -7.52 -29.17
CA LEU C 51 0.07 -7.78 -27.82
C LEU C 51 -0.22 -6.50 -27.05
N PHE C 52 0.65 -5.50 -27.18
CA PHE C 52 0.41 -4.23 -26.50
C PHE C 52 -0.87 -3.58 -27.01
N SER C 53 -1.08 -3.57 -28.33
CA SER C 53 -2.28 -2.97 -28.88
C SER C 53 -3.53 -3.72 -28.44
N VAL C 54 -3.46 -5.06 -28.39
CA VAL C 54 -4.61 -5.85 -27.97
C VAL C 54 -4.94 -5.54 -26.51
N GLY C 55 -3.92 -5.46 -25.66
CA GLY C 55 -4.17 -5.12 -24.27
C GLY C 55 -4.77 -3.74 -24.09
N ILE C 56 -4.26 -2.76 -24.83
CA ILE C 56 -4.79 -1.40 -24.75
C ILE C 56 -6.25 -1.38 -25.22
N LEU C 57 -6.54 -2.07 -26.32
CA LEU C 57 -7.91 -2.16 -26.80
C LEU C 57 -8.83 -2.79 -25.76
N LEU C 58 -8.33 -3.82 -25.08
CA LEU C 58 -9.17 -4.52 -24.10
C LEU C 58 -9.45 -3.63 -22.89
N ILE C 59 -8.44 -2.93 -22.38
CA ILE C 59 -8.68 -2.09 -21.21
C ILE C 59 -9.56 -0.90 -21.57
N LEU C 60 -9.32 -0.30 -22.75
CA LEU C 60 -10.14 0.82 -23.18
C LEU C 60 -11.59 0.41 -23.39
N SER C 61 -11.80 -0.76 -23.99
CA SER C 61 -13.15 -1.25 -24.25
C SER C 61 -13.53 -2.34 -23.25
#